data_5U91
#
_entry.id   5U91
#
_cell.length_a   70.260
_cell.length_b   193.390
_cell.length_c   89.020
_cell.angle_alpha   90.000
_cell.angle_beta   111.250
_cell.angle_gamma   90.000
#
_symmetry.space_group_name_H-M   'P 1 21 1'
#
loop_
_entity.id
_entity.type
_entity.pdbx_description
1 polymer 'Tre recombinase protein'
2 polymer 'DNA (37-MER)'
3 polymer 'DNA (37-MER)'
4 water water
#
loop_
_entity_poly.entity_id
_entity_poly.type
_entity_poly.pdbx_seq_one_letter_code
_entity_poly.pdbx_strand_id
1 'polypeptide(L)'
;GAAAMSNLLTLHHSLPALPADATSDEVRKNLMDVFRDRPAFSEHTWEMLLSVCRSWAAWCKLNNRKWFPAEPEDVRDYLL
HLQARGLAVKTIQQHLCRLNMLHRRSGLPRPSDSNAVSLVMRRIRKENVDAGERTKQALAFERTDFDQVRSLMENSDRCQ
DIRNLAFLGVAYNTLLRIAEIARIRVKDISRTDGGRMLIHIGRTKTLVSTAGVEKALSLGVTKLVERWISVSGVADDPNN
YLFCRVRRYGVAAPSATSQLSTYALQRIFEATHRLIYGAKDDSGQRYLAWSGHSARVGAARDMARAGVSIPEIMQAGGWT
TVNSVMNFIRNLDSETGAMVRLLED
;
A,B,E,F
2 'polydeoxyribonucleotide'
;(DC)(DG)(DA)(DC)(DA)(DA)(DC)(DA)(DT)(DC)(DC)(DT)(DA)(DT)(DT)(DA)(DC)(DA)(DC)(DC)
(DC)(DT)(DA)(DT)(DA)(DT)(DG)(DC)(DC)(DA)(DA)(DC)(DA)(DT)(DG)(DG)(DC)
;
C,G
3 'polydeoxyribonucleotide'
;(DG)(DG)(DC)(DC)(DA)(DT)(DG)(DT)(DT)(DG)(DG)(DC)(DA)(DT)(DA)(DT)(DA)(DG)(DG)(DG)
(DT)(DG)(DT)(DA)(DA)(DT)(DA)(DG)(DG)(DA)(DT)(DG)(DT)(DT)(DG)(DT)(DC)
;
D,H
#
# COMPACT_ATOMS: atom_id res chain seq x y z
N PRO A 16 -15.51 17.29 -36.85
CA PRO A 16 -14.79 16.04 -37.12
C PRO A 16 -15.10 15.48 -38.50
N ALA A 17 -15.93 16.19 -39.26
CA ALA A 17 -16.38 15.72 -40.56
C ALA A 17 -15.31 15.83 -41.64
N LEU A 18 -14.21 15.11 -41.46
CA LEU A 18 -13.18 15.03 -42.49
C LEU A 18 -12.96 13.58 -42.93
N PRO A 19 -12.91 12.62 -41.98
CA PRO A 19 -13.03 11.22 -42.40
C PRO A 19 -14.32 10.57 -41.90
N ALA A 20 -15.07 9.91 -42.77
CA ALA A 20 -16.34 9.31 -42.37
C ALA A 20 -16.67 8.03 -43.11
N ASP A 21 -16.62 6.91 -42.40
CA ASP A 21 -17.05 5.62 -42.94
C ASP A 21 -18.20 5.07 -42.10
N ALA A 22 -19.27 4.63 -42.75
CA ALA A 22 -20.45 4.16 -42.04
C ALA A 22 -20.97 2.83 -42.59
N THR A 23 -20.86 1.79 -41.78
CA THR A 23 -21.43 0.49 -42.12
C THR A 23 -22.38 0.04 -41.01
N SER A 24 -22.08 0.45 -39.78
CA SER A 24 -22.89 0.19 -38.59
C SER A 24 -23.87 1.34 -38.35
N ASP A 25 -25.17 1.08 -38.35
CA ASP A 25 -26.16 2.13 -38.16
C ASP A 25 -26.71 2.15 -36.73
N GLU A 26 -26.42 1.11 -35.97
CA GLU A 26 -26.75 1.10 -34.55
C GLU A 26 -25.84 2.10 -33.84
N VAL A 27 -24.62 2.20 -34.34
CA VAL A 27 -23.62 3.15 -33.87
C VAL A 27 -24.09 4.60 -34.08
N ARG A 28 -24.82 4.82 -35.16
CA ARG A 28 -25.33 6.14 -35.54
C ARG A 28 -26.10 6.79 -34.41
N LYS A 29 -26.91 6.01 -33.70
CA LYS A 29 -27.66 6.51 -32.56
C LYS A 29 -26.71 6.83 -31.40
N ASN A 30 -25.65 6.04 -31.28
CA ASN A 30 -24.69 6.20 -30.19
C ASN A 30 -23.86 7.47 -30.31
N LEU A 31 -23.57 7.89 -31.54
CA LEU A 31 -22.79 9.11 -31.74
C LEU A 31 -23.62 10.39 -31.62
N MET A 32 -24.92 10.25 -31.85
CA MET A 32 -25.86 11.37 -31.77
C MET A 32 -25.84 12.01 -30.38
N ASP A 33 -25.78 11.18 -29.35
CA ASP A 33 -25.73 11.66 -27.98
C ASP A 33 -24.38 12.31 -27.69
N VAL A 34 -23.33 11.77 -28.29
CA VAL A 34 -21.99 12.31 -28.14
C VAL A 34 -21.93 13.73 -28.69
N PHE A 35 -22.59 13.95 -29.82
CA PHE A 35 -22.67 15.30 -30.38
C PHE A 35 -23.71 16.16 -29.67
N ARG A 36 -24.63 15.50 -28.96
CA ARG A 36 -25.66 16.21 -28.22
C ARG A 36 -25.12 16.78 -26.92
N ASP A 37 -24.02 16.20 -26.44
CA ASP A 37 -23.38 16.64 -25.21
C ASP A 37 -21.90 16.91 -25.42
N ARG A 38 -21.60 17.79 -26.37
CA ARG A 38 -20.23 18.21 -26.64
C ARG A 38 -19.48 18.75 -25.42
N PRO A 39 -20.12 19.62 -24.60
CA PRO A 39 -19.36 20.14 -23.45
C PRO A 39 -19.00 19.09 -22.39
N ALA A 40 -19.39 17.83 -22.59
CA ALA A 40 -19.08 16.77 -21.63
C ALA A 40 -17.60 16.44 -21.61
N PHE A 41 -16.86 16.91 -22.61
CA PHE A 41 -15.42 16.73 -22.67
C PHE A 41 -14.71 18.06 -22.90
N SER A 42 -13.47 18.14 -22.43
CA SER A 42 -12.68 19.37 -22.54
C SER A 42 -12.28 19.64 -23.99
N GLU A 43 -11.72 20.82 -24.23
CA GLU A 43 -11.27 21.21 -25.56
C GLU A 43 -10.01 20.45 -25.95
N HIS A 44 -9.06 20.37 -25.01
CA HIS A 44 -7.80 19.66 -25.25
C HIS A 44 -7.98 18.15 -25.29
N THR A 45 -9.23 17.70 -25.26
CA THR A 45 -9.54 16.28 -25.38
C THR A 45 -10.11 16.00 -26.77
N TRP A 46 -10.99 16.88 -27.23
CA TRP A 46 -11.52 16.79 -28.58
C TRP A 46 -10.42 17.07 -29.59
N GLU A 47 -9.61 18.08 -29.32
CA GLU A 47 -8.49 18.43 -30.20
C GLU A 47 -7.52 17.27 -30.33
N MET A 48 -7.20 16.62 -29.21
CA MET A 48 -6.30 15.48 -29.22
C MET A 48 -6.92 14.28 -29.91
N LEU A 49 -8.23 14.10 -29.72
CA LEU A 49 -8.96 13.00 -30.36
C LEU A 49 -8.91 13.14 -31.88
N LEU A 50 -9.15 14.35 -32.37
CA LEU A 50 -9.08 14.63 -33.80
C LEU A 50 -7.65 14.45 -34.31
N SER A 51 -6.70 14.99 -33.55
CA SER A 51 -5.29 14.95 -33.90
C SER A 51 -4.77 13.51 -34.01
N VAL A 52 -5.36 12.61 -33.22
CA VAL A 52 -4.98 11.22 -33.25
C VAL A 52 -5.70 10.49 -34.38
N CYS A 53 -7.01 10.72 -34.50
CA CYS A 53 -7.84 10.04 -35.49
C CYS A 53 -7.44 10.38 -36.92
N ARG A 54 -6.91 11.58 -37.14
CA ARG A 54 -6.44 11.95 -38.47
C ARG A 54 -5.19 11.14 -38.83
N SER A 55 -4.32 10.93 -37.85
CA SER A 55 -3.13 10.10 -38.02
C SER A 55 -3.53 8.65 -38.29
N TRP A 56 -4.46 8.15 -37.48
CA TRP A 56 -4.94 6.78 -37.61
C TRP A 56 -5.61 6.53 -38.96
N ALA A 57 -6.39 7.50 -39.42
CA ALA A 57 -7.08 7.39 -40.71
C ALA A 57 -6.10 7.49 -41.87
N ALA A 58 -5.12 8.39 -41.74
CA ALA A 58 -4.08 8.54 -42.75
C ALA A 58 -3.30 7.25 -42.92
N TRP A 59 -2.81 6.71 -41.80
CA TRP A 59 -2.06 5.47 -41.82
C TRP A 59 -2.91 4.31 -42.30
N CYS A 60 -4.21 4.36 -42.01
CA CYS A 60 -5.13 3.33 -42.47
C CYS A 60 -5.32 3.38 -43.98
N LYS A 61 -5.26 4.59 -44.53
CA LYS A 61 -5.39 4.78 -45.97
C LYS A 61 -4.11 4.35 -46.69
N LEU A 62 -2.97 4.68 -46.09
CA LEU A 62 -1.68 4.37 -46.71
C LEU A 62 -1.32 2.89 -46.57
N ASN A 63 -2.03 2.19 -45.68
CA ASN A 63 -1.77 0.77 -45.44
C ASN A 63 -2.97 -0.11 -45.76
N ASN A 64 -4.02 0.49 -46.31
CA ASN A 64 -5.21 -0.21 -46.76
C ASN A 64 -5.88 -1.06 -45.68
N ARG A 65 -6.35 -0.41 -44.62
CA ARG A 65 -7.05 -1.11 -43.53
C ARG A 65 -8.29 -0.32 -43.09
N LYS A 66 -9.39 -1.04 -42.86
CA LYS A 66 -10.63 -0.42 -42.41
C LYS A 66 -10.44 0.23 -41.05
N TRP A 67 -10.74 1.52 -40.95
CA TRP A 67 -10.39 2.29 -39.75
C TRP A 67 -11.50 2.30 -38.70
N PHE A 68 -12.65 1.75 -39.03
CA PHE A 68 -13.76 1.65 -38.07
C PHE A 68 -14.78 0.60 -38.49
N PRO A 69 -15.01 -0.41 -37.63
CA PRO A 69 -14.37 -0.58 -36.32
C PRO A 69 -12.95 -1.17 -36.42
N ALA A 70 -12.04 -0.65 -35.61
CA ALA A 70 -10.66 -1.12 -35.60
C ALA A 70 -10.56 -2.50 -34.95
N GLU A 71 -9.46 -3.19 -35.24
CA GLU A 71 -9.26 -4.55 -34.73
C GLU A 71 -7.78 -4.82 -34.44
N PRO A 72 -7.50 -5.66 -33.43
CA PRO A 72 -6.18 -6.06 -32.91
C PRO A 72 -5.00 -5.96 -33.89
N GLU A 73 -4.92 -6.91 -34.82
CA GLU A 73 -3.73 -7.05 -35.67
C GLU A 73 -3.44 -5.82 -36.53
N ASP A 74 -4.47 -5.05 -36.86
CA ASP A 74 -4.29 -3.85 -37.67
C ASP A 74 -3.82 -2.68 -36.81
N VAL A 75 -4.22 -2.67 -35.54
CA VAL A 75 -3.84 -1.61 -34.62
C VAL A 75 -2.40 -1.82 -34.12
N ARG A 76 -2.04 -3.08 -33.91
CA ARG A 76 -0.69 -3.45 -33.52
C ARG A 76 0.34 -2.89 -34.49
N ASP A 77 0.05 -3.01 -35.77
CA ASP A 77 0.91 -2.47 -36.82
C ASP A 77 1.04 -0.95 -36.70
N TYR A 78 -0.04 -0.31 -36.28
CA TYR A 78 -0.04 1.14 -36.11
C TYR A 78 0.82 1.55 -34.92
N LEU A 79 0.76 0.77 -33.85
CA LEU A 79 1.58 1.05 -32.67
C LEU A 79 3.05 0.85 -32.97
N LEU A 80 3.38 -0.25 -33.66
CA LEU A 80 4.75 -0.51 -34.07
C LEU A 80 5.23 0.55 -35.06
N HIS A 81 4.29 1.11 -35.82
CA HIS A 81 4.59 2.19 -36.75
C HIS A 81 4.93 3.47 -35.99
N LEU A 82 4.18 3.73 -34.92
CA LEU A 82 4.44 4.89 -34.07
C LEU A 82 5.78 4.76 -33.37
N GLN A 83 6.12 3.53 -32.98
CA GLN A 83 7.44 3.27 -32.40
C GLN A 83 8.52 3.47 -33.45
N ALA A 84 8.19 3.14 -34.70
CA ALA A 84 9.12 3.28 -35.80
C ALA A 84 9.44 4.74 -36.09
N ARG A 85 8.52 5.62 -35.77
CA ARG A 85 8.72 7.06 -35.97
C ARG A 85 9.50 7.68 -34.82
N GLY A 86 9.97 6.85 -33.89
CA GLY A 86 10.77 7.31 -32.78
C GLY A 86 9.97 8.11 -31.76
N LEU A 87 8.68 7.81 -31.64
CA LEU A 87 7.82 8.49 -30.68
C LEU A 87 7.97 7.87 -29.29
N ALA A 88 7.55 8.61 -28.28
CA ALA A 88 7.66 8.14 -26.89
C ALA A 88 6.61 7.08 -26.58
N VAL A 89 6.71 6.49 -25.39
CA VAL A 89 5.78 5.44 -24.98
C VAL A 89 4.45 6.02 -24.52
N LYS A 90 4.51 7.12 -23.77
CA LYS A 90 3.31 7.75 -23.24
C LYS A 90 2.43 8.33 -24.34
N THR A 91 3.04 8.66 -25.48
CA THR A 91 2.31 9.21 -26.61
C THR A 91 1.61 8.11 -27.40
N ILE A 92 2.26 6.95 -27.49
CA ILE A 92 1.66 5.78 -28.10
C ILE A 92 0.48 5.32 -27.24
N GLN A 93 0.69 5.33 -25.93
CA GLN A 93 -0.38 5.04 -24.98
C GLN A 93 -1.51 6.05 -25.12
N GLN A 94 -1.13 7.30 -25.41
CA GLN A 94 -2.12 8.36 -25.60
C GLN A 94 -2.98 8.06 -26.82
N HIS A 95 -2.34 7.76 -27.94
CA HIS A 95 -3.05 7.41 -29.17
C HIS A 95 -3.98 6.22 -28.96
N LEU A 96 -3.46 5.19 -28.31
CA LEU A 96 -4.25 4.00 -28.02
C LEU A 96 -5.45 4.33 -27.13
N CYS A 97 -5.24 5.22 -26.18
CA CYS A 97 -6.30 5.66 -25.28
C CYS A 97 -7.40 6.41 -26.04
N ARG A 98 -6.99 7.26 -26.98
CA ARG A 98 -7.95 8.01 -27.78
C ARG A 98 -8.75 7.06 -28.68
N LEU A 99 -8.07 6.05 -29.22
CA LEU A 99 -8.74 5.02 -29.98
C LEU A 99 -9.78 4.31 -29.12
N ASN A 100 -9.40 4.04 -27.87
CA ASN A 100 -10.30 3.41 -26.91
C ASN A 100 -11.52 4.28 -26.60
N MET A 101 -11.31 5.59 -26.52
CA MET A 101 -12.41 6.51 -26.31
C MET A 101 -13.38 6.48 -27.48
N LEU A 102 -12.82 6.62 -28.68
CA LEU A 102 -13.61 6.60 -29.91
C LEU A 102 -14.41 5.31 -30.05
N HIS A 103 -13.80 4.20 -29.64
CA HIS A 103 -14.45 2.90 -29.76
C HIS A 103 -15.54 2.69 -28.70
N ARG A 104 -15.21 3.03 -27.45
CA ARG A 104 -16.12 2.81 -26.34
C ARG A 104 -17.34 3.72 -26.42
N ARG A 105 -17.14 4.95 -26.87
CA ARG A 105 -18.24 5.91 -26.98
C ARG A 105 -19.16 5.55 -28.15
N SER A 106 -18.72 4.62 -28.99
CA SER A 106 -19.53 4.16 -30.11
C SER A 106 -20.18 2.82 -29.79
N GLY A 107 -20.04 2.37 -28.55
CA GLY A 107 -20.64 1.12 -28.10
C GLY A 107 -19.89 -0.10 -28.56
N LEU A 108 -18.67 0.11 -29.05
CA LEU A 108 -17.83 -1.00 -29.54
C LEU A 108 -16.71 -1.32 -28.56
N PRO A 109 -16.37 -2.61 -28.44
CA PRO A 109 -15.31 -3.05 -27.52
C PRO A 109 -13.96 -2.46 -27.85
N ARG A 110 -13.07 -2.35 -26.87
CA ARG A 110 -11.77 -1.73 -27.09
C ARG A 110 -10.71 -2.64 -27.60
N PRO A 111 -9.97 -2.18 -28.59
CA PRO A 111 -8.89 -2.97 -29.20
C PRO A 111 -7.75 -3.25 -28.20
N SER A 112 -7.72 -2.50 -27.10
CA SER A 112 -6.67 -2.65 -26.10
C SER A 112 -6.87 -3.91 -25.26
N ASP A 113 -8.11 -4.35 -25.14
CA ASP A 113 -8.43 -5.53 -24.33
C ASP A 113 -7.84 -6.80 -24.91
N SER A 114 -7.77 -6.86 -26.25
CA SER A 114 -7.23 -8.01 -26.94
C SER A 114 -5.75 -8.20 -26.65
N ASN A 115 -5.33 -9.45 -26.46
CA ASN A 115 -3.94 -9.78 -26.15
C ASN A 115 -2.97 -9.32 -27.23
N ALA A 116 -3.45 -9.28 -28.46
CA ALA A 116 -2.61 -8.91 -29.61
C ALA A 116 -2.05 -7.51 -29.48
N VAL A 117 -2.84 -6.61 -28.90
CA VAL A 117 -2.43 -5.21 -28.74
C VAL A 117 -1.71 -5.00 -27.40
N SER A 118 -2.14 -5.75 -26.39
CA SER A 118 -1.52 -5.65 -25.07
C SER A 118 -0.06 -6.10 -25.10
N LEU A 119 0.18 -7.25 -25.72
CA LEU A 119 1.52 -7.81 -25.80
C LEU A 119 2.50 -6.89 -26.54
N VAL A 120 2.05 -6.32 -27.66
CA VAL A 120 2.91 -5.44 -28.43
C VAL A 120 3.10 -4.12 -27.69
N MET A 121 2.09 -3.69 -26.95
CA MET A 121 2.19 -2.47 -26.14
C MET A 121 3.27 -2.63 -25.07
N ARG A 122 3.23 -3.74 -24.36
CA ARG A 122 4.23 -4.00 -23.32
C ARG A 122 5.60 -4.25 -23.94
N ARG A 123 5.61 -4.80 -25.15
CA ARG A 123 6.85 -4.99 -25.90
C ARG A 123 7.51 -3.65 -26.19
N ILE A 124 6.72 -2.70 -26.67
CA ILE A 124 7.22 -1.35 -26.94
C ILE A 124 7.69 -0.71 -25.65
N ARG A 125 6.91 -0.86 -24.59
CA ARG A 125 7.25 -0.25 -23.30
C ARG A 125 8.56 -0.81 -22.73
N LYS A 126 8.87 -2.06 -23.06
CA LYS A 126 10.11 -2.66 -22.59
C LYS A 126 11.29 -2.24 -23.48
N GLU A 127 11.10 -2.35 -24.79
CA GLU A 127 12.13 -2.00 -25.77
C GLU A 127 12.58 -0.56 -25.63
N ASN A 128 11.64 0.38 -25.68
CA ASN A 128 11.97 1.80 -25.60
C ASN A 128 12.60 2.18 -24.26
N VAL A 129 12.26 1.45 -23.21
CA VAL A 129 12.89 1.66 -21.90
C VAL A 129 14.35 1.21 -21.97
N ASP A 130 14.59 0.04 -22.55
CA ASP A 130 15.95 -0.47 -22.68
C ASP A 130 16.79 0.38 -23.64
N ALA A 131 16.11 1.13 -24.51
CA ALA A 131 16.80 1.97 -25.50
C ALA A 131 17.33 3.25 -24.87
N GLY A 132 16.91 3.53 -23.64
CA GLY A 132 17.42 4.67 -22.90
C GLY A 132 16.47 5.85 -22.82
N GLU A 133 15.17 5.58 -22.99
CA GLU A 133 14.17 6.63 -22.89
C GLU A 133 13.89 6.98 -21.43
N ARG A 134 14.07 8.25 -21.08
CA ARG A 134 13.86 8.70 -19.71
C ARG A 134 12.91 9.89 -19.65
N THR A 135 11.97 9.85 -18.71
CA THR A 135 11.04 10.95 -18.50
C THR A 135 11.79 12.19 -18.03
N LYS A 136 11.59 13.30 -18.75
CA LYS A 136 12.26 14.55 -18.44
C LYS A 136 11.54 15.33 -17.35
N GLN A 137 12.24 15.61 -16.25
CA GLN A 137 11.66 16.48 -15.23
C GLN A 137 12.05 17.93 -15.54
N ALA A 138 11.14 18.86 -15.24
CA ALA A 138 11.33 20.26 -15.60
C ALA A 138 12.52 20.88 -14.87
N LEU A 139 13.13 21.89 -15.49
CA LEU A 139 14.28 22.56 -14.92
C LEU A 139 13.87 23.43 -13.73
N ALA A 140 14.58 23.27 -12.61
CA ALA A 140 14.21 23.92 -11.36
C ALA A 140 14.44 25.43 -11.37
N PHE A 141 13.38 26.18 -11.06
CA PHE A 141 13.48 27.61 -10.87
C PHE A 141 13.40 27.90 -9.37
N GLU A 142 14.55 28.13 -8.76
CA GLU A 142 14.64 28.21 -7.30
C GLU A 142 14.78 29.64 -6.78
N ARG A 143 15.02 29.75 -5.47
CA ARG A 143 15.15 31.04 -4.81
C ARG A 143 16.39 31.80 -5.28
N THR A 144 17.48 31.09 -5.49
CA THR A 144 18.71 31.70 -5.98
C THR A 144 18.51 32.26 -7.39
N ASP A 145 17.86 31.48 -8.24
CA ASP A 145 17.56 31.91 -9.60
C ASP A 145 16.66 33.14 -9.59
N PHE A 146 15.59 33.08 -8.81
CA PHE A 146 14.62 34.17 -8.74
C PHE A 146 15.22 35.44 -8.16
N ASP A 147 16.13 35.30 -7.20
CA ASP A 147 16.81 36.45 -6.63
C ASP A 147 17.79 37.04 -7.64
N GLN A 148 18.42 36.16 -8.42
CA GLN A 148 19.31 36.67 -9.46
C GLN A 148 18.51 37.38 -10.54
N VAL A 149 17.24 37.00 -10.72
CA VAL A 149 16.35 37.72 -11.61
C VAL A 149 15.95 39.06 -10.99
N ARG A 150 15.72 39.07 -9.68
CA ARG A 150 15.28 40.27 -8.99
C ARG A 150 16.45 41.23 -8.74
N SER A 151 17.65 40.81 -9.09
CA SER A 151 18.80 41.72 -9.03
C SER A 151 18.99 42.40 -10.38
N LEU A 152 18.40 41.81 -11.41
CA LEU A 152 18.55 42.31 -12.78
C LEU A 152 17.36 43.18 -13.21
N MET A 153 16.18 42.59 -13.24
CA MET A 153 14.99 43.26 -13.76
C MET A 153 14.23 44.09 -12.72
N GLU A 154 14.90 44.47 -11.65
CA GLU A 154 14.22 45.11 -10.53
C GLU A 154 13.84 46.55 -10.81
N ASN A 155 14.83 47.39 -11.14
CA ASN A 155 14.57 48.81 -11.35
C ASN A 155 14.46 49.19 -12.82
N SER A 156 13.84 48.31 -13.62
CA SER A 156 13.62 48.58 -15.02
C SER A 156 12.42 49.49 -15.23
N ASP A 157 12.61 50.56 -15.99
CA ASP A 157 11.53 51.50 -16.27
C ASP A 157 10.50 50.88 -17.22
N ARG A 158 10.93 49.84 -17.93
CA ARG A 158 10.05 49.13 -18.86
C ARG A 158 8.87 48.50 -18.12
N CYS A 159 7.70 48.53 -18.76
CA CYS A 159 6.50 47.94 -18.20
C CYS A 159 6.57 46.41 -18.30
N GLN A 160 7.22 45.95 -19.37
CA GLN A 160 7.34 44.53 -19.64
C GLN A 160 8.13 43.79 -18.55
N ASP A 161 9.25 44.37 -18.13
CA ASP A 161 10.06 43.75 -17.08
C ASP A 161 9.32 43.74 -15.76
N ILE A 162 8.51 44.76 -15.51
CA ILE A 162 7.71 44.82 -14.30
C ILE A 162 6.67 43.70 -14.30
N ARG A 163 5.97 43.55 -15.43
CA ARG A 163 4.99 42.49 -15.58
C ARG A 163 5.61 41.11 -15.40
N ASN A 164 6.70 40.86 -16.11
CA ASN A 164 7.35 39.56 -16.08
C ASN A 164 7.96 39.24 -14.73
N LEU A 165 8.49 40.25 -14.04
CA LEU A 165 9.04 40.04 -12.71
C LEU A 165 7.94 39.72 -11.71
N ALA A 166 6.83 40.46 -11.81
CA ALA A 166 5.67 40.19 -10.98
C ALA A 166 5.15 38.78 -11.22
N PHE A 167 5.18 38.36 -12.48
CA PHE A 167 4.75 37.02 -12.87
C PHE A 167 5.65 35.95 -12.27
N LEU A 168 6.96 36.17 -12.34
CA LEU A 168 7.93 35.24 -11.77
C LEU A 168 7.81 35.23 -10.24
N GLY A 169 7.23 36.29 -9.69
CA GLY A 169 6.94 36.34 -8.28
C GLY A 169 5.75 35.47 -7.94
N VAL A 170 4.66 35.64 -8.69
CA VAL A 170 3.42 34.89 -8.46
C VAL A 170 3.61 33.39 -8.69
N ALA A 171 4.26 33.03 -9.79
CA ALA A 171 4.46 31.63 -10.13
C ALA A 171 5.24 30.88 -9.05
N TYR A 172 6.29 31.51 -8.54
CA TYR A 172 7.13 30.90 -7.51
C TYR A 172 6.44 30.89 -6.15
N ASN A 173 5.77 31.99 -5.82
CA ASN A 173 5.12 32.13 -4.52
C ASN A 173 3.93 31.20 -4.34
N THR A 174 3.11 31.09 -5.39
CA THR A 174 1.83 30.39 -5.29
C THR A 174 1.87 28.96 -5.81
N LEU A 175 2.88 28.65 -6.62
CA LEU A 175 3.03 27.34 -7.25
C LEU A 175 1.82 27.01 -8.13
N LEU A 176 1.13 28.05 -8.59
CA LEU A 176 -0.01 27.87 -9.48
C LEU A 176 0.46 27.45 -10.86
N ARG A 177 -0.45 26.85 -11.63
CA ARG A 177 -0.17 26.48 -13.01
C ARG A 177 -0.52 27.65 -13.92
N ILE A 178 0.16 27.73 -15.06
CA ILE A 178 0.07 28.88 -15.95
C ILE A 178 -1.36 29.23 -16.37
N ALA A 179 -2.19 28.21 -16.57
CA ALA A 179 -3.58 28.43 -16.94
C ALA A 179 -4.36 29.09 -15.81
N GLU A 180 -3.98 28.78 -14.58
CA GLU A 180 -4.64 29.34 -13.41
C GLU A 180 -4.19 30.76 -13.14
N ILE A 181 -2.93 31.05 -13.47
CA ILE A 181 -2.40 32.40 -13.35
C ILE A 181 -3.01 33.29 -14.43
N ALA A 182 -3.28 32.70 -15.60
CA ALA A 182 -3.87 33.44 -16.70
C ALA A 182 -5.33 33.79 -16.45
N ARG A 183 -6.01 32.97 -15.64
CA ARG A 183 -7.43 33.19 -15.36
C ARG A 183 -7.67 34.19 -14.23
N ILE A 184 -6.59 34.68 -13.63
CA ILE A 184 -6.70 35.62 -12.53
C ILE A 184 -7.20 36.99 -12.97
N ARG A 185 -8.37 37.38 -12.49
CA ARG A 185 -8.90 38.72 -12.73
C ARG A 185 -8.47 39.65 -11.61
N VAL A 186 -8.72 40.94 -11.79
CA VAL A 186 -8.28 41.94 -10.81
C VAL A 186 -9.08 41.85 -9.50
N LYS A 187 -10.38 41.59 -9.62
CA LYS A 187 -11.25 41.49 -8.45
C LYS A 187 -10.92 40.28 -7.57
N ASP A 188 -10.03 39.42 -8.07
CA ASP A 188 -9.64 38.22 -7.34
C ASP A 188 -8.63 38.53 -6.23
N ILE A 189 -8.00 39.69 -6.30
CA ILE A 189 -6.96 40.06 -5.36
C ILE A 189 -7.52 40.77 -4.13
N SER A 190 -7.20 40.25 -2.95
CA SER A 190 -7.63 40.85 -1.69
C SER A 190 -6.44 41.41 -0.92
N ARG A 191 -6.72 42.24 0.07
CA ARG A 191 -5.68 42.74 0.96
C ARG A 191 -5.91 42.24 2.37
N THR A 192 -4.98 41.43 2.87
CA THR A 192 -5.09 40.85 4.21
C THR A 192 -4.86 41.90 5.29
N ASP A 193 -4.98 41.49 6.54
CA ASP A 193 -4.71 42.38 7.67
C ASP A 193 -3.24 42.73 7.74
N GLY A 194 -2.39 41.81 7.27
CA GLY A 194 -0.95 42.01 7.29
C GLY A 194 -0.42 42.66 6.02
N GLY A 195 -1.32 43.25 5.24
CA GLY A 195 -0.93 43.96 4.04
C GLY A 195 -0.55 43.08 2.87
N ARG A 196 -0.55 41.77 3.09
CA ARG A 196 -0.23 40.82 2.03
C ARG A 196 -1.39 40.65 1.08
N MET A 197 -1.09 40.31 -0.17
CA MET A 197 -2.13 40.07 -1.16
C MET A 197 -2.66 38.65 -1.05
N LEU A 198 -3.99 38.53 -1.05
CA LEU A 198 -4.63 37.22 -1.02
C LEU A 198 -5.33 36.95 -2.35
N ILE A 199 -4.69 36.16 -3.20
CA ILE A 199 -5.28 35.78 -4.47
C ILE A 199 -6.34 34.70 -4.27
N HIS A 200 -7.60 35.11 -4.38
CA HIS A 200 -8.72 34.18 -4.32
C HIS A 200 -8.96 33.58 -5.71
N ILE A 201 -8.71 32.29 -5.83
CA ILE A 201 -8.87 31.60 -7.11
C ILE A 201 -10.32 31.64 -7.58
N GLY A 202 -10.52 32.12 -8.81
CA GLY A 202 -11.86 32.27 -9.36
C GLY A 202 -12.49 30.96 -9.77
N ARG A 203 -12.67 30.78 -11.08
CA ARG A 203 -13.35 29.61 -11.60
C ARG A 203 -12.39 28.47 -11.92
N THR A 204 -11.93 27.76 -10.88
CA THR A 204 -11.17 26.55 -11.09
C THR A 204 -12.09 25.47 -11.64
N LYS A 205 -11.62 24.72 -12.63
CA LYS A 205 -12.44 23.71 -13.28
C LYS A 205 -12.53 22.42 -12.47
N THR A 206 -12.39 22.54 -11.16
CA THR A 206 -12.45 21.39 -10.27
C THR A 206 -13.31 21.70 -9.05
N LEU A 207 -14.11 20.72 -8.62
CA LEU A 207 -14.91 20.85 -7.42
C LEU A 207 -14.01 20.96 -6.19
N VAL A 208 -13.24 19.89 -5.94
CA VAL A 208 -12.28 19.87 -4.84
C VAL A 208 -10.91 20.31 -5.31
N SER A 209 -10.53 21.54 -4.98
CA SER A 209 -9.20 22.04 -5.30
C SER A 209 -8.25 21.75 -4.16
N THR A 210 -7.55 20.62 -4.27
CA THR A 210 -6.65 20.14 -3.24
C THR A 210 -5.56 21.14 -2.86
N ALA A 211 -5.19 22.00 -3.80
CA ALA A 211 -4.17 23.01 -3.56
C ALA A 211 -4.71 24.16 -2.69
N GLY A 212 -6.03 24.26 -2.64
CA GLY A 212 -6.68 25.36 -1.94
C GLY A 212 -7.20 26.39 -2.94
N VAL A 213 -8.15 27.21 -2.49
CA VAL A 213 -8.76 28.19 -3.37
C VAL A 213 -8.33 29.62 -3.03
N GLU A 214 -7.41 29.76 -2.08
CA GLU A 214 -6.85 31.09 -1.86
C GLU A 214 -5.36 31.00 -1.52
N LYS A 215 -4.62 31.45 -2.52
CA LYS A 215 -3.16 31.47 -2.43
C LYS A 215 -2.67 32.86 -2.04
N ALA A 216 -1.81 32.91 -1.03
CA ALA A 216 -1.34 34.19 -0.50
C ALA A 216 0.05 34.57 -1.02
N LEU A 217 0.32 35.87 -1.03
CA LEU A 217 1.61 36.39 -1.46
C LEU A 217 2.38 37.01 -0.30
N SER A 218 3.70 37.02 -0.39
CA SER A 218 4.53 37.71 0.59
C SER A 218 4.52 39.20 0.31
N LEU A 219 5.07 39.99 1.24
CA LEU A 219 5.15 41.43 1.05
C LEU A 219 6.06 41.76 -0.13
N GLY A 220 7.19 41.06 -0.21
CA GLY A 220 8.16 41.26 -1.27
C GLY A 220 7.61 41.07 -2.65
N VAL A 221 6.63 40.17 -2.80
CA VAL A 221 5.98 39.95 -4.08
C VAL A 221 4.76 40.86 -4.21
N THR A 222 4.13 41.17 -3.08
CA THR A 222 2.98 42.05 -3.04
C THR A 222 3.32 43.41 -3.64
N LYS A 223 4.47 43.95 -3.26
CA LYS A 223 4.90 45.25 -3.79
C LYS A 223 5.14 45.17 -5.29
N LEU A 224 5.59 44.01 -5.77
CA LEU A 224 5.80 43.78 -7.19
C LEU A 224 4.48 43.83 -7.96
N VAL A 225 3.50 43.06 -7.49
CA VAL A 225 2.19 43.03 -8.12
C VAL A 225 1.53 44.41 -8.08
N GLU A 226 1.65 45.09 -6.95
CA GLU A 226 1.11 46.44 -6.80
C GLU A 226 1.75 47.42 -7.78
N ARG A 227 3.07 47.31 -7.95
CA ARG A 227 3.76 48.15 -8.92
C ARG A 227 3.24 47.87 -10.32
N TRP A 228 3.08 46.59 -10.63
CA TRP A 228 2.55 46.18 -11.93
C TRP A 228 1.18 46.80 -12.21
N ILE A 229 0.24 46.65 -11.26
CA ILE A 229 -1.11 47.15 -11.48
C ILE A 229 -1.15 48.68 -11.47
N SER A 230 -0.16 49.31 -10.85
CA SER A 230 -0.19 50.77 -10.83
C SER A 230 0.54 51.39 -12.03
N VAL A 231 1.38 50.61 -12.72
CA VAL A 231 2.04 51.11 -13.91
C VAL A 231 1.44 50.54 -15.20
N SER A 232 0.47 49.64 -15.06
CA SER A 232 -0.21 49.09 -16.23
C SER A 232 -1.65 49.59 -16.32
N GLY A 233 -2.28 49.76 -15.17
CA GLY A 233 -3.66 50.20 -15.12
C GLY A 233 -4.62 49.09 -15.48
N VAL A 234 -4.57 48.00 -14.72
CA VAL A 234 -5.51 46.90 -14.90
C VAL A 234 -6.61 46.99 -13.85
N ALA A 235 -6.31 47.70 -12.76
CA ALA A 235 -7.26 47.87 -11.67
C ALA A 235 -8.29 48.96 -11.98
N ASP A 236 -8.20 49.52 -13.19
CA ASP A 236 -9.16 50.51 -13.65
C ASP A 236 -10.53 49.86 -13.83
N ASP A 237 -10.52 48.57 -14.15
CA ASP A 237 -11.74 47.79 -14.28
C ASP A 237 -11.63 46.54 -13.41
N PRO A 238 -12.66 46.26 -12.59
CA PRO A 238 -12.62 45.14 -11.64
C PRO A 238 -12.59 43.77 -12.31
N ASN A 239 -13.19 43.65 -13.49
CA ASN A 239 -13.30 42.37 -14.16
C ASN A 239 -12.15 42.11 -15.14
N ASN A 240 -11.22 43.04 -15.22
CA ASN A 240 -10.07 42.90 -16.12
C ASN A 240 -9.12 41.80 -15.66
N TYR A 241 -8.51 41.12 -16.62
CA TYR A 241 -7.51 40.10 -16.32
C TYR A 241 -6.23 40.77 -15.80
N LEU A 242 -5.71 40.24 -14.70
CA LEU A 242 -4.52 40.81 -14.06
C LEU A 242 -3.34 40.87 -15.02
N PHE A 243 -2.84 39.71 -15.42
CA PHE A 243 -1.73 39.65 -16.36
C PHE A 243 -2.24 39.64 -17.80
N CYS A 244 -2.03 40.75 -18.50
CA CYS A 244 -2.43 40.88 -19.89
C CYS A 244 -1.23 41.07 -20.79
N ARG A 245 -1.46 41.44 -22.04
CA ARG A 245 -0.38 41.60 -23.00
C ARG A 245 0.17 43.03 -23.01
N VAL A 246 1.49 43.13 -23.05
CA VAL A 246 2.18 44.41 -23.13
C VAL A 246 2.74 44.61 -24.52
N ARG A 247 2.08 45.44 -25.32
CA ARG A 247 2.49 45.69 -26.69
C ARG A 247 3.76 46.53 -26.78
N ARG A 248 4.42 46.43 -27.92
CA ARG A 248 5.72 47.06 -28.18
C ARG A 248 5.79 48.52 -27.75
N TYR A 249 6.99 48.94 -27.35
CA TYR A 249 7.26 50.30 -26.87
C TYR A 249 6.53 50.55 -25.55
N GLY A 250 6.14 49.48 -24.88
CA GLY A 250 5.58 49.55 -23.55
C GLY A 250 4.16 50.08 -23.44
N VAL A 251 3.27 49.60 -24.31
CA VAL A 251 1.86 49.99 -24.20
C VAL A 251 1.01 48.79 -23.79
N ALA A 252 0.62 48.77 -22.52
CA ALA A 252 -0.17 47.68 -21.97
C ALA A 252 -1.58 47.68 -22.52
N ALA A 253 -2.13 46.49 -22.75
CA ALA A 253 -3.48 46.39 -23.31
C ALA A 253 -4.40 45.52 -22.46
N PRO A 254 -5.18 46.15 -21.56
CA PRO A 254 -6.19 45.45 -20.76
C PRO A 254 -7.28 44.85 -21.65
N SER A 255 -8.08 43.93 -21.10
CA SER A 255 -9.04 43.21 -21.93
C SER A 255 -10.36 42.85 -21.22
N ALA A 256 -10.25 41.99 -20.20
CA ALA A 256 -11.40 41.41 -19.49
C ALA A 256 -12.23 40.50 -20.39
N THR A 257 -11.75 40.25 -21.61
CA THR A 257 -12.44 39.40 -22.56
C THR A 257 -11.46 38.56 -23.38
N SER A 258 -10.17 38.78 -23.12
CA SER A 258 -9.11 38.02 -23.80
C SER A 258 -7.97 37.75 -22.83
N GLN A 259 -7.55 36.49 -22.76
CA GLN A 259 -6.50 36.08 -21.84
C GLN A 259 -5.14 36.05 -22.50
N LEU A 260 -4.09 36.27 -21.70
CA LEU A 260 -2.73 36.06 -22.15
C LEU A 260 -2.47 34.57 -22.26
N SER A 261 -2.14 34.10 -23.46
CA SER A 261 -1.94 32.67 -23.72
C SER A 261 -0.88 32.07 -22.82
N THR A 262 -1.01 30.77 -22.54
CA THR A 262 -0.05 30.07 -21.71
C THR A 262 1.32 30.00 -22.37
N TYR A 263 1.30 29.92 -23.69
CA TYR A 263 2.50 29.88 -24.48
C TYR A 263 3.29 31.13 -24.27
N ALA A 264 2.61 32.21 -24.06
CA ALA A 264 3.25 33.51 -23.82
C ALA A 264 4.00 33.51 -22.49
N LEU A 265 3.39 32.89 -21.48
CA LEU A 265 4.03 32.78 -20.16
C LEU A 265 5.25 31.88 -20.24
N GLN A 266 5.12 30.78 -20.97
CA GLN A 266 6.25 29.90 -21.25
C GLN A 266 7.36 30.69 -21.95
N ARG A 267 6.95 31.58 -22.84
CA ARG A 267 7.90 32.45 -23.54
C ARG A 267 8.56 33.41 -22.58
N ILE A 268 7.84 33.82 -21.53
CA ILE A 268 8.43 34.67 -20.49
C ILE A 268 9.52 33.90 -19.75
N PHE A 269 9.22 32.67 -19.35
CA PHE A 269 10.20 31.84 -18.68
C PHE A 269 11.44 31.60 -19.54
N GLU A 270 11.21 31.23 -20.81
CA GLU A 270 12.30 30.98 -21.74
C GLU A 270 13.14 32.23 -21.94
N ALA A 271 12.48 33.39 -21.98
CA ALA A 271 13.16 34.66 -22.12
C ALA A 271 14.02 34.96 -20.90
N THR A 272 13.53 34.57 -19.72
CA THR A 272 14.27 34.79 -18.49
C THR A 272 15.50 33.88 -18.38
N HIS A 273 15.36 32.63 -18.82
CA HIS A 273 16.49 31.71 -18.82
C HIS A 273 17.54 32.14 -19.84
N ARG A 274 17.06 32.54 -21.02
CA ARG A 274 17.91 33.03 -22.10
C ARG A 274 18.67 34.28 -21.68
N LEU A 275 17.99 35.15 -20.93
CA LEU A 275 18.56 36.42 -20.50
C LEU A 275 19.74 36.24 -19.55
N ILE A 276 19.80 35.07 -18.91
CA ILE A 276 20.84 34.81 -17.92
C ILE A 276 21.93 33.87 -18.44
N TYR A 277 21.54 32.70 -18.91
CA TYR A 277 22.52 31.68 -19.29
C TYR A 277 22.74 31.60 -20.80
N GLY A 278 22.37 32.66 -21.51
CA GLY A 278 22.54 32.70 -22.94
C GLY A 278 21.46 31.94 -23.69
N ALA A 279 21.59 31.89 -25.01
CA ALA A 279 20.60 31.24 -25.86
C ALA A 279 20.59 29.72 -25.66
N LYS A 280 19.59 29.06 -26.23
CA LYS A 280 19.39 27.63 -26.02
C LYS A 280 20.37 26.75 -26.77
N ASP A 281 20.17 25.44 -26.67
CA ASP A 281 21.00 24.48 -27.40
C ASP A 281 20.40 24.19 -28.77
N ASP A 282 21.23 23.69 -29.67
CA ASP A 282 20.75 23.14 -30.93
C ASP A 282 20.63 21.62 -30.78
N SER A 283 19.86 21.21 -29.78
CA SER A 283 19.68 19.80 -29.46
C SER A 283 18.29 19.31 -29.84
N GLY A 284 17.32 20.21 -29.77
CA GLY A 284 15.94 19.87 -30.07
C GLY A 284 15.35 18.93 -29.03
N GLN A 285 15.26 19.40 -27.79
CA GLN A 285 14.72 18.60 -26.71
C GLN A 285 13.76 19.40 -25.84
N ARG A 286 13.43 18.85 -24.67
CA ARG A 286 12.53 19.51 -23.74
C ARG A 286 13.26 19.89 -22.45
N TYR A 287 12.77 20.96 -21.82
CA TYR A 287 13.28 21.42 -20.53
C TYR A 287 14.76 21.80 -20.58
N LEU A 288 15.17 22.38 -21.70
CA LEU A 288 16.51 22.96 -21.81
C LEU A 288 16.52 24.32 -21.11
N ALA A 289 15.35 24.95 -21.11
CA ALA A 289 15.16 26.23 -20.43
C ALA A 289 14.03 26.13 -19.42
N TRP A 290 13.76 27.21 -18.71
CA TRP A 290 12.69 27.24 -17.72
C TRP A 290 11.32 27.22 -18.40
N SER A 291 10.34 26.71 -17.68
CA SER A 291 8.97 26.60 -18.21
C SER A 291 7.93 26.82 -17.11
N GLY A 292 6.74 26.27 -17.32
CA GLY A 292 5.64 26.45 -16.40
C GLY A 292 5.76 25.66 -15.11
N HIS A 293 6.37 24.48 -15.21
CA HIS A 293 6.55 23.61 -14.04
C HIS A 293 7.73 24.06 -13.19
N SER A 294 8.59 24.90 -13.75
CA SER A 294 9.84 25.31 -13.12
C SER A 294 9.66 25.89 -11.72
N ALA A 295 8.71 26.81 -11.58
CA ALA A 295 8.47 27.48 -10.30
C ALA A 295 8.01 26.50 -9.23
N ARG A 296 7.16 25.57 -9.62
CA ARG A 296 6.62 24.58 -8.69
C ARG A 296 7.70 23.60 -8.22
N VAL A 297 8.45 23.05 -9.17
CA VAL A 297 9.55 22.13 -8.86
C VAL A 297 10.59 22.81 -7.98
N GLY A 298 11.01 24.00 -8.39
CA GLY A 298 11.99 24.78 -7.65
C GLY A 298 11.53 25.12 -6.24
N ALA A 299 10.25 25.47 -6.11
CA ALA A 299 9.68 25.79 -4.80
C ALA A 299 9.65 24.55 -3.91
N ALA A 300 9.33 23.41 -4.52
CA ALA A 300 9.32 22.14 -3.79
C ALA A 300 10.72 21.82 -3.27
N ARG A 301 11.73 22.03 -4.12
CA ARG A 301 13.11 21.80 -3.74
C ARG A 301 13.53 22.75 -2.62
N ASP A 302 13.08 24.00 -2.71
CA ASP A 302 13.43 25.01 -1.70
C ASP A 302 12.77 24.73 -0.36
N MET A 303 11.59 24.11 -0.40
CA MET A 303 10.91 23.73 0.82
C MET A 303 11.54 22.48 1.43
N ALA A 304 12.04 21.60 0.57
CA ALA A 304 12.75 20.40 1.03
C ALA A 304 14.07 20.79 1.68
N ARG A 305 14.77 21.75 1.09
CA ARG A 305 16.02 22.26 1.66
C ARG A 305 15.77 22.98 2.97
N ALA A 306 14.54 23.49 3.12
CA ALA A 306 14.16 24.21 4.32
C ALA A 306 13.57 23.28 5.37
N GLY A 307 13.63 21.99 5.11
CA GLY A 307 13.15 20.99 6.06
C GLY A 307 11.66 21.00 6.28
N VAL A 308 10.91 21.60 5.35
CA VAL A 308 9.46 21.62 5.43
C VAL A 308 8.91 20.22 5.19
N SER A 309 8.01 19.79 6.07
CA SER A 309 7.43 18.44 5.98
C SER A 309 6.74 18.22 4.65
N ILE A 310 6.77 16.96 4.18
CA ILE A 310 6.14 16.58 2.92
C ILE A 310 4.64 16.94 2.83
N PRO A 311 3.87 16.78 3.94
CA PRO A 311 2.47 17.21 3.85
C PRO A 311 2.29 18.68 3.47
N GLU A 312 3.05 19.57 4.10
CA GLU A 312 2.94 21.00 3.83
C GLU A 312 3.34 21.33 2.40
N ILE A 313 4.31 20.58 1.86
CA ILE A 313 4.73 20.75 0.48
C ILE A 313 3.63 20.32 -0.48
N MET A 314 3.06 19.15 -0.22
CA MET A 314 1.98 18.62 -1.04
C MET A 314 0.74 19.50 -0.98
N GLN A 315 0.58 20.21 0.13
CA GLN A 315 -0.53 21.14 0.28
C GLN A 315 -0.22 22.46 -0.43
N ALA A 316 1.07 22.80 -0.48
CA ALA A 316 1.50 24.02 -1.15
C ALA A 316 1.36 23.91 -2.66
N GLY A 317 1.75 22.76 -3.21
CA GLY A 317 1.67 22.54 -4.64
C GLY A 317 0.29 22.05 -5.09
N GLY A 318 -0.30 21.16 -4.29
CA GLY A 318 -1.60 20.61 -4.63
C GLY A 318 -1.50 19.17 -5.09
N TRP A 319 -0.32 18.57 -4.92
CA TRP A 319 -0.12 17.17 -5.27
C TRP A 319 -0.89 16.28 -4.30
N THR A 320 -1.19 15.06 -4.75
CA THR A 320 -1.94 14.11 -3.91
C THR A 320 -1.18 12.79 -3.77
N THR A 321 0.00 12.71 -4.38
CA THR A 321 0.84 11.54 -4.25
C THR A 321 2.23 11.94 -3.77
N VAL A 322 2.77 11.19 -2.81
CA VAL A 322 4.03 11.53 -2.18
C VAL A 322 5.22 11.30 -3.13
N ASN A 323 5.15 10.26 -3.94
CA ASN A 323 6.22 9.92 -4.88
C ASN A 323 6.50 11.03 -5.89
N SER A 324 5.43 11.72 -6.31
CA SER A 324 5.57 12.82 -7.25
C SER A 324 6.47 13.91 -6.68
N VAL A 325 6.26 14.22 -5.40
CA VAL A 325 7.08 15.18 -4.70
C VAL A 325 8.50 14.64 -4.49
N MET A 326 8.58 13.34 -4.21
CA MET A 326 9.86 12.68 -3.97
C MET A 326 10.75 12.68 -5.21
N ASN A 327 10.13 12.75 -6.39
CA ASN A 327 10.88 12.81 -7.65
C ASN A 327 11.62 14.14 -7.82
N PHE A 328 11.09 15.18 -7.20
CA PHE A 328 11.65 16.53 -7.35
C PHE A 328 12.83 16.78 -6.41
N ILE A 329 13.02 15.90 -5.42
CA ILE A 329 14.06 16.10 -4.42
C ILE A 329 14.98 14.89 -4.27
N ARG A 330 14.90 13.98 -5.24
CA ARG A 330 15.66 12.73 -5.18
C ARG A 330 17.17 12.97 -5.37
N ASN A 331 17.52 14.13 -5.93
CA ASN A 331 18.92 14.45 -6.17
C ASN A 331 19.53 15.29 -5.06
N LEU A 332 18.83 15.39 -3.93
CA LEU A 332 19.34 16.13 -2.77
C LEU A 332 20.15 15.23 -1.86
N ASP A 333 20.73 15.82 -0.81
CA ASP A 333 21.44 15.06 0.20
C ASP A 333 20.50 14.68 1.34
N SER A 334 19.37 15.38 1.42
CA SER A 334 18.37 15.11 2.44
C SER A 334 17.79 13.71 2.29
N GLU A 335 17.50 13.34 1.04
CA GLU A 335 16.96 12.02 0.75
C GLU A 335 17.90 11.18 -0.10
N THR A 336 19.08 10.89 0.43
CA THR A 336 19.96 9.90 -0.16
C THR A 336 19.57 8.53 0.39
N GLY A 337 20.38 7.52 0.12
CA GLY A 337 20.09 6.18 0.60
C GLY A 337 20.33 6.07 2.10
N ALA A 338 19.72 5.06 2.72
CA ALA A 338 19.98 4.76 4.11
C ALA A 338 21.35 4.08 4.22
N MET A 339 21.69 3.32 3.19
CA MET A 339 22.99 2.68 3.10
C MET A 339 24.10 3.71 3.03
N VAL A 340 23.79 4.86 2.42
CA VAL A 340 24.74 5.96 2.33
C VAL A 340 25.07 6.48 3.73
N ARG A 341 24.04 6.66 4.54
CA ARG A 341 24.20 7.14 5.91
C ARG A 341 24.83 6.06 6.79
N LEU A 342 24.69 4.80 6.37
CA LEU A 342 25.21 3.67 7.13
C LEU A 342 26.68 3.42 6.81
N LEU A 343 27.12 3.87 5.64
CA LEU A 343 28.48 3.59 5.16
C LEU A 343 29.49 4.66 5.55
N GLU A 344 29.01 5.76 6.13
CA GLU A 344 29.89 6.85 6.48
C GLU A 344 29.96 7.07 7.99
N ASP A 345 29.67 6.01 8.73
CA ASP A 345 29.77 6.03 10.19
C ASP A 345 30.54 4.81 10.70
N PRO B 19 -43.75 1.66 -5.55
CA PRO B 19 -44.57 0.46 -5.54
C PRO B 19 -43.78 -0.73 -6.09
N ALA B 20 -44.24 -1.30 -7.19
CA ALA B 20 -43.56 -2.43 -7.79
C ALA B 20 -43.85 -2.56 -9.26
N ASP B 21 -44.95 -3.24 -9.58
CA ASP B 21 -45.50 -3.58 -10.92
C ASP B 21 -44.74 -4.71 -11.61
N ALA B 22 -45.45 -5.70 -12.12
CA ALA B 22 -44.83 -6.87 -12.78
C ALA B 22 -43.67 -6.60 -13.73
N THR B 23 -42.57 -7.33 -13.49
CA THR B 23 -41.31 -7.26 -14.23
C THR B 23 -40.54 -8.52 -13.86
N SER B 24 -40.12 -9.31 -14.85
CA SER B 24 -39.40 -10.55 -14.51
C SER B 24 -39.76 -11.36 -13.27
N ASP B 25 -38.98 -12.39 -13.06
CA ASP B 25 -39.22 -13.30 -11.97
C ASP B 25 -37.91 -13.48 -11.31
N GLU B 26 -36.86 -13.35 -12.09
CA GLU B 26 -35.50 -13.41 -11.55
C GLU B 26 -35.16 -12.09 -10.89
N VAL B 27 -35.74 -11.01 -11.39
CA VAL B 27 -35.52 -9.67 -10.87
C VAL B 27 -36.18 -9.51 -9.50
N ARG B 28 -37.42 -9.97 -9.38
CA ARG B 28 -38.12 -9.94 -8.11
C ARG B 28 -37.39 -10.81 -7.08
N LYS B 29 -36.89 -11.95 -7.53
CA LYS B 29 -36.19 -12.87 -6.65
C LYS B 29 -34.86 -12.29 -6.17
N ASN B 30 -34.15 -11.61 -7.05
CA ASN B 30 -32.88 -10.99 -6.70
C ASN B 30 -33.08 -9.79 -5.76
N LEU B 31 -34.06 -8.95 -6.08
CA LEU B 31 -34.38 -7.80 -5.25
C LEU B 31 -34.82 -8.22 -3.86
N MET B 32 -35.61 -9.28 -3.83
CA MET B 32 -36.13 -9.88 -2.63
C MET B 32 -35.03 -10.53 -1.83
N ASP B 33 -34.03 -11.03 -2.51
CA ASP B 33 -32.84 -11.64 -1.92
C ASP B 33 -31.95 -10.58 -1.27
N VAL B 34 -31.83 -9.44 -1.93
CA VAL B 34 -31.03 -8.34 -1.40
C VAL B 34 -31.72 -7.71 -0.19
N PHE B 35 -33.01 -7.45 -0.30
CA PHE B 35 -33.78 -6.87 0.79
C PHE B 35 -33.81 -7.79 2.01
N ARG B 36 -33.73 -9.09 1.74
CA ARG B 36 -33.72 -10.11 2.78
C ARG B 36 -32.54 -9.92 3.74
N ASP B 37 -31.36 -9.74 3.17
CA ASP B 37 -30.15 -9.52 3.97
C ASP B 37 -29.83 -8.03 4.05
N ARG B 38 -30.81 -7.26 4.49
CA ARG B 38 -30.67 -5.82 4.68
C ARG B 38 -29.52 -5.37 5.58
N PRO B 39 -29.28 -6.09 6.72
CA PRO B 39 -28.19 -5.62 7.59
C PRO B 39 -26.78 -5.71 6.97
N ALA B 40 -26.65 -6.38 5.83
CA ALA B 40 -25.36 -6.49 5.16
C ALA B 40 -24.83 -5.12 4.74
N PHE B 41 -25.75 -4.24 4.35
CA PHE B 41 -25.40 -2.88 3.98
C PHE B 41 -25.66 -1.91 5.12
N SER B 42 -25.18 -0.68 4.97
CA SER B 42 -25.41 0.36 5.96
C SER B 42 -26.88 0.77 5.98
N GLU B 43 -27.34 1.22 7.14
CA GLU B 43 -28.72 1.69 7.29
C GLU B 43 -28.93 2.99 6.50
N HIS B 44 -27.87 3.79 6.42
CA HIS B 44 -27.92 5.06 5.68
C HIS B 44 -28.00 4.81 4.19
N THR B 45 -27.33 3.75 3.75
CA THR B 45 -27.38 3.32 2.35
C THR B 45 -28.83 3.00 1.96
N TRP B 46 -29.55 2.35 2.88
CA TRP B 46 -30.93 2.00 2.64
C TRP B 46 -31.84 3.22 2.69
N GLU B 47 -31.64 4.08 3.69
CA GLU B 47 -32.38 5.34 3.78
C GLU B 47 -32.29 6.10 2.47
N MET B 48 -31.07 6.28 1.98
CA MET B 48 -30.82 7.05 0.78
C MET B 48 -31.29 6.34 -0.49
N LEU B 49 -31.22 5.00 -0.50
CA LEU B 49 -31.71 4.24 -1.64
C LEU B 49 -33.23 4.43 -1.78
N LEU B 50 -33.94 4.29 -0.66
CA LEU B 50 -35.38 4.47 -0.64
C LEU B 50 -35.76 5.91 -0.98
N SER B 51 -34.96 6.86 -0.50
CA SER B 51 -35.20 8.27 -0.79
C SER B 51 -35.08 8.57 -2.29
N VAL B 52 -33.97 8.16 -2.88
CA VAL B 52 -33.72 8.34 -4.31
C VAL B 52 -34.79 7.65 -5.14
N CYS B 53 -35.15 6.43 -4.75
CA CYS B 53 -36.21 5.70 -5.45
C CYS B 53 -37.54 6.43 -5.37
N ARG B 54 -37.83 7.04 -4.21
CA ARG B 54 -39.05 7.81 -4.05
C ARG B 54 -39.07 9.02 -4.98
N SER B 55 -37.98 9.78 -4.96
CA SER B 55 -37.88 10.97 -5.81
C SER B 55 -38.02 10.63 -7.29
N TRP B 56 -37.29 9.59 -7.71
CA TRP B 56 -37.27 9.14 -9.10
C TRP B 56 -38.64 8.60 -9.54
N ALA B 57 -39.32 7.88 -8.65
CA ALA B 57 -40.65 7.35 -8.95
C ALA B 57 -41.69 8.46 -9.05
N ALA B 58 -41.62 9.42 -8.15
CA ALA B 58 -42.51 10.57 -8.17
C ALA B 58 -42.33 11.35 -9.47
N TRP B 59 -41.08 11.62 -9.81
CA TRP B 59 -40.76 12.30 -11.05
C TRP B 59 -41.29 11.50 -12.24
N CYS B 60 -41.20 10.17 -12.16
CA CYS B 60 -41.66 9.33 -13.26
C CYS B 60 -43.18 9.42 -13.46
N LYS B 61 -43.93 9.33 -12.36
CA LYS B 61 -45.39 9.40 -12.44
C LYS B 61 -45.87 10.77 -12.88
N LEU B 62 -45.15 11.81 -12.48
CA LEU B 62 -45.50 13.18 -12.86
C LEU B 62 -45.30 13.40 -14.34
N ASN B 63 -44.49 12.55 -14.91
CA ASN B 63 -43.90 12.77 -16.21
C ASN B 63 -44.24 11.63 -17.09
N ASN B 64 -45.16 10.83 -16.56
CA ASN B 64 -45.87 9.76 -17.27
C ASN B 64 -44.91 8.79 -17.93
N ARG B 65 -44.01 8.24 -17.12
CA ARG B 65 -43.02 7.28 -17.60
C ARG B 65 -42.89 6.10 -16.65
N LYS B 66 -42.19 5.06 -17.12
CA LYS B 66 -41.94 3.89 -16.30
C LYS B 66 -40.62 4.02 -15.56
N TRP B 67 -40.58 3.55 -14.31
CA TRP B 67 -39.42 3.76 -13.45
C TRP B 67 -38.58 2.50 -13.24
N PHE B 68 -39.03 1.39 -13.83
CA PHE B 68 -38.33 0.12 -13.67
C PHE B 68 -38.78 -0.87 -14.75
N PRO B 69 -37.86 -1.31 -15.62
CA PRO B 69 -36.44 -0.89 -15.70
C PRO B 69 -36.26 0.51 -16.26
N ALA B 70 -35.37 1.29 -15.66
CA ALA B 70 -35.14 2.67 -16.07
C ALA B 70 -34.54 2.75 -17.47
N GLU B 71 -35.17 3.54 -18.32
CA GLU B 71 -34.67 3.79 -19.67
C GLU B 71 -33.61 4.88 -19.65
N PRO B 72 -32.53 4.69 -20.44
CA PRO B 72 -31.36 5.57 -20.46
C PRO B 72 -31.64 7.04 -20.76
N GLU B 73 -32.82 7.37 -21.30
CA GLU B 73 -33.13 8.76 -21.62
C GLU B 73 -34.34 9.26 -20.85
N ASP B 74 -34.78 8.47 -19.88
CA ASP B 74 -35.71 8.95 -18.86
C ASP B 74 -34.89 9.43 -17.67
N VAL B 75 -33.78 8.73 -17.43
CA VAL B 75 -32.84 9.09 -16.37
C VAL B 75 -32.13 10.40 -16.73
N ARG B 76 -31.83 10.57 -18.01
CA ARG B 76 -31.15 11.77 -18.48
C ARG B 76 -31.96 13.03 -18.23
N ASP B 77 -33.22 13.00 -18.65
CA ASP B 77 -34.14 14.12 -18.44
C ASP B 77 -34.33 14.38 -16.95
N TYR B 78 -34.25 13.32 -16.15
CA TYR B 78 -34.40 13.41 -14.70
C TYR B 78 -33.21 14.11 -14.06
N LEU B 79 -32.01 13.77 -14.50
CA LEU B 79 -30.79 14.39 -13.97
C LEU B 79 -30.70 15.85 -14.43
N LEU B 80 -31.08 16.11 -15.67
CA LEU B 80 -31.16 17.47 -16.17
C LEU B 80 -32.18 18.28 -15.38
N HIS B 81 -33.26 17.61 -14.99
CA HIS B 81 -34.29 18.22 -14.16
C HIS B 81 -33.74 18.56 -12.77
N LEU B 82 -32.95 17.66 -12.21
CA LEU B 82 -32.35 17.88 -10.90
C LEU B 82 -31.35 19.03 -10.96
N GLN B 83 -30.64 19.13 -12.09
CA GLN B 83 -29.67 20.20 -12.28
C GLN B 83 -30.36 21.56 -12.32
N ALA B 84 -31.43 21.65 -13.11
CA ALA B 84 -32.17 22.89 -13.28
C ALA B 84 -33.05 23.17 -12.05
N ARG B 85 -33.07 22.23 -11.11
CA ARG B 85 -33.82 22.40 -9.87
C ARG B 85 -33.00 23.11 -8.81
N GLY B 86 -31.70 23.29 -9.08
CA GLY B 86 -30.82 23.99 -8.16
C GLY B 86 -30.00 23.06 -7.29
N LEU B 87 -30.13 21.76 -7.52
CA LEU B 87 -29.38 20.77 -6.73
C LEU B 87 -27.91 20.74 -7.13
N ALA B 88 -27.08 20.20 -6.24
CA ALA B 88 -25.64 20.13 -6.47
C ALA B 88 -25.27 19.01 -7.43
N VAL B 89 -24.02 19.02 -7.89
CA VAL B 89 -23.53 18.01 -8.81
C VAL B 89 -23.42 16.65 -8.15
N LYS B 90 -22.75 16.62 -7.00
CA LYS B 90 -22.52 15.36 -6.28
C LYS B 90 -23.81 14.70 -5.82
N THR B 91 -24.86 15.50 -5.62
CA THR B 91 -26.17 14.97 -5.24
C THR B 91 -26.78 14.20 -6.42
N ILE B 92 -26.80 14.83 -7.58
CA ILE B 92 -27.24 14.20 -8.81
C ILE B 92 -26.45 12.91 -9.05
N GLN B 93 -25.13 13.05 -8.93
CA GLN B 93 -24.20 11.92 -9.01
C GLN B 93 -24.65 10.78 -8.11
N GLN B 94 -25.00 11.12 -6.86
CA GLN B 94 -25.44 10.14 -5.89
C GLN B 94 -26.73 9.45 -6.32
N HIS B 95 -27.69 10.23 -6.79
CA HIS B 95 -28.95 9.69 -7.31
C HIS B 95 -28.69 8.65 -8.38
N LEU B 96 -27.82 9.01 -9.33
CA LEU B 96 -27.43 8.10 -10.40
C LEU B 96 -26.80 6.83 -9.84
N CYS B 97 -25.86 6.99 -8.90
CA CYS B 97 -25.17 5.86 -8.29
C CYS B 97 -26.14 4.92 -7.56
N ARG B 98 -27.24 5.49 -7.06
CA ARG B 98 -28.23 4.72 -6.33
C ARG B 98 -29.18 3.96 -7.26
N LEU B 99 -29.56 4.60 -8.37
CA LEU B 99 -30.31 3.90 -9.41
C LEU B 99 -29.48 2.72 -9.92
N ASN B 100 -28.19 2.97 -10.12
CA ASN B 100 -27.24 1.93 -10.46
C ASN B 100 -27.23 0.84 -9.40
N MET B 101 -27.23 1.24 -8.14
CA MET B 101 -27.22 0.30 -7.02
C MET B 101 -28.46 -0.59 -7.03
N LEU B 102 -29.56 -0.04 -7.54
CA LEU B 102 -30.79 -0.81 -7.66
C LEU B 102 -30.68 -1.83 -8.81
N HIS B 103 -30.37 -1.32 -10.00
CA HIS B 103 -30.35 -2.16 -11.19
C HIS B 103 -29.28 -3.24 -11.18
N ARG B 104 -28.13 -2.94 -10.59
CA ARG B 104 -27.01 -3.88 -10.57
C ARG B 104 -27.23 -4.99 -9.55
N ARG B 105 -28.04 -4.71 -8.54
CA ARG B 105 -28.43 -5.74 -7.58
C ARG B 105 -29.59 -6.54 -8.14
N SER B 106 -30.39 -5.91 -8.99
CA SER B 106 -31.49 -6.58 -9.65
C SER B 106 -31.00 -7.56 -10.72
N GLY B 107 -29.75 -7.41 -11.13
CA GLY B 107 -29.18 -8.25 -12.17
C GLY B 107 -29.48 -7.68 -13.55
N LEU B 108 -29.64 -6.36 -13.60
CA LEU B 108 -29.96 -5.67 -14.84
C LEU B 108 -28.81 -4.76 -15.28
N PRO B 109 -28.77 -4.39 -16.57
CA PRO B 109 -27.77 -3.44 -17.05
C PRO B 109 -27.86 -2.09 -16.35
N ARG B 110 -26.72 -1.54 -15.94
CA ARG B 110 -26.67 -0.28 -15.23
C ARG B 110 -26.98 0.90 -16.15
N PRO B 111 -27.83 1.82 -15.69
CA PRO B 111 -28.18 3.04 -16.44
C PRO B 111 -26.96 3.94 -16.65
N SER B 112 -25.92 3.75 -15.84
CA SER B 112 -24.72 4.57 -15.93
C SER B 112 -23.83 4.16 -17.11
N ASP B 113 -24.07 2.97 -17.65
CA ASP B 113 -23.21 2.43 -18.70
C ASP B 113 -23.65 2.84 -20.10
N SER B 114 -24.76 3.56 -20.20
CA SER B 114 -25.19 4.10 -21.47
C SER B 114 -24.59 5.49 -21.66
N ASN B 115 -24.26 5.83 -22.90
CA ASN B 115 -23.57 7.09 -23.19
C ASN B 115 -24.36 8.33 -22.84
N ALA B 116 -25.68 8.28 -23.03
CA ALA B 116 -26.54 9.42 -22.74
C ALA B 116 -26.42 9.88 -21.30
N VAL B 117 -26.61 8.95 -20.37
CA VAL B 117 -26.58 9.25 -18.95
C VAL B 117 -25.21 9.71 -18.46
N SER B 118 -24.17 8.98 -18.86
CA SER B 118 -22.81 9.31 -18.44
C SER B 118 -22.38 10.68 -18.97
N LEU B 119 -22.60 10.91 -20.26
CA LEU B 119 -22.19 12.16 -20.87
C LEU B 119 -23.01 13.33 -20.35
N VAL B 120 -24.29 13.12 -20.07
CA VAL B 120 -25.10 14.20 -19.51
C VAL B 120 -24.71 14.44 -18.06
N MET B 121 -24.13 13.44 -17.42
CA MET B 121 -23.64 13.58 -16.05
C MET B 121 -22.39 14.45 -16.03
N ARG B 122 -21.42 14.07 -16.87
CA ARG B 122 -20.21 14.87 -17.04
C ARG B 122 -20.55 16.30 -17.42
N ARG B 123 -21.50 16.45 -18.35
CA ARG B 123 -21.92 17.76 -18.83
C ARG B 123 -22.55 18.58 -17.71
N ILE B 124 -23.38 17.95 -16.89
CA ILE B 124 -23.97 18.62 -15.74
C ILE B 124 -22.87 19.12 -14.80
N ARG B 125 -21.92 18.25 -14.49
CA ARG B 125 -20.83 18.61 -13.60
C ARG B 125 -20.03 19.80 -14.13
N LYS B 126 -19.60 19.70 -15.39
CA LYS B 126 -18.79 20.75 -16.00
C LYS B 126 -19.55 22.07 -16.11
N GLU B 127 -20.84 22.00 -16.43
CA GLU B 127 -21.67 23.20 -16.52
C GLU B 127 -21.80 23.88 -15.18
N ASN B 128 -22.04 23.10 -14.12
CA ASN B 128 -22.22 23.68 -12.80
C ASN B 128 -20.91 24.17 -12.18
N VAL B 129 -19.80 23.53 -12.53
CA VAL B 129 -18.49 23.96 -12.05
C VAL B 129 -18.07 25.27 -12.71
N ASP B 130 -18.31 25.38 -14.01
CA ASP B 130 -17.97 26.58 -14.76
C ASP B 130 -18.82 27.78 -14.36
N ALA B 131 -19.84 27.52 -13.53
CA ALA B 131 -20.69 28.59 -13.01
C ALA B 131 -20.26 28.95 -11.59
N GLY B 132 -19.23 28.29 -11.09
CA GLY B 132 -18.70 28.56 -9.77
C GLY B 132 -19.33 27.72 -8.68
N GLU B 133 -18.86 26.48 -8.55
CA GLU B 133 -19.37 25.58 -7.53
C GLU B 133 -18.24 24.78 -6.88
N ARG B 134 -18.17 24.83 -5.55
CA ARG B 134 -17.14 24.11 -4.80
C ARG B 134 -17.76 23.36 -3.64
N THR B 135 -17.28 22.15 -3.37
CA THR B 135 -17.75 21.38 -2.24
C THR B 135 -17.29 22.01 -0.93
N LYS B 136 -18.23 22.26 -0.03
CA LYS B 136 -17.92 22.91 1.24
C LYS B 136 -17.20 21.96 2.18
N GLN B 137 -16.53 22.52 3.19
CA GLN B 137 -15.90 21.72 4.23
C GLN B 137 -16.33 22.24 5.60
N ALA B 138 -16.32 21.35 6.58
CA ALA B 138 -16.73 21.71 7.93
C ALA B 138 -15.80 22.76 8.55
N LEU B 139 -16.38 23.74 9.22
CA LEU B 139 -15.62 24.77 9.92
C LEU B 139 -14.69 24.13 10.95
N ALA B 140 -13.40 24.41 10.83
CA ALA B 140 -12.38 23.72 11.61
C ALA B 140 -12.47 23.98 13.11
N PHE B 141 -12.33 22.91 13.88
CA PHE B 141 -12.22 23.00 15.34
C PHE B 141 -10.80 22.69 15.75
N GLU B 142 -9.97 23.73 15.83
CA GLU B 142 -8.54 23.56 16.02
C GLU B 142 -8.13 23.54 17.50
N ARG B 143 -6.83 23.42 17.73
CA ARG B 143 -6.27 23.36 19.08
C ARG B 143 -6.61 24.59 19.91
N THR B 144 -6.50 25.75 19.28
CA THR B 144 -6.79 27.02 19.94
C THR B 144 -8.23 27.08 20.45
N ASP B 145 -9.15 26.53 19.66
CA ASP B 145 -10.55 26.50 20.02
C ASP B 145 -10.82 25.52 21.17
N PHE B 146 -10.14 24.38 21.14
CA PHE B 146 -10.25 23.41 22.21
C PHE B 146 -9.71 24.00 23.51
N ASP B 147 -8.68 24.82 23.41
CA ASP B 147 -8.09 25.48 24.57
C ASP B 147 -9.02 26.57 25.11
N GLN B 148 -9.66 27.32 24.20
CA GLN B 148 -10.59 28.36 24.60
C GLN B 148 -11.81 27.77 25.31
N VAL B 149 -12.41 26.76 24.68
CA VAL B 149 -13.53 26.04 25.26
C VAL B 149 -13.13 25.40 26.58
N ARG B 150 -11.90 24.92 26.65
CA ARG B 150 -11.34 24.37 27.88
C ARG B 150 -11.39 25.41 28.99
N SER B 151 -10.73 26.54 28.77
CA SER B 151 -10.70 27.61 29.76
C SER B 151 -12.10 28.17 30.04
N LEU B 152 -13.05 27.84 29.17
CA LEU B 152 -14.42 28.31 29.34
C LEU B 152 -15.24 27.39 30.25
N MET B 153 -15.08 26.08 30.09
CA MET B 153 -15.96 25.12 30.76
C MET B 153 -15.32 24.31 31.89
N GLU B 154 -14.01 24.04 31.77
CA GLU B 154 -13.33 23.01 32.58
C GLU B 154 -13.59 23.04 34.09
N ASN B 155 -14.06 24.18 34.60
CA ASN B 155 -14.23 24.34 36.04
C ASN B 155 -15.68 24.23 36.51
N SER B 156 -16.57 23.83 35.61
CA SER B 156 -17.99 23.80 35.93
C SER B 156 -18.42 22.55 36.69
N ASP B 157 -19.34 22.72 37.63
CA ASP B 157 -19.92 21.62 38.37
C ASP B 157 -21.20 21.15 37.70
N ARG B 158 -21.52 21.78 36.58
CA ARG B 158 -22.71 21.44 35.79
C ARG B 158 -22.43 20.20 34.95
N CYS B 159 -23.37 19.25 34.99
CA CYS B 159 -23.19 17.95 34.34
C CYS B 159 -22.96 18.07 32.83
N GLN B 160 -23.79 18.88 32.17
CA GLN B 160 -23.73 19.05 30.72
C GLN B 160 -22.39 19.58 30.25
N ASP B 161 -21.81 20.50 31.02
CA ASP B 161 -20.52 21.09 30.67
C ASP B 161 -19.42 20.03 30.74
N ILE B 162 -19.47 19.21 31.78
CA ILE B 162 -18.51 18.12 31.95
C ILE B 162 -18.59 17.13 30.79
N ARG B 163 -19.80 16.66 30.51
CA ARG B 163 -20.02 15.71 29.43
C ARG B 163 -19.58 16.28 28.08
N ASN B 164 -19.97 17.51 27.81
CA ASN B 164 -19.64 18.17 26.56
C ASN B 164 -18.15 18.35 26.37
N LEU B 165 -17.47 18.84 27.40
CA LEU B 165 -16.03 19.05 27.32
C LEU B 165 -15.30 17.72 27.15
N ALA B 166 -15.73 16.70 27.89
CA ALA B 166 -15.16 15.37 27.75
C ALA B 166 -15.30 14.88 26.31
N PHE B 167 -16.50 15.09 25.75
CA PHE B 167 -16.78 14.68 24.38
C PHE B 167 -15.89 15.39 23.38
N LEU B 168 -15.83 16.71 23.46
CA LEU B 168 -15.00 17.51 22.56
C LEU B 168 -13.53 17.08 22.64
N GLY B 169 -13.08 16.82 23.86
CA GLY B 169 -11.74 16.32 24.08
C GLY B 169 -11.49 15.01 23.36
N VAL B 170 -12.41 14.07 23.52
CA VAL B 170 -12.30 12.77 22.86
C VAL B 170 -12.31 12.89 21.34
N ALA B 171 -13.26 13.64 20.82
CA ALA B 171 -13.44 13.82 19.39
C ALA B 171 -12.24 14.50 18.74
N TYR B 172 -11.61 15.42 19.46
CA TYR B 172 -10.44 16.12 18.93
C TYR B 172 -9.16 15.29 19.08
N ASN B 173 -9.09 14.49 20.13
CA ASN B 173 -7.90 13.69 20.39
C ASN B 173 -7.84 12.42 19.55
N THR B 174 -9.00 11.89 19.16
CA THR B 174 -9.06 10.59 18.49
C THR B 174 -9.40 10.68 17.01
N LEU B 175 -9.93 11.83 16.59
CA LEU B 175 -10.38 12.04 15.21
C LEU B 175 -11.46 11.04 14.81
N LEU B 176 -12.21 10.56 15.79
CA LEU B 176 -13.28 9.59 15.53
C LEU B 176 -14.56 10.29 15.06
N ARG B 177 -15.21 9.70 14.07
CA ARG B 177 -16.49 10.20 13.60
C ARG B 177 -17.51 10.06 14.73
N ILE B 178 -18.42 11.04 14.83
CA ILE B 178 -19.31 11.14 15.99
C ILE B 178 -20.16 9.90 16.24
N ALA B 179 -20.53 9.19 15.17
CA ALA B 179 -21.32 7.98 15.30
C ALA B 179 -20.53 6.89 16.02
N GLU B 180 -19.22 6.86 15.76
CA GLU B 180 -18.33 5.88 16.37
C GLU B 180 -18.10 6.21 17.84
N ILE B 181 -18.23 7.48 18.19
CA ILE B 181 -18.07 7.93 19.57
C ILE B 181 -19.34 7.61 20.37
N ALA B 182 -20.48 7.66 19.69
CA ALA B 182 -21.76 7.37 20.33
C ALA B 182 -21.96 5.86 20.53
N ARG B 183 -21.02 5.07 20.03
CA ARG B 183 -21.09 3.63 20.18
C ARG B 183 -19.98 3.11 21.09
N ILE B 184 -19.41 4.01 21.88
CA ILE B 184 -18.35 3.65 22.82
C ILE B 184 -18.91 3.17 24.15
N ARG B 185 -18.57 1.94 24.52
CA ARG B 185 -18.99 1.39 25.81
C ARG B 185 -17.87 1.47 26.83
N VAL B 186 -18.21 1.31 28.10
CA VAL B 186 -17.25 1.43 29.19
C VAL B 186 -16.28 0.25 29.20
N LYS B 187 -16.74 -0.91 28.73
CA LYS B 187 -15.90 -2.10 28.66
C LYS B 187 -14.86 -1.99 27.56
N ASP B 188 -15.01 -0.99 26.70
CA ASP B 188 -14.08 -0.77 25.60
C ASP B 188 -12.87 0.04 26.04
N ILE B 189 -13.02 0.75 27.16
CA ILE B 189 -11.94 1.60 27.66
C ILE B 189 -11.00 0.82 28.58
N SER B 190 -9.73 0.72 28.19
CA SER B 190 -8.71 0.13 29.03
C SER B 190 -7.77 1.21 29.55
N ARG B 191 -6.49 0.88 29.69
CA ARG B 191 -5.54 1.83 30.27
C ARG B 191 -4.09 1.46 30.00
N THR B 192 -3.22 2.48 30.00
CA THR B 192 -1.78 2.26 29.95
C THR B 192 -1.19 2.59 31.31
N ASP B 193 0.11 2.34 31.49
CA ASP B 193 0.76 2.60 32.76
C ASP B 193 0.80 4.07 33.11
N GLY B 194 0.95 4.91 32.09
CA GLY B 194 1.02 6.35 32.29
C GLY B 194 -0.31 7.00 32.60
N GLY B 195 -1.36 6.18 32.70
CA GLY B 195 -2.69 6.67 33.01
C GLY B 195 -3.49 7.01 31.77
N ARG B 196 -2.81 7.02 30.63
CA ARG B 196 -3.45 7.33 29.36
C ARG B 196 -4.51 6.29 28.98
N MET B 197 -5.72 6.75 28.72
CA MET B 197 -6.83 5.86 28.42
C MET B 197 -6.74 5.25 27.02
N LEU B 198 -7.05 3.96 26.93
CA LEU B 198 -7.19 3.30 25.64
C LEU B 198 -8.66 3.11 25.31
N ILE B 199 -8.99 3.25 24.04
CA ILE B 199 -10.37 3.10 23.57
C ILE B 199 -10.43 2.18 22.36
N HIS B 200 -11.21 1.12 22.46
CA HIS B 200 -11.36 0.18 21.35
C HIS B 200 -12.51 0.59 20.45
N ILE B 201 -12.21 0.81 19.17
CA ILE B 201 -13.24 1.05 18.18
C ILE B 201 -13.34 -0.17 17.26
N GLY B 202 -14.54 -0.75 17.19
CA GLY B 202 -14.75 -1.97 16.45
C GLY B 202 -15.17 -1.75 15.01
N ARG B 203 -16.15 -0.87 14.80
CA ARG B 203 -16.66 -0.63 13.46
C ARG B 203 -16.57 0.84 13.08
N THR B 204 -15.92 1.10 11.96
CA THR B 204 -15.82 2.46 11.42
C THR B 204 -16.41 2.52 10.03
N LYS B 205 -16.05 3.56 9.27
CA LYS B 205 -16.60 3.76 7.93
C LYS B 205 -15.86 2.91 6.90
N THR B 206 -14.61 2.56 7.21
CA THR B 206 -13.77 1.83 6.26
C THR B 206 -13.45 0.42 6.74
N LEU B 207 -13.33 0.25 8.05
CA LEU B 207 -12.96 -1.04 8.62
C LEU B 207 -14.08 -1.65 9.45
N VAL B 208 -14.44 -2.90 9.15
CA VAL B 208 -15.43 -3.63 9.93
C VAL B 208 -14.83 -4.94 10.42
N SER B 209 -14.01 -4.86 11.45
CA SER B 209 -13.38 -6.08 11.97
C SER B 209 -13.49 -6.18 13.48
N THR B 210 -13.17 -7.36 14.00
CA THR B 210 -13.27 -7.63 15.43
C THR B 210 -12.00 -7.20 16.16
N ALA B 211 -10.92 -7.01 15.40
CA ALA B 211 -9.67 -6.52 15.96
C ALA B 211 -9.80 -5.03 16.25
N GLY B 212 -10.31 -4.29 15.28
CA GLY B 212 -10.56 -2.87 15.43
C GLY B 212 -9.31 -2.05 15.66
N VAL B 213 -9.49 -0.82 16.15
CA VAL B 213 -8.37 0.06 16.42
C VAL B 213 -8.37 0.50 17.89
N GLU B 214 -7.23 0.99 18.36
CA GLU B 214 -7.08 1.39 19.76
C GLU B 214 -6.65 2.86 19.88
N LYS B 215 -7.63 3.76 19.91
CA LYS B 215 -7.35 5.18 20.05
C LYS B 215 -6.85 5.50 21.46
N ALA B 216 -5.75 6.24 21.54
CA ALA B 216 -5.15 6.56 22.84
C ALA B 216 -5.34 8.04 23.19
N LEU B 217 -5.90 8.29 24.36
CA LEU B 217 -6.08 9.66 24.84
C LEU B 217 -4.81 10.18 25.51
N SER B 218 -4.74 11.50 25.68
CA SER B 218 -3.64 12.12 26.40
C SER B 218 -3.97 12.20 27.88
N LEU B 219 -3.17 12.95 28.65
CA LEU B 219 -3.39 13.08 30.09
C LEU B 219 -4.61 13.91 30.41
N GLY B 220 -4.67 15.12 29.85
CA GLY B 220 -5.76 16.05 30.14
C GLY B 220 -7.12 15.51 29.73
N VAL B 221 -7.21 15.03 28.48
CA VAL B 221 -8.45 14.46 27.97
C VAL B 221 -8.88 13.28 28.84
N THR B 222 -7.90 12.47 29.24
CA THR B 222 -8.15 11.38 30.17
C THR B 222 -8.80 11.90 31.44
N LYS B 223 -8.23 12.97 32.00
CA LYS B 223 -8.80 13.58 33.21
C LYS B 223 -10.24 14.01 33.01
N LEU B 224 -10.52 14.63 31.87
CA LEU B 224 -11.87 15.05 31.53
C LEU B 224 -12.85 13.88 31.52
N VAL B 225 -12.46 12.81 30.82
CA VAL B 225 -13.30 11.62 30.74
C VAL B 225 -13.47 10.96 32.11
N GLU B 226 -12.41 11.00 32.92
CA GLU B 226 -12.47 10.51 34.29
C GLU B 226 -13.54 11.24 35.07
N ARG B 227 -13.55 12.57 34.93
CA ARG B 227 -14.52 13.40 35.62
C ARG B 227 -15.93 13.08 35.16
N TRP B 228 -16.12 12.97 33.84
CA TRP B 228 -17.43 12.61 33.29
C TRP B 228 -17.91 11.27 33.82
N ILE B 229 -17.03 10.29 33.86
CA ILE B 229 -17.34 8.98 34.40
C ILE B 229 -17.77 9.09 35.87
N SER B 230 -17.03 9.86 36.64
CA SER B 230 -17.31 10.05 38.06
C SER B 230 -18.69 10.66 38.31
N VAL B 231 -18.98 11.76 37.63
CA VAL B 231 -20.22 12.49 37.87
C VAL B 231 -21.45 11.79 37.28
N SER B 232 -21.29 11.19 36.09
CA SER B 232 -22.40 10.53 35.41
C SER B 232 -22.81 9.24 36.09
N GLY B 233 -21.82 8.44 36.50
CA GLY B 233 -22.08 7.15 37.09
C GLY B 233 -22.43 6.11 36.05
N VAL B 234 -21.72 6.15 34.93
CA VAL B 234 -21.93 5.18 33.85
C VAL B 234 -21.03 3.96 34.04
N ALA B 235 -20.25 3.98 35.10
CA ALA B 235 -19.35 2.87 35.41
C ALA B 235 -20.07 1.78 36.20
N ASP B 236 -21.36 1.97 36.41
CA ASP B 236 -22.18 1.00 37.13
C ASP B 236 -22.34 -0.30 36.34
N ASP B 237 -22.05 -0.23 35.05
CA ASP B 237 -22.16 -1.38 34.16
C ASP B 237 -21.23 -1.21 32.96
N PRO B 238 -20.30 -2.15 32.77
CA PRO B 238 -19.35 -2.13 31.65
C PRO B 238 -20.02 -2.03 30.28
N ASN B 239 -21.28 -2.41 30.18
CA ASN B 239 -21.99 -2.38 28.92
C ASN B 239 -22.69 -1.04 28.66
N ASN B 240 -22.53 -0.10 29.57
CA ASN B 240 -23.08 1.24 29.39
C ASN B 240 -22.32 2.01 28.30
N TYR B 241 -23.03 2.82 27.54
CA TYR B 241 -22.40 3.72 26.59
C TYR B 241 -21.68 4.82 27.36
N LEU B 242 -20.46 5.13 26.94
CA LEU B 242 -19.61 6.11 27.63
C LEU B 242 -20.31 7.46 27.80
N PHE B 243 -20.96 7.92 26.74
CA PHE B 243 -21.73 9.15 26.80
C PHE B 243 -23.23 8.82 26.75
N CYS B 244 -24.04 9.71 27.31
CA CYS B 244 -25.48 9.51 27.33
C CYS B 244 -26.21 10.84 27.35
N ARG B 245 -27.53 10.78 27.32
CA ARG B 245 -28.34 12.00 27.34
C ARG B 245 -28.42 12.57 28.76
N VAL B 246 -28.33 13.88 28.87
CA VAL B 246 -28.53 14.56 30.13
C VAL B 246 -29.92 15.18 30.13
N ARG B 247 -30.72 14.87 31.14
CA ARG B 247 -32.06 15.44 31.24
C ARG B 247 -32.04 16.70 32.07
N ARG B 248 -33.16 17.38 32.15
CA ARG B 248 -33.29 18.64 32.88
C ARG B 248 -32.81 18.51 34.32
N TYR B 249 -32.22 19.58 34.84
CA TYR B 249 -31.69 19.66 36.21
C TYR B 249 -30.47 18.76 36.40
N GLY B 250 -29.90 18.28 35.30
CA GLY B 250 -28.66 17.52 35.36
C GLY B 250 -28.83 16.05 35.65
N VAL B 251 -30.02 15.52 35.43
CA VAL B 251 -30.28 14.10 35.65
C VAL B 251 -29.69 13.26 34.52
N ALA B 252 -28.64 12.51 34.83
CA ALA B 252 -28.02 11.63 33.86
C ALA B 252 -28.78 10.33 33.75
N ALA B 253 -28.99 9.85 32.53
CA ALA B 253 -29.70 8.60 32.30
C ALA B 253 -28.85 7.61 31.52
N PRO B 254 -27.90 6.95 32.21
CA PRO B 254 -27.01 5.98 31.58
C PRO B 254 -27.79 4.81 30.98
N SER B 255 -27.43 4.41 29.77
CA SER B 255 -28.13 3.33 29.08
C SER B 255 -27.15 2.35 28.44
N ALA B 256 -27.62 1.12 28.23
CA ALA B 256 -26.83 0.11 27.56
C ALA B 256 -27.57 -0.37 26.32
N THR B 257 -28.87 -0.07 26.28
CA THR B 257 -29.71 -0.50 25.16
C THR B 257 -29.88 0.62 24.13
N SER B 258 -29.92 1.85 24.61
CA SER B 258 -30.12 3.01 23.73
C SER B 258 -28.93 3.95 23.77
N GLN B 259 -28.25 4.10 22.62
CA GLN B 259 -27.11 5.00 22.52
C GLN B 259 -27.55 6.41 22.19
N LEU B 260 -26.66 7.37 22.42
CA LEU B 260 -26.93 8.77 22.12
C LEU B 260 -26.97 9.01 20.62
N SER B 261 -27.91 9.84 20.17
CA SER B 261 -28.02 10.17 18.76
C SER B 261 -26.88 11.09 18.33
N THR B 262 -26.65 11.18 17.03
CA THR B 262 -25.60 12.03 16.49
C THR B 262 -26.11 13.44 16.26
N TYR B 263 -27.43 13.61 16.21
CA TYR B 263 -28.04 14.92 16.12
C TYR B 263 -27.67 15.73 17.36
N ALA B 264 -27.82 15.10 18.52
CA ALA B 264 -27.44 15.72 19.79
C ALA B 264 -25.96 16.06 19.81
N LEU B 265 -25.14 15.15 19.29
CA LEU B 265 -23.70 15.35 19.21
C LEU B 265 -23.37 16.57 18.35
N GLN B 266 -24.15 16.79 17.30
CA GLN B 266 -24.00 17.98 16.48
C GLN B 266 -24.41 19.23 17.25
N ARG B 267 -25.51 19.14 17.98
CA ARG B 267 -25.94 20.31 18.70
C ARG B 267 -24.94 20.67 19.74
N ILE B 268 -24.22 19.72 20.27
CA ILE B 268 -23.15 20.06 21.20
C ILE B 268 -22.18 21.03 20.56
N PHE B 269 -21.72 20.68 19.35
CA PHE B 269 -20.80 21.54 18.60
C PHE B 269 -21.42 22.91 18.31
N GLU B 270 -22.68 22.92 17.91
CA GLU B 270 -23.37 24.16 17.56
C GLU B 270 -23.54 25.06 18.79
N ALA B 271 -23.98 24.47 19.89
CA ALA B 271 -24.17 25.21 21.13
C ALA B 271 -22.85 25.76 21.64
N THR B 272 -21.79 24.95 21.51
CA THR B 272 -20.46 25.37 21.93
C THR B 272 -19.95 26.52 21.07
N HIS B 273 -20.23 26.46 19.77
CA HIS B 273 -19.78 27.50 18.85
C HIS B 273 -20.52 28.80 19.08
N ARG B 274 -21.83 28.72 19.33
CA ARG B 274 -22.60 29.95 19.51
C ARG B 274 -22.38 30.50 20.91
N LEU B 275 -21.92 29.65 21.82
CA LEU B 275 -21.55 30.08 23.17
C LEU B 275 -20.42 31.11 23.11
N ILE B 276 -19.60 31.01 22.08
CA ILE B 276 -18.45 31.89 21.92
C ILE B 276 -18.67 32.97 20.86
N TYR B 277 -19.11 32.56 19.68
CA TYR B 277 -19.19 33.48 18.54
C TYR B 277 -20.60 33.94 18.21
N GLY B 278 -21.48 33.95 19.21
CA GLY B 278 -22.83 34.42 19.02
C GLY B 278 -23.67 33.56 18.09
N ALA B 279 -24.82 34.07 17.69
CA ALA B 279 -25.78 33.30 16.91
C ALA B 279 -25.35 33.07 15.46
N LYS B 280 -26.23 32.44 14.70
CA LYS B 280 -26.01 32.16 13.28
C LYS B 280 -26.82 33.15 12.45
N ASP B 281 -26.31 33.51 11.27
CA ASP B 281 -27.03 34.44 10.41
C ASP B 281 -28.00 33.72 9.46
N ASP B 282 -29.00 34.44 8.99
CA ASP B 282 -30.09 33.83 8.22
C ASP B 282 -29.84 33.85 6.71
N SER B 283 -28.64 33.44 6.30
CA SER B 283 -28.36 33.26 4.89
C SER B 283 -28.81 31.87 4.45
N GLY B 284 -28.44 30.87 5.24
CA GLY B 284 -28.90 29.51 5.00
C GLY B 284 -27.82 28.56 4.51
N GLN B 285 -26.60 29.06 4.40
CA GLN B 285 -25.48 28.25 3.94
C GLN B 285 -25.08 27.22 5.00
N ARG B 286 -24.44 26.15 4.57
CA ARG B 286 -24.01 25.11 5.49
C ARG B 286 -22.67 25.46 6.14
N TYR B 287 -22.39 24.80 7.26
CA TYR B 287 -21.12 24.94 7.98
C TYR B 287 -20.83 26.37 8.42
N LEU B 288 -21.87 27.09 8.83
CA LEU B 288 -21.69 28.42 9.41
C LEU B 288 -21.17 28.28 10.83
N ALA B 289 -21.56 27.20 11.48
CA ALA B 289 -21.08 26.88 12.83
C ALA B 289 -20.37 25.53 12.83
N TRP B 290 -19.89 25.12 14.00
CA TRP B 290 -19.21 23.85 14.14
C TRP B 290 -20.16 22.68 13.92
N SER B 291 -19.62 21.54 13.51
CA SER B 291 -20.41 20.33 13.31
C SER B 291 -19.62 19.11 13.76
N GLY B 292 -20.13 17.92 13.42
CA GLY B 292 -19.49 16.69 13.82
C GLY B 292 -18.15 16.46 13.18
N HIS B 293 -18.05 16.77 11.89
CA HIS B 293 -16.82 16.55 11.13
C HIS B 293 -15.73 17.53 11.56
N SER B 294 -16.15 18.67 12.11
CA SER B 294 -15.25 19.75 12.52
C SER B 294 -14.09 19.29 13.40
N ALA B 295 -14.34 18.26 14.21
CA ALA B 295 -13.33 17.74 15.11
C ALA B 295 -12.17 17.10 14.35
N ARG B 296 -12.50 16.35 13.30
CA ARG B 296 -11.48 15.66 12.52
C ARG B 296 -10.58 16.66 11.80
N VAL B 297 -11.18 17.32 10.81
CA VAL B 297 -10.54 18.31 9.97
C VAL B 297 -9.52 19.18 10.72
N GLY B 298 -10.00 19.86 11.76
CA GLY B 298 -9.16 20.71 12.57
C GLY B 298 -7.88 20.03 13.03
N ALA B 299 -8.03 18.88 13.66
CA ALA B 299 -6.88 18.12 14.16
C ALA B 299 -5.89 17.84 13.04
N ALA B 300 -6.42 17.50 11.86
CA ALA B 300 -5.55 17.23 10.71
C ALA B 300 -4.75 18.48 10.38
N ARG B 301 -5.43 19.62 10.32
CA ARG B 301 -4.77 20.88 10.02
C ARG B 301 -3.88 21.33 11.17
N ASP B 302 -3.98 20.65 12.30
CA ASP B 302 -3.11 20.93 13.43
C ASP B 302 -1.86 20.05 13.36
N MET B 303 -1.96 18.93 12.65
CA MET B 303 -0.83 18.01 12.54
C MET B 303 0.08 18.40 11.39
N ALA B 304 -0.50 18.85 10.29
CA ALA B 304 0.27 19.28 9.14
C ALA B 304 1.14 20.48 9.48
N ARG B 305 0.54 21.46 10.15
CA ARG B 305 1.26 22.65 10.60
C ARG B 305 2.37 22.31 11.61
N ALA B 306 2.18 21.23 12.35
CA ALA B 306 3.12 20.84 13.38
C ALA B 306 4.32 20.09 12.79
N GLY B 307 4.20 19.70 11.52
CA GLY B 307 5.29 19.02 10.84
C GLY B 307 5.29 17.52 11.06
N VAL B 308 4.10 16.96 11.26
CA VAL B 308 3.95 15.53 11.46
C VAL B 308 4.04 14.79 10.12
N SER B 309 4.85 13.75 10.07
CA SER B 309 5.03 12.97 8.84
C SER B 309 3.74 12.27 8.43
N ILE B 310 3.64 11.94 7.14
CA ILE B 310 2.46 11.27 6.61
C ILE B 310 2.12 9.94 7.31
N PRO B 311 3.10 9.04 7.49
CA PRO B 311 2.74 7.76 8.12
C PRO B 311 2.18 7.91 9.54
N GLU B 312 2.57 8.96 10.25
CA GLU B 312 2.06 9.21 11.58
C GLU B 312 0.65 9.82 11.55
N ILE B 313 0.35 10.52 10.46
CA ILE B 313 -0.98 11.11 10.30
C ILE B 313 -1.99 10.05 9.88
N MET B 314 -1.56 9.12 9.03
CA MET B 314 -2.43 8.04 8.59
C MET B 314 -2.75 7.09 9.75
N GLN B 315 -1.89 7.08 10.75
CA GLN B 315 -2.07 6.24 11.93
C GLN B 315 -3.05 6.86 12.93
N ALA B 316 -3.21 8.17 12.85
CA ALA B 316 -4.03 8.90 13.82
C ALA B 316 -5.43 9.15 13.29
N GLY B 317 -5.75 8.59 12.13
CA GLY B 317 -7.05 8.78 11.52
C GLY B 317 -7.60 7.51 10.89
N GLY B 318 -6.75 6.51 10.78
CA GLY B 318 -7.15 5.24 10.18
C GLY B 318 -7.28 5.33 8.67
N TRP B 319 -6.38 6.08 8.05
CA TRP B 319 -6.39 6.24 6.61
C TRP B 319 -5.48 5.23 5.92
N THR B 320 -5.89 4.80 4.73
CA THR B 320 -5.08 3.90 3.92
C THR B 320 -4.60 4.62 2.67
N THR B 321 -5.08 5.84 2.47
CA THR B 321 -4.70 6.65 1.31
C THR B 321 -4.26 8.05 1.73
N VAL B 322 -3.29 8.60 0.99
CA VAL B 322 -2.79 9.94 1.26
C VAL B 322 -3.73 10.99 0.67
N ASN B 323 -4.45 10.58 -0.38
CA ASN B 323 -5.36 11.45 -1.10
C ASN B 323 -6.46 12.02 -0.20
N SER B 324 -6.94 11.20 0.73
CA SER B 324 -7.97 11.64 1.66
C SER B 324 -7.40 12.62 2.69
N VAL B 325 -6.14 12.40 3.08
CA VAL B 325 -5.46 13.31 3.99
C VAL B 325 -5.32 14.69 3.36
N MET B 326 -4.82 14.71 2.12
CA MET B 326 -4.72 15.95 1.36
C MET B 326 -6.08 16.60 1.19
N ASN B 327 -7.09 15.76 0.94
CA ASN B 327 -8.47 16.21 0.82
C ASN B 327 -8.98 16.85 2.10
N PHE B 328 -8.40 16.43 3.23
CA PHE B 328 -8.76 16.99 4.53
C PHE B 328 -8.07 18.33 4.77
N ILE B 329 -6.76 18.38 4.58
CA ILE B 329 -6.00 19.58 4.90
C ILE B 329 -5.95 20.60 3.77
N ARG B 330 -6.70 20.35 2.69
CA ARG B 330 -6.68 21.20 1.51
C ARG B 330 -6.99 22.68 1.78
N ASN B 331 -7.77 22.95 2.83
CA ASN B 331 -8.15 24.32 3.15
C ASN B 331 -7.32 24.93 4.27
N LEU B 332 -6.00 24.72 4.21
CA LEU B 332 -5.08 25.31 5.18
C LEU B 332 -4.83 26.78 4.86
N ASP B 333 -4.43 27.54 5.87
CA ASP B 333 -4.15 28.95 5.70
C ASP B 333 -2.87 29.16 4.90
N SER B 334 -2.99 29.89 3.78
CA SER B 334 -1.85 30.14 2.91
C SER B 334 -0.98 31.27 3.46
N GLU B 335 -1.60 32.18 4.22
CA GLU B 335 -0.89 33.33 4.78
C GLU B 335 0.23 32.89 5.71
N THR B 336 -0.08 32.00 6.63
CA THR B 336 0.92 31.44 7.54
C THR B 336 1.50 30.15 6.95
N GLY B 337 1.35 29.99 5.64
CA GLY B 337 1.82 28.81 4.94
C GLY B 337 3.33 28.77 4.80
N ALA B 338 3.83 27.67 4.24
CA ALA B 338 5.27 27.45 4.14
C ALA B 338 5.96 28.42 3.19
N MET B 339 5.32 28.69 2.05
CA MET B 339 5.92 29.52 1.01
C MET B 339 6.10 30.97 1.43
N VAL B 340 5.06 31.53 2.06
CA VAL B 340 5.13 32.91 2.53
C VAL B 340 6.20 33.04 3.63
N ARG B 341 6.28 32.03 4.48
CA ARG B 341 7.31 31.98 5.51
C ARG B 341 8.70 31.97 4.88
N LEU B 342 8.84 31.18 3.82
CA LEU B 342 10.14 30.96 3.20
C LEU B 342 10.62 32.18 2.41
N LEU B 343 9.69 32.86 1.74
CA LEU B 343 10.03 34.00 0.91
C LEU B 343 10.28 35.26 1.72
N GLU B 344 9.87 35.25 2.98
CA GLU B 344 10.07 36.41 3.86
C GLU B 344 11.19 36.15 4.86
N ASP B 345 12.21 35.40 4.44
CA ASP B 345 13.34 35.10 5.30
C ASP B 345 14.29 36.29 5.38
N ALA C 17 -15.37 -43.95 3.72
CA ALA C 17 -14.40 -43.29 4.58
C ALA C 17 -15.09 -42.54 5.71
N LEU C 18 -15.80 -41.47 5.35
CA LEU C 18 -16.48 -40.61 6.32
C LEU C 18 -17.77 -40.05 5.69
N PRO C 19 -18.82 -39.80 6.50
CA PRO C 19 -20.21 -39.58 6.10
C PRO C 19 -20.52 -39.68 4.61
N ALA C 20 -21.12 -40.80 4.22
CA ALA C 20 -21.29 -41.15 2.82
C ALA C 20 -22.48 -40.47 2.15
N ASP C 21 -22.53 -40.57 0.83
CA ASP C 21 -23.61 -40.02 0.03
C ASP C 21 -23.59 -40.67 -1.37
N ASP C 25 -21.98 -38.21 -10.94
CA ASP C 25 -21.10 -39.34 -10.67
C ASP C 25 -19.67 -39.01 -11.06
N GLU C 26 -19.49 -37.98 -11.87
CA GLU C 26 -18.16 -37.60 -12.34
C GLU C 26 -17.35 -37.00 -11.21
N VAL C 27 -18.05 -36.50 -10.19
CA VAL C 27 -17.39 -35.99 -9.00
C VAL C 27 -16.65 -37.09 -8.23
N ARG C 28 -17.23 -38.29 -8.23
CA ARG C 28 -16.69 -39.41 -7.46
C ARG C 28 -15.25 -39.72 -7.81
N LYS C 29 -14.93 -39.68 -9.10
CA LYS C 29 -13.56 -39.91 -9.55
C LYS C 29 -12.62 -38.83 -9.05
N ASN C 30 -13.12 -37.61 -8.98
CA ASN C 30 -12.34 -36.48 -8.48
C ASN C 30 -12.13 -36.56 -6.96
N LEU C 31 -13.08 -37.18 -6.27
CA LEU C 31 -12.96 -37.38 -4.83
C LEU C 31 -12.00 -38.53 -4.55
N MET C 32 -11.95 -39.49 -5.47
CA MET C 32 -10.94 -40.55 -5.39
C MET C 32 -9.57 -39.92 -5.63
N ASP C 33 -9.55 -38.95 -6.54
CA ASP C 33 -8.36 -38.16 -6.82
C ASP C 33 -7.87 -37.45 -5.57
N VAL C 34 -8.81 -36.84 -4.85
CA VAL C 34 -8.49 -36.10 -3.62
C VAL C 34 -8.02 -37.03 -2.50
N PHE C 35 -8.74 -38.13 -2.30
CA PHE C 35 -8.43 -39.04 -1.20
C PHE C 35 -7.25 -39.95 -1.50
N ARG C 36 -6.78 -39.96 -2.74
CA ARG C 36 -5.56 -40.69 -3.08
C ARG C 36 -4.34 -39.97 -2.53
N ASP C 37 -4.17 -38.71 -2.94
CA ASP C 37 -3.09 -37.87 -2.44
C ASP C 37 -3.48 -37.21 -1.13
N ARG C 38 -3.48 -38.00 -0.06
CA ARG C 38 -3.88 -37.49 1.26
C ARG C 38 -2.77 -36.71 1.99
N PRO C 39 -1.51 -37.15 1.90
CA PRO C 39 -0.48 -36.34 2.55
C PRO C 39 -0.20 -35.00 1.85
N ALA C 40 -1.15 -34.50 1.08
CA ALA C 40 -1.03 -33.19 0.47
C ALA C 40 -1.50 -32.11 1.44
N PHE C 41 -2.38 -32.51 2.35
CA PHE C 41 -2.87 -31.62 3.39
C PHE C 41 -2.41 -32.10 4.77
N SER C 42 -2.26 -31.16 5.69
CA SER C 42 -1.88 -31.49 7.05
C SER C 42 -2.97 -32.31 7.71
N GLU C 43 -2.60 -33.08 8.74
CA GLU C 43 -3.58 -33.89 9.45
C GLU C 43 -4.68 -33.00 10.02
N HIS C 44 -4.30 -31.93 10.70
CA HIS C 44 -5.23 -30.98 11.31
C HIS C 44 -6.20 -30.37 10.30
N THR C 45 -5.71 -30.13 9.08
CA THR C 45 -6.56 -29.65 8.00
C THR C 45 -7.67 -30.66 7.74
N TRP C 46 -7.28 -31.93 7.67
CA TRP C 46 -8.24 -33.02 7.48
C TRP C 46 -9.25 -33.07 8.61
N GLU C 47 -8.79 -32.94 9.85
CA GLU C 47 -9.71 -32.97 10.99
C GLU C 47 -10.70 -31.81 10.98
N MET C 48 -10.25 -30.59 10.65
CA MET C 48 -11.18 -29.48 10.55
C MET C 48 -12.19 -29.72 9.44
N LEU C 49 -11.71 -30.25 8.32
CA LEU C 49 -12.59 -30.57 7.19
C LEU C 49 -13.68 -31.58 7.59
N LEU C 50 -13.27 -32.66 8.25
CA LEU C 50 -14.18 -33.72 8.64
C LEU C 50 -15.15 -33.24 9.71
N SER C 51 -14.68 -32.38 10.60
CA SER C 51 -15.51 -31.79 11.64
C SER C 51 -16.62 -30.93 11.04
N VAL C 52 -16.23 -29.98 10.19
CA VAL C 52 -17.18 -29.12 9.51
C VAL C 52 -18.18 -29.95 8.69
N CYS C 53 -17.67 -30.95 7.98
CA CYS C 53 -18.53 -31.83 7.19
C CYS C 53 -19.53 -32.57 8.07
N ARG C 54 -19.10 -32.96 9.27
CA ARG C 54 -19.98 -33.66 10.20
C ARG C 54 -21.10 -32.74 10.69
N SER C 55 -20.73 -31.54 11.12
CA SER C 55 -21.72 -30.57 11.60
C SER C 55 -22.73 -30.24 10.51
N TRP C 56 -22.21 -29.98 9.31
CA TRP C 56 -23.03 -29.66 8.15
C TRP C 56 -23.98 -30.79 7.80
N ALA C 57 -23.48 -32.02 7.81
CA ALA C 57 -24.29 -33.20 7.49
C ALA C 57 -25.38 -33.41 8.53
N ALA C 58 -25.04 -33.17 9.80
CA ALA C 58 -26.00 -33.30 10.89
C ALA C 58 -27.13 -32.29 10.76
N TRP C 59 -26.75 -31.02 10.64
CA TRP C 59 -27.73 -29.94 10.49
C TRP C 59 -28.59 -30.15 9.25
N CYS C 60 -28.00 -30.72 8.20
CA CYS C 60 -28.73 -30.98 6.97
C CYS C 60 -29.74 -32.11 7.14
N LYS C 61 -29.32 -33.17 7.83
CA LYS C 61 -30.21 -34.31 8.06
C LYS C 61 -31.37 -33.90 8.97
N LEU C 62 -31.10 -32.98 9.89
CA LEU C 62 -32.12 -32.49 10.80
C LEU C 62 -33.19 -31.68 10.05
N ASN C 63 -32.74 -30.89 9.08
CA ASN C 63 -33.64 -29.98 8.37
C ASN C 63 -34.02 -30.44 6.97
N ASN C 64 -33.75 -31.71 6.68
CA ASN C 64 -34.10 -32.33 5.39
C ASN C 64 -33.54 -31.56 4.19
N ARG C 65 -32.22 -31.49 4.10
CA ARG C 65 -31.55 -30.81 3.00
C ARG C 65 -30.47 -31.69 2.39
N LYS C 66 -30.31 -31.62 1.07
CA LYS C 66 -29.25 -32.36 0.40
C LYS C 66 -27.89 -31.75 0.76
N TRP C 67 -27.14 -32.46 1.60
CA TRP C 67 -25.90 -31.90 2.15
C TRP C 67 -24.77 -31.82 1.13
N PHE C 68 -24.94 -32.49 0.00
CA PHE C 68 -23.99 -32.37 -1.11
C PHE C 68 -24.63 -32.77 -2.43
N PRO C 69 -24.47 -31.92 -3.46
CA PRO C 69 -23.77 -30.64 -3.44
C PRO C 69 -24.53 -29.56 -2.67
N ALA C 70 -23.82 -28.85 -1.81
CA ALA C 70 -24.41 -27.82 -0.96
C ALA C 70 -24.99 -26.67 -1.76
N GLU C 71 -26.31 -26.50 -1.67
CA GLU C 71 -26.99 -25.39 -2.31
C GLU C 71 -26.72 -24.09 -1.55
N PRO C 72 -26.66 -22.96 -2.27
CA PRO C 72 -26.38 -21.66 -1.64
C PRO C 72 -27.39 -21.27 -0.56
N GLU C 73 -28.66 -21.61 -0.78
CA GLU C 73 -29.71 -21.27 0.17
C GLU C 73 -29.55 -22.05 1.49
N ASP C 74 -29.36 -23.36 1.36
CA ASP C 74 -29.17 -24.22 2.53
C ASP C 74 -27.92 -23.81 3.29
N VAL C 75 -26.86 -23.47 2.56
CA VAL C 75 -25.63 -22.97 3.16
C VAL C 75 -25.92 -21.69 3.93
N ARG C 76 -26.73 -20.81 3.35
CA ARG C 76 -27.14 -19.58 4.00
C ARG C 76 -27.83 -19.85 5.34
N ASP C 77 -28.88 -20.68 5.30
CA ASP C 77 -29.62 -21.03 6.51
C ASP C 77 -28.71 -21.65 7.56
N TYR C 78 -27.76 -22.46 7.11
CA TYR C 78 -26.83 -23.13 8.02
C TYR C 78 -25.86 -22.14 8.68
N LEU C 79 -25.40 -21.15 7.91
CA LEU C 79 -24.51 -20.14 8.45
C LEU C 79 -25.24 -19.27 9.47
N LEU C 80 -26.46 -18.89 9.14
CA LEU C 80 -27.29 -18.13 10.08
C LEU C 80 -27.55 -18.95 11.34
N HIS C 81 -27.69 -20.26 11.18
CA HIS C 81 -27.84 -21.16 12.31
C HIS C 81 -26.60 -21.16 13.19
N LEU C 82 -25.43 -21.25 12.56
CA LEU C 82 -24.16 -21.24 13.29
C LEU C 82 -23.99 -19.91 14.03
N GLN C 83 -24.49 -18.83 13.45
CA GLN C 83 -24.46 -17.54 14.12
C GLN C 83 -25.41 -17.54 15.33
N ALA C 84 -26.56 -18.19 15.17
CA ALA C 84 -27.55 -18.28 16.24
C ALA C 84 -27.03 -19.08 17.42
N ARG C 85 -26.04 -19.93 17.17
CA ARG C 85 -25.44 -20.74 18.23
C ARG C 85 -24.46 -19.94 19.07
N GLY C 86 -24.10 -18.74 18.59
CA GLY C 86 -23.19 -17.87 19.31
C GLY C 86 -21.73 -18.12 18.99
N LEU C 87 -21.45 -18.48 17.74
CA LEU C 87 -20.08 -18.72 17.31
C LEU C 87 -19.46 -17.46 16.72
N ALA C 88 -18.13 -17.37 16.80
CA ALA C 88 -17.42 -16.21 16.29
C ALA C 88 -17.47 -16.15 14.77
N VAL C 89 -17.19 -14.98 14.22
CA VAL C 89 -17.21 -14.77 12.77
C VAL C 89 -16.16 -15.63 12.07
N LYS C 90 -14.99 -15.73 12.69
CA LYS C 90 -13.88 -16.51 12.15
C LYS C 90 -14.23 -17.99 12.04
N THR C 91 -14.98 -18.50 13.02
CA THR C 91 -15.38 -19.90 13.03
C THR C 91 -16.31 -20.21 11.85
N ILE C 92 -17.33 -19.38 11.70
CA ILE C 92 -18.27 -19.51 10.59
C ILE C 92 -17.54 -19.40 9.26
N GLN C 93 -16.60 -18.47 9.19
CA GLN C 93 -15.74 -18.30 8.02
C GLN C 93 -14.96 -19.57 7.73
N GLN C 94 -14.51 -20.24 8.78
CA GLN C 94 -13.76 -21.49 8.66
C GLN C 94 -14.64 -22.60 8.10
N HIS C 95 -15.85 -22.74 8.65
CA HIS C 95 -16.81 -23.71 8.13
C HIS C 95 -17.06 -23.47 6.64
N LEU C 96 -17.35 -22.22 6.30
CA LEU C 96 -17.60 -21.82 4.92
C LEU C 96 -16.41 -22.15 4.02
N CYS C 97 -15.20 -21.93 4.54
CA CYS C 97 -13.98 -22.20 3.78
C CYS C 97 -13.75 -23.69 3.59
N ARG C 98 -14.26 -24.50 4.52
CA ARG C 98 -14.16 -25.95 4.40
C ARG C 98 -15.13 -26.46 3.34
N LEU C 99 -16.35 -25.93 3.35
CA LEU C 99 -17.32 -26.26 2.31
C LEU C 99 -16.80 -25.81 0.94
N ASN C 100 -16.11 -24.67 0.92
CA ASN C 100 -15.47 -24.19 -0.29
C ASN C 100 -14.37 -25.14 -0.74
N MET C 101 -13.60 -25.65 0.22
CA MET C 101 -12.56 -26.62 -0.06
C MET C 101 -13.14 -27.83 -0.76
N LEU C 102 -14.14 -28.44 -0.13
CA LEU C 102 -14.77 -29.63 -0.69
C LEU C 102 -15.38 -29.37 -2.06
N HIS C 103 -16.09 -28.25 -2.20
CA HIS C 103 -16.77 -27.95 -3.46
C HIS C 103 -15.80 -27.66 -4.61
N ARG C 104 -14.71 -26.95 -4.32
CA ARG C 104 -13.73 -26.66 -5.36
C ARG C 104 -12.91 -27.91 -5.69
N ARG C 105 -12.74 -28.79 -4.70
CA ARG C 105 -12.02 -30.04 -4.93
C ARG C 105 -12.87 -31.05 -5.71
N SER C 106 -14.15 -30.71 -5.92
CA SER C 106 -15.05 -31.56 -6.68
C SER C 106 -15.38 -30.95 -8.04
N GLY C 107 -14.84 -29.76 -8.31
CA GLY C 107 -15.09 -29.08 -9.56
C GLY C 107 -16.48 -28.46 -9.62
N LEU C 108 -17.08 -28.31 -8.45
CA LEU C 108 -18.42 -27.74 -8.34
C LEU C 108 -18.33 -26.25 -8.00
N PRO C 109 -19.42 -25.50 -8.25
CA PRO C 109 -19.35 -24.06 -7.94
C PRO C 109 -19.37 -23.76 -6.44
N ARG C 110 -18.30 -23.13 -5.95
CA ARG C 110 -18.17 -22.76 -4.55
C ARG C 110 -19.36 -21.92 -4.08
N PRO C 111 -19.93 -22.28 -2.93
CA PRO C 111 -21.08 -21.58 -2.37
C PRO C 111 -20.79 -20.12 -2.05
N SER C 112 -19.54 -19.80 -1.77
CA SER C 112 -19.13 -18.44 -1.43
C SER C 112 -19.23 -17.49 -2.61
N ASP C 113 -19.39 -18.05 -3.81
CA ASP C 113 -19.44 -17.25 -5.02
C ASP C 113 -20.85 -16.72 -5.29
N SER C 114 -21.85 -17.41 -4.73
CA SER C 114 -23.24 -17.01 -4.92
C SER C 114 -23.59 -15.77 -4.11
N ASN C 115 -24.63 -15.06 -4.53
CA ASN C 115 -25.02 -13.80 -3.90
C ASN C 115 -25.48 -13.96 -2.46
N ALA C 116 -26.36 -14.93 -2.23
CA ALA C 116 -26.96 -15.13 -0.90
C ALA C 116 -25.92 -15.34 0.19
N VAL C 117 -24.99 -16.26 -0.05
CA VAL C 117 -23.96 -16.59 0.92
C VAL C 117 -23.06 -15.39 1.20
N SER C 118 -22.69 -14.66 0.15
CA SER C 118 -21.90 -13.46 0.28
C SER C 118 -22.62 -12.45 1.18
N LEU C 119 -23.90 -12.24 0.90
CA LEU C 119 -24.73 -11.30 1.64
C LEU C 119 -24.84 -11.66 3.11
N VAL C 120 -25.11 -12.92 3.41
CA VAL C 120 -25.27 -13.32 4.81
C VAL C 120 -23.93 -13.40 5.53
N MET C 121 -22.84 -13.52 4.78
CA MET C 121 -21.53 -13.49 5.42
C MET C 121 -21.19 -12.06 5.83
N ARG C 122 -21.43 -11.12 4.90
CA ARG C 122 -21.31 -9.70 5.19
C ARG C 122 -22.18 -9.31 6.38
N ARG C 123 -23.40 -9.83 6.38
CA ARG C 123 -24.38 -9.55 7.42
C ARG C 123 -23.95 -10.09 8.78
N ILE C 124 -23.53 -11.36 8.81
CA ILE C 124 -23.03 -11.98 10.04
C ILE C 124 -21.87 -11.17 10.58
N ARG C 125 -20.99 -10.74 9.68
CA ARG C 125 -19.87 -9.88 10.04
C ARG C 125 -20.33 -8.61 10.75
N LYS C 126 -21.11 -7.79 10.06
CA LYS C 126 -21.58 -6.53 10.62
C LYS C 126 -22.32 -6.70 11.94
N GLU C 127 -23.25 -7.66 11.98
CA GLU C 127 -24.07 -7.88 13.17
C GLU C 127 -23.24 -8.35 14.37
N ASN C 128 -22.34 -9.31 14.14
CA ASN C 128 -21.52 -9.82 15.22
C ASN C 128 -20.50 -8.80 15.73
N VAL C 129 -19.99 -7.97 14.82
CA VAL C 129 -19.09 -6.89 15.23
C VAL C 129 -19.87 -5.86 16.05
N ASP C 130 -21.09 -5.57 15.62
CA ASP C 130 -21.95 -4.66 16.36
C ASP C 130 -22.36 -5.23 17.72
N ALA C 131 -22.33 -6.55 17.82
CA ALA C 131 -22.69 -7.23 19.07
C ALA C 131 -21.68 -6.95 20.18
N GLY C 132 -20.45 -6.64 19.78
CA GLY C 132 -19.39 -6.35 20.73
C GLY C 132 -18.31 -7.40 20.75
N GLU C 133 -18.19 -8.15 19.66
CA GLU C 133 -17.21 -9.21 19.55
C GLU C 133 -15.79 -8.64 19.38
N ARG C 134 -14.82 -9.26 20.06
CA ARG C 134 -13.44 -8.84 19.97
C ARG C 134 -12.50 -10.03 19.81
N THR C 135 -11.42 -9.85 19.06
CA THR C 135 -10.35 -10.85 18.99
C THR C 135 -9.40 -10.63 20.15
N LYS C 136 -9.30 -11.62 21.03
CA LYS C 136 -8.53 -11.48 22.26
C LYS C 136 -7.05 -11.73 22.05
N GLN C 137 -6.22 -10.92 22.70
CA GLN C 137 -4.78 -11.09 22.66
C GLN C 137 -4.32 -12.03 23.78
N ALA C 138 -3.28 -12.81 23.51
CA ALA C 138 -2.72 -13.70 24.51
C ALA C 138 -2.09 -12.89 25.63
N LEU C 139 -2.31 -13.32 26.87
CA LEU C 139 -1.72 -12.63 28.02
C LEU C 139 -0.21 -12.73 27.96
N ALA C 140 0.46 -11.59 27.98
CA ALA C 140 1.90 -11.52 27.77
C ALA C 140 2.69 -12.14 28.91
N PHE C 141 3.72 -12.92 28.56
CA PHE C 141 4.65 -13.48 29.53
C PHE C 141 5.97 -12.74 29.40
N GLU C 142 6.14 -11.69 30.21
CA GLU C 142 7.28 -10.78 30.06
C GLU C 142 8.43 -11.10 31.01
N ARG C 143 9.48 -10.31 30.91
CA ARG C 143 10.70 -10.50 31.69
C ARG C 143 10.44 -10.47 33.20
N THR C 144 9.58 -9.56 33.63
CA THR C 144 9.23 -9.44 35.04
C THR C 144 8.64 -10.74 35.58
N ASP C 145 7.72 -11.32 34.81
CA ASP C 145 7.07 -12.56 35.18
C ASP C 145 8.05 -13.72 35.18
N PHE C 146 8.94 -13.74 34.20
CA PHE C 146 9.96 -14.79 34.09
C PHE C 146 10.93 -14.74 35.26
N ASP C 147 11.24 -13.53 35.72
CA ASP C 147 12.15 -13.34 36.84
C ASP C 147 11.48 -13.64 38.17
N GLN C 148 10.18 -13.36 38.27
CA GLN C 148 9.43 -13.70 39.48
C GLN C 148 9.32 -15.21 39.60
N VAL C 149 8.96 -15.86 38.50
CA VAL C 149 8.90 -17.32 38.43
C VAL C 149 10.26 -17.94 38.76
N ARG C 150 11.32 -17.37 38.19
CA ARG C 150 12.67 -17.85 38.45
C ARG C 150 13.04 -17.67 39.91
N SER C 151 12.52 -16.61 40.52
CA SER C 151 12.77 -16.35 41.94
C SER C 151 12.03 -17.36 42.81
N LEU C 152 10.88 -17.82 42.34
CA LEU C 152 10.11 -18.82 43.07
C LEU C 152 10.75 -20.21 43.02
N MET C 153 11.04 -20.68 41.83
CA MET C 153 11.59 -21.99 41.72
C MET C 153 13.07 -21.85 41.85
N GLU C 154 13.80 -22.14 40.79
CA GLU C 154 15.25 -22.05 40.68
C GLU C 154 16.14 -22.93 41.51
N ASN C 155 15.93 -22.99 42.81
CA ASN C 155 16.74 -23.81 43.67
C ASN C 155 16.09 -25.16 43.88
N SER C 156 14.77 -25.21 43.82
CA SER C 156 14.08 -26.47 44.09
C SER C 156 14.65 -27.61 43.26
N ASP C 157 14.91 -28.74 43.92
CA ASP C 157 15.64 -29.84 43.31
C ASP C 157 14.72 -30.89 42.69
N ARG C 158 13.46 -30.53 42.46
CA ARG C 158 12.52 -31.45 41.83
C ARG C 158 12.65 -31.39 40.31
N CYS C 159 12.50 -32.53 39.66
CA CYS C 159 12.64 -32.63 38.21
C CYS C 159 11.60 -31.76 37.49
N GLN C 160 10.40 -31.71 38.08
CA GLN C 160 9.30 -30.93 37.53
C GLN C 160 9.67 -29.46 37.35
N ASP C 161 10.01 -28.81 38.47
CA ASP C 161 10.32 -27.39 38.47
C ASP C 161 11.50 -27.05 37.55
N ILE C 162 12.51 -27.91 37.55
CA ILE C 162 13.66 -27.75 36.67
C ILE C 162 13.23 -27.77 35.21
N ARG C 163 12.46 -28.80 34.84
CA ARG C 163 11.96 -28.92 33.47
C ARG C 163 11.16 -27.70 33.06
N ASN C 164 10.19 -27.31 33.87
CA ASN C 164 9.32 -26.18 33.55
C ASN C 164 10.09 -24.87 33.45
N LEU C 165 11.07 -24.67 34.34
CA LEU C 165 11.90 -23.48 34.32
C LEU C 165 12.69 -23.42 33.01
N ALA C 166 13.29 -24.55 32.64
CA ALA C 166 14.04 -24.63 31.39
C ALA C 166 13.13 -24.35 30.19
N PHE C 167 11.91 -24.87 30.24
CA PHE C 167 10.95 -24.72 29.15
C PHE C 167 10.52 -23.27 28.97
N LEU C 168 10.17 -22.62 30.08
CA LEU C 168 9.78 -21.20 30.03
C LEU C 168 10.96 -20.36 29.55
N GLY C 169 12.16 -20.75 29.97
CA GLY C 169 13.38 -20.10 29.52
C GLY C 169 13.54 -20.17 28.02
N VAL C 170 13.49 -21.37 27.46
CA VAL C 170 13.63 -21.56 26.02
C VAL C 170 12.52 -20.86 25.24
N ALA C 171 11.29 -20.94 25.76
CA ALA C 171 10.15 -20.30 25.12
C ALA C 171 10.31 -18.78 25.05
N TYR C 172 10.81 -18.19 26.14
CA TYR C 172 11.02 -16.75 26.19
C TYR C 172 12.23 -16.32 25.37
N ASN C 173 13.19 -17.23 25.21
CA ASN C 173 14.44 -16.91 24.53
C ASN C 173 14.32 -17.00 23.01
N THR C 174 13.73 -18.08 22.52
CA THR C 174 13.72 -18.38 21.10
C THR C 174 12.48 -17.86 20.37
N LEU C 175 11.43 -17.55 21.14
CA LEU C 175 10.14 -17.12 20.58
C LEU C 175 9.56 -18.19 19.67
N LEU C 176 9.94 -19.44 19.90
CA LEU C 176 9.44 -20.56 19.11
C LEU C 176 8.03 -20.93 19.53
N ARG C 177 7.27 -21.46 18.58
CA ARG C 177 5.95 -21.99 18.87
C ARG C 177 6.08 -23.35 19.55
N ILE C 178 5.10 -23.69 20.38
CA ILE C 178 5.19 -24.87 21.24
C ILE C 178 5.43 -26.17 20.46
N ALA C 179 4.85 -26.28 19.28
CA ALA C 179 5.00 -27.46 18.44
C ALA C 179 6.44 -27.61 17.97
N GLU C 180 7.13 -26.48 17.83
CA GLU C 180 8.52 -26.49 17.39
C GLU C 180 9.46 -26.76 18.57
N ILE C 181 9.04 -26.37 19.76
CA ILE C 181 9.80 -26.65 20.97
C ILE C 181 9.70 -28.14 21.31
N ALA C 182 8.55 -28.72 20.99
CA ALA C 182 8.32 -30.13 21.28
C ALA C 182 9.17 -31.07 20.40
N ARG C 183 9.53 -30.60 19.22
CA ARG C 183 10.28 -31.44 18.27
C ARG C 183 11.78 -31.39 18.48
N ILE C 184 12.23 -30.59 19.44
CA ILE C 184 13.67 -30.39 19.68
C ILE C 184 14.34 -31.65 20.22
N ARG C 185 15.27 -32.21 19.44
CA ARG C 185 16.04 -33.36 19.88
C ARG C 185 17.37 -32.91 20.48
N VAL C 186 18.07 -33.83 21.13
CA VAL C 186 19.35 -33.52 21.78
C VAL C 186 20.44 -33.24 20.76
N LYS C 187 20.44 -33.97 19.65
CA LYS C 187 21.45 -33.81 18.62
C LYS C 187 21.35 -32.46 17.91
N ASP C 188 20.20 -31.80 18.06
CA ASP C 188 19.99 -30.49 17.45
C ASP C 188 20.60 -29.38 18.29
N ILE C 189 21.00 -29.72 19.51
CA ILE C 189 21.66 -28.77 20.39
C ILE C 189 23.16 -28.70 20.08
N SER C 190 23.66 -27.48 19.87
CA SER C 190 25.08 -27.27 19.65
C SER C 190 25.63 -26.28 20.68
N ARG C 191 26.94 -26.13 20.72
CA ARG C 191 27.57 -25.17 21.62
C ARG C 191 28.54 -24.25 20.89
N THR C 192 28.62 -23.02 21.35
CA THR C 192 29.46 -22.01 20.72
C THR C 192 30.67 -21.69 21.58
N ASP C 193 31.56 -20.83 21.06
CA ASP C 193 32.77 -20.44 21.78
C ASP C 193 32.44 -19.62 23.01
N GLY C 194 31.40 -18.78 22.90
CA GLY C 194 31.02 -17.88 23.97
C GLY C 194 30.44 -18.58 25.19
N GLY C 195 30.14 -19.87 25.05
CA GLY C 195 29.60 -20.63 26.15
C GLY C 195 28.08 -20.64 26.16
N ARG C 196 27.48 -20.33 25.02
CA ARG C 196 26.03 -20.32 24.89
C ARG C 196 25.54 -21.55 24.14
N MET C 197 24.22 -21.70 24.05
CA MET C 197 23.62 -22.83 23.37
C MET C 197 23.06 -22.42 22.01
N LEU C 198 23.28 -23.28 21.02
CA LEU C 198 22.77 -23.04 19.67
C LEU C 198 21.80 -24.13 19.26
N ILE C 199 20.52 -23.88 19.45
CA ILE C 199 19.48 -24.83 19.06
C ILE C 199 19.18 -24.75 17.58
N HIS C 200 19.58 -25.78 16.85
CA HIS C 200 19.27 -25.88 15.43
C HIS C 200 17.90 -26.50 15.24
N ILE C 201 17.03 -25.83 14.48
CA ILE C 201 15.72 -26.37 14.19
C ILE C 201 15.86 -27.56 13.26
N GLY C 202 15.46 -28.73 13.74
CA GLY C 202 15.59 -29.97 12.98
C GLY C 202 14.73 -29.95 11.73
N ARG C 203 13.42 -30.00 11.93
CA ARG C 203 12.49 -29.94 10.80
C ARG C 203 11.49 -28.81 10.96
N THR C 204 11.60 -27.79 10.12
CA THR C 204 10.56 -26.78 10.04
C THR C 204 9.46 -27.33 9.13
N LYS C 205 8.25 -26.86 9.33
CA LYS C 205 7.10 -27.35 8.56
C LYS C 205 7.10 -26.81 7.13
N THR C 206 7.98 -25.86 6.86
CA THR C 206 7.97 -25.16 5.57
C THR C 206 9.28 -25.26 4.81
N LEU C 207 9.33 -24.59 3.66
CA LEU C 207 10.52 -24.58 2.81
C LEU C 207 11.39 -23.39 3.15
N VAL C 208 10.77 -22.33 3.65
CA VAL C 208 11.49 -21.13 4.06
C VAL C 208 11.14 -20.73 5.49
N SER C 209 12.15 -20.55 6.32
CA SER C 209 11.94 -20.13 7.71
C SER C 209 12.43 -18.70 7.93
N THR C 210 11.49 -17.76 8.00
CA THR C 210 11.81 -16.35 8.20
C THR C 210 12.41 -16.12 9.59
N ALA C 211 11.92 -16.86 10.57
CA ALA C 211 12.41 -16.75 11.94
C ALA C 211 13.86 -17.21 12.06
N GLY C 212 14.32 -17.98 11.09
CA GLY C 212 15.65 -18.54 11.11
C GLY C 212 15.62 -19.98 11.58
N VAL C 213 16.63 -20.75 11.20
CA VAL C 213 16.69 -22.16 11.57
C VAL C 213 17.76 -22.42 12.61
N GLU C 214 18.35 -21.35 13.13
CA GLU C 214 19.38 -21.46 14.15
C GLU C 214 19.13 -20.48 15.29
N LYS C 215 18.48 -20.96 16.35
CA LYS C 215 18.20 -20.13 17.52
C LYS C 215 19.35 -20.20 18.51
N ALA C 216 19.48 -19.17 19.35
CA ALA C 216 20.56 -19.13 20.34
C ALA C 216 20.01 -18.77 21.73
N LEU C 217 20.70 -19.22 22.76
CA LEU C 217 20.27 -18.98 24.14
C LEU C 217 21.29 -18.17 24.92
N SER C 218 20.82 -17.41 25.90
CA SER C 218 21.72 -16.65 26.76
C SER C 218 22.38 -17.58 27.76
N LEU C 219 23.27 -17.03 28.59
CA LEU C 219 24.06 -17.85 29.52
C LEU C 219 23.21 -18.49 30.61
N GLY C 220 22.30 -17.73 31.21
CA GLY C 220 21.43 -18.25 32.25
C GLY C 220 20.48 -19.30 31.71
N VAL C 221 19.89 -19.02 30.54
CA VAL C 221 19.04 -19.98 29.87
C VAL C 221 19.83 -21.24 29.56
N THR C 222 21.08 -21.04 29.13
CA THR C 222 21.98 -22.16 28.85
C THR C 222 22.20 -23.05 30.06
N LYS C 223 22.55 -22.44 31.19
CA LYS C 223 22.84 -23.23 32.39
C LYS C 223 21.58 -23.92 32.93
N LEU C 224 20.44 -23.28 32.76
CA LEU C 224 19.17 -23.89 33.16
C LEU C 224 18.86 -25.13 32.31
N VAL C 225 18.88 -24.94 30.99
CA VAL C 225 18.62 -26.02 30.05
C VAL C 225 19.58 -27.18 30.26
N GLU C 226 20.86 -26.88 30.44
CA GLU C 226 21.86 -27.93 30.61
C GLU C 226 21.73 -28.57 31.99
N ARG C 227 21.13 -27.86 32.94
CA ARG C 227 20.80 -28.47 34.22
C ARG C 227 19.71 -29.52 34.01
N TRP C 228 18.71 -29.17 33.20
CA TRP C 228 17.67 -30.13 32.84
C TRP C 228 18.25 -31.35 32.13
N ILE C 229 19.08 -31.10 31.13
CA ILE C 229 19.71 -32.17 30.36
C ILE C 229 20.55 -33.08 31.26
N SER C 230 21.24 -32.47 32.21
CA SER C 230 22.10 -33.22 33.13
C SER C 230 21.30 -34.07 34.10
N VAL C 231 20.21 -33.53 34.63
CA VAL C 231 19.47 -34.20 35.69
C VAL C 231 18.37 -35.14 35.17
N SER C 232 18.05 -35.04 33.87
CA SER C 232 17.00 -35.87 33.29
C SER C 232 17.55 -37.12 32.62
N GLY C 233 18.82 -37.06 32.22
CA GLY C 233 19.47 -38.20 31.58
C GLY C 233 19.08 -38.36 30.12
N VAL C 234 18.58 -37.28 29.53
CA VAL C 234 18.18 -37.29 28.12
C VAL C 234 19.40 -37.23 27.20
N ALA C 235 20.56 -36.94 27.79
CA ALA C 235 21.81 -36.86 27.03
C ALA C 235 22.32 -38.23 26.64
N ASP C 236 21.68 -39.27 27.16
CA ASP C 236 22.03 -40.65 26.84
C ASP C 236 21.93 -40.91 25.33
N ASP C 237 20.84 -40.43 24.74
CA ASP C 237 20.61 -40.60 23.32
C ASP C 237 20.54 -39.25 22.62
N PRO C 238 21.41 -39.02 21.62
CA PRO C 238 21.35 -37.79 20.83
C PRO C 238 20.02 -37.64 20.12
N ASN C 239 19.31 -38.74 19.90
CA ASN C 239 18.02 -38.72 19.22
C ASN C 239 16.86 -38.43 20.16
N ASN C 240 17.13 -38.42 21.47
CA ASN C 240 16.11 -38.10 22.46
C ASN C 240 15.61 -36.66 22.32
N TYR C 241 14.31 -36.48 22.50
CA TYR C 241 13.74 -35.13 22.53
C TYR C 241 14.23 -34.41 23.78
N LEU C 242 14.42 -33.10 23.66
CA LEU C 242 14.97 -32.30 24.75
C LEU C 242 14.07 -32.36 25.98
N PHE C 243 12.81 -31.98 25.81
CA PHE C 243 11.84 -32.03 26.89
C PHE C 243 11.04 -33.33 26.83
N CYS C 244 10.90 -33.99 27.97
CA CYS C 244 10.21 -35.27 28.03
C CYS C 244 9.17 -35.30 29.15
N ARG C 245 8.41 -36.40 29.19
CA ARG C 245 7.36 -36.57 30.20
C ARG C 245 7.96 -36.84 31.58
N VAL C 246 7.45 -36.14 32.59
CA VAL C 246 7.88 -36.36 33.96
C VAL C 246 6.78 -37.06 34.75
N ARG C 247 7.13 -38.20 35.35
CA ARG C 247 6.17 -39.00 36.09
C ARG C 247 6.27 -38.78 37.58
N ARG C 248 5.24 -39.23 38.29
CA ARG C 248 5.11 -39.11 39.75
C ARG C 248 6.42 -39.38 40.48
N TYR C 249 6.69 -38.57 41.51
CA TYR C 249 7.90 -38.65 42.33
C TYR C 249 9.16 -38.30 41.52
N GLY C 250 8.96 -37.66 40.37
CA GLY C 250 10.06 -37.12 39.58
C GLY C 250 10.80 -38.11 38.71
N VAL C 251 10.07 -39.04 38.11
CA VAL C 251 10.69 -40.02 37.21
C VAL C 251 10.68 -39.54 35.78
N ALA C 252 11.83 -39.07 35.30
CA ALA C 252 11.96 -38.61 33.92
C ALA C 252 11.79 -39.77 32.95
N ALA C 253 11.11 -39.51 31.84
CA ALA C 253 10.88 -40.55 30.84
C ALA C 253 11.44 -40.14 29.47
N PRO C 254 12.77 -40.21 29.31
CA PRO C 254 13.40 -39.86 28.04
C PRO C 254 12.99 -40.79 26.91
N SER C 255 12.52 -40.22 25.81
CA SER C 255 12.08 -41.00 24.66
C SER C 255 12.56 -40.36 23.35
N ALA C 256 12.90 -41.20 22.39
CA ALA C 256 13.36 -40.72 21.09
C ALA C 256 12.24 -40.72 20.06
N THR C 257 11.09 -41.27 20.45
CA THR C 257 9.97 -41.39 19.52
C THR C 257 8.71 -40.68 20.02
N SER C 258 8.36 -40.88 21.29
CA SER C 258 7.15 -40.30 21.83
C SER C 258 7.35 -38.87 22.28
N GLN C 259 6.89 -37.94 21.43
CA GLN C 259 7.04 -36.51 21.64
C GLN C 259 6.10 -35.98 22.73
N LEU C 260 6.58 -35.02 23.51
CA LEU C 260 5.74 -34.39 24.53
C LEU C 260 4.65 -33.57 23.84
N SER C 261 3.39 -33.80 24.25
CA SER C 261 2.26 -33.16 23.60
C SER C 261 2.20 -31.67 23.87
N THR C 262 1.50 -30.94 22.99
CA THR C 262 1.40 -29.49 23.10
C THR C 262 0.52 -29.07 24.27
N TYR C 263 -0.53 -29.84 24.55
CA TYR C 263 -1.47 -29.49 25.60
C TYR C 263 -0.81 -29.52 26.98
N ALA C 264 0.11 -30.45 27.18
CA ALA C 264 0.87 -30.50 28.43
C ALA C 264 1.84 -29.33 28.48
N LEU C 265 2.33 -28.96 27.30
CA LEU C 265 3.28 -27.87 27.17
C LEU C 265 2.66 -26.52 27.54
N GLN C 266 1.35 -26.38 27.28
CA GLN C 266 0.64 -25.18 27.68
C GLN C 266 0.08 -25.34 29.10
N ARG C 267 -0.11 -26.59 29.50
CA ARG C 267 -0.48 -26.90 30.89
C ARG C 267 0.61 -26.39 31.81
N ILE C 268 1.86 -26.49 31.36
CA ILE C 268 2.99 -25.91 32.09
C ILE C 268 2.76 -24.42 32.31
N PHE C 269 2.43 -23.72 31.24
CA PHE C 269 2.18 -22.28 31.29
C PHE C 269 1.08 -21.91 32.27
N GLU C 270 -0.11 -22.50 32.11
CA GLU C 270 -1.24 -22.10 32.93
C GLU C 270 -1.11 -22.57 34.37
N ALA C 271 -0.41 -23.67 34.60
CA ALA C 271 -0.17 -24.15 35.96
C ALA C 271 0.83 -23.23 36.66
N THR C 272 1.79 -22.72 35.89
CA THR C 272 2.73 -21.74 36.41
C THR C 272 1.97 -20.47 36.78
N HIS C 273 1.05 -20.07 35.90
CA HIS C 273 0.23 -18.88 36.13
C HIS C 273 -0.64 -19.06 37.37
N ARG C 274 -1.05 -20.31 37.63
CA ARG C 274 -1.79 -20.63 38.84
C ARG C 274 -0.90 -20.52 40.07
N LEU C 275 0.34 -20.99 39.94
CA LEU C 275 1.31 -20.96 41.02
C LEU C 275 1.64 -19.53 41.42
N ILE C 276 1.69 -18.64 40.44
CA ILE C 276 1.96 -17.23 40.72
C ILE C 276 0.71 -16.50 41.20
N TYR C 277 -0.30 -16.44 40.34
CA TYR C 277 -1.53 -15.72 40.65
C TYR C 277 -2.54 -16.63 41.34
N GLY C 278 -3.82 -16.42 41.05
CA GLY C 278 -4.87 -17.22 41.66
C GLY C 278 -5.20 -18.46 40.86
N ALA C 279 -6.49 -18.71 40.68
CA ALA C 279 -6.96 -19.81 39.83
C ALA C 279 -7.88 -19.26 38.75
N LYS C 280 -7.86 -19.89 37.58
CA LYS C 280 -8.60 -19.39 36.42
C LYS C 280 -10.09 -19.24 36.72
N ASP C 281 -10.55 -17.99 36.79
CA ASP C 281 -11.94 -17.69 37.10
C ASP C 281 -12.89 -18.24 36.05
N ASP C 282 -13.95 -18.90 36.51
CA ASP C 282 -14.90 -19.56 35.62
C ASP C 282 -15.73 -18.55 34.83
N SER C 283 -15.28 -18.26 33.62
CA SER C 283 -15.98 -17.33 32.73
C SER C 283 -16.11 -17.91 31.34
N GLY C 284 -15.41 -19.02 31.09
CA GLY C 284 -15.43 -19.66 29.79
C GLY C 284 -14.69 -18.85 28.74
N GLN C 285 -13.73 -18.05 29.18
CA GLN C 285 -12.96 -17.21 28.29
C GLN C 285 -11.55 -17.73 28.09
N ARG C 286 -10.86 -17.19 27.09
CA ARG C 286 -9.49 -17.58 26.81
C ARG C 286 -8.52 -16.51 27.30
N TYR C 287 -7.25 -16.90 27.39
CA TYR C 287 -6.17 -15.98 27.74
C TYR C 287 -6.37 -15.30 29.10
N LEU C 288 -7.06 -15.97 30.00
CA LEU C 288 -7.12 -15.54 31.39
C LEU C 288 -5.84 -15.98 32.08
N ALA C 289 -5.21 -17.00 31.51
CA ALA C 289 -3.91 -17.48 31.97
C ALA C 289 -2.92 -17.43 30.83
N TRP C 290 -1.67 -17.80 31.12
CA TRP C 290 -0.65 -17.87 30.08
C TRP C 290 -0.87 -19.08 29.20
N SER C 291 -0.55 -18.95 27.92
CA SER C 291 -0.64 -20.06 26.99
C SER C 291 0.62 -20.13 26.13
N GLY C 292 0.52 -20.82 24.99
CA GLY C 292 1.67 -21.01 24.13
C GLY C 292 2.16 -19.75 23.45
N HIS C 293 1.29 -18.74 23.37
CA HIS C 293 1.61 -17.49 22.68
C HIS C 293 2.19 -16.44 23.62
N SER C 294 2.09 -16.69 24.91
CA SER C 294 2.49 -15.73 25.93
C SER C 294 3.95 -15.28 25.82
N ALA C 295 4.83 -16.24 25.57
CA ALA C 295 6.27 -15.97 25.49
C ALA C 295 6.61 -15.02 24.36
N ARG C 296 6.03 -15.25 23.18
CA ARG C 296 6.31 -14.46 21.99
C ARG C 296 5.79 -13.03 22.14
N VAL C 297 4.56 -12.90 22.63
CA VAL C 297 3.96 -11.59 22.87
C VAL C 297 4.77 -10.81 23.90
N GLY C 298 5.06 -11.45 25.03
CA GLY C 298 5.85 -10.82 26.07
C GLY C 298 7.22 -10.39 25.60
N ALA C 299 7.84 -11.22 24.77
CA ALA C 299 9.17 -10.93 24.23
C ALA C 299 9.13 -9.74 23.27
N ALA C 300 8.13 -9.72 22.40
CA ALA C 300 7.97 -8.62 21.45
C ALA C 300 7.73 -7.31 22.20
N ARG C 301 6.93 -7.38 23.26
CA ARG C 301 6.68 -6.21 24.09
C ARG C 301 7.95 -5.75 24.80
N ASP C 302 8.75 -6.69 25.27
CA ASP C 302 10.00 -6.38 25.95
C ASP C 302 11.01 -5.74 25.00
N MET C 303 11.02 -6.20 23.75
CA MET C 303 11.94 -5.67 22.75
C MET C 303 11.52 -4.29 22.28
N ALA C 304 10.21 -4.10 22.11
CA ALA C 304 9.69 -2.78 21.74
C ALA C 304 9.94 -1.79 22.88
N ARG C 305 9.86 -2.28 24.11
CA ARG C 305 10.14 -1.48 25.29
C ARG C 305 11.63 -1.13 25.36
N ALA C 306 12.47 -2.08 24.96
CA ALA C 306 13.91 -1.90 25.03
C ALA C 306 14.43 -1.01 23.90
N GLY C 307 13.56 -0.74 22.92
CA GLY C 307 13.91 0.15 21.83
C GLY C 307 14.31 -0.58 20.56
N VAL C 308 14.17 -1.91 20.58
CA VAL C 308 14.52 -2.73 19.43
C VAL C 308 13.57 -2.45 18.26
N SER C 309 14.13 -2.30 17.07
CA SER C 309 13.36 -1.91 15.89
C SER C 309 12.41 -3.01 15.42
N ILE C 310 11.42 -2.61 14.62
CA ILE C 310 10.42 -3.52 14.09
C ILE C 310 11.00 -4.67 13.22
N PRO C 311 11.96 -4.38 12.32
CA PRO C 311 12.51 -5.50 11.55
C PRO C 311 13.16 -6.56 12.43
N GLU C 312 13.95 -6.12 13.40
CA GLU C 312 14.61 -7.02 14.35
C GLU C 312 13.61 -7.91 15.08
N ILE C 313 12.51 -7.30 15.53
CA ILE C 313 11.46 -8.03 16.23
C ILE C 313 10.80 -9.05 15.31
N MET C 314 10.39 -8.59 14.13
CA MET C 314 9.72 -9.44 13.15
C MET C 314 10.58 -10.63 12.75
N GLN C 315 11.90 -10.44 12.71
CA GLN C 315 12.81 -11.53 12.39
C GLN C 315 13.02 -12.44 13.59
N ALA C 316 13.00 -11.84 14.78
CA ALA C 316 13.19 -12.60 16.02
C ALA C 316 12.02 -13.54 16.28
N GLY C 317 10.83 -13.12 15.86
CA GLY C 317 9.64 -13.94 16.04
C GLY C 317 9.28 -14.73 14.81
N GLY C 318 9.53 -14.16 13.64
CA GLY C 318 9.21 -14.81 12.39
C GLY C 318 7.99 -14.20 11.73
N TRP C 319 7.53 -13.08 12.28
CA TRP C 319 6.38 -12.36 11.72
C TRP C 319 6.77 -11.67 10.42
N THR C 320 5.82 -11.62 9.47
CA THR C 320 6.10 -11.09 8.15
C THR C 320 5.25 -9.87 7.79
N THR C 321 4.54 -9.34 8.77
CA THR C 321 3.77 -8.12 8.59
C THR C 321 3.90 -7.19 9.79
N VAL C 322 4.06 -5.90 9.52
CA VAL C 322 4.32 -4.91 10.56
C VAL C 322 3.17 -4.76 11.55
N ASN C 323 1.94 -4.73 11.03
CA ASN C 323 0.75 -4.51 11.85
C ASN C 323 0.57 -5.59 12.91
N SER C 324 0.91 -6.82 12.57
CA SER C 324 0.79 -7.95 13.48
C SER C 324 1.65 -7.75 14.73
N VAL C 325 2.85 -7.19 14.54
CA VAL C 325 3.73 -6.90 15.65
C VAL C 325 3.28 -5.63 16.38
N MET C 326 2.77 -4.67 15.60
CA MET C 326 2.26 -3.43 16.17
C MET C 326 1.10 -3.68 17.13
N ASN C 327 0.34 -4.74 16.88
CA ASN C 327 -0.79 -5.10 17.73
C ASN C 327 -0.36 -5.49 19.15
N PHE C 328 0.82 -6.09 19.26
CA PHE C 328 1.32 -6.56 20.56
C PHE C 328 1.65 -5.41 21.50
N ILE C 329 1.98 -4.26 20.92
CA ILE C 329 2.45 -3.13 21.71
C ILE C 329 1.58 -1.90 21.54
N ARG C 330 0.31 -2.12 21.19
CA ARG C 330 -0.61 -1.02 20.94
C ARG C 330 -1.02 -0.30 22.23
N ASN C 331 -0.65 -0.88 23.37
CA ASN C 331 -0.98 -0.29 24.66
C ASN C 331 0.23 0.32 25.35
N LEU C 332 1.35 0.40 24.64
CA LEU C 332 2.55 1.00 25.18
C LEU C 332 2.49 2.52 25.06
N ASP C 333 3.36 3.20 25.80
CA ASP C 333 3.38 4.66 25.80
C ASP C 333 4.19 5.22 24.63
N SER C 334 5.23 4.49 24.24
CA SER C 334 6.10 4.91 23.15
C SER C 334 5.35 4.89 21.82
N GLU C 335 4.25 4.16 21.76
CA GLU C 335 3.43 4.08 20.56
C GLU C 335 1.99 4.51 20.85
N THR C 336 1.80 5.81 21.09
CA THR C 336 0.47 6.34 21.41
C THR C 336 -0.02 7.33 20.36
N GLY C 337 0.65 7.39 19.22
CA GLY C 337 0.22 8.29 18.15
C GLY C 337 0.78 9.69 18.29
N ALA C 338 0.42 10.55 17.34
CA ALA C 338 0.97 11.90 17.28
C ALA C 338 0.14 12.91 18.08
N MET C 339 -1.17 12.70 18.12
CA MET C 339 -2.08 13.61 18.82
C MET C 339 -1.76 13.72 20.29
N VAL C 340 -1.26 12.63 20.87
CA VAL C 340 -0.86 12.64 22.28
C VAL C 340 0.34 13.56 22.49
N ARG C 341 1.34 13.44 21.61
CA ARG C 341 2.51 14.31 21.67
C ARG C 341 2.13 15.77 21.43
N LEU C 342 1.15 15.99 20.56
CA LEU C 342 0.68 17.33 20.26
C LEU C 342 -0.05 17.96 21.44
N LEU C 343 -0.84 17.16 22.14
CA LEU C 343 -1.67 17.67 23.24
C LEU C 343 -0.90 17.78 24.55
N GLU C 344 0.00 16.85 24.81
CA GLU C 344 0.82 16.90 26.02
C GLU C 344 1.81 18.06 25.93
N ASP C 345 1.28 19.28 25.90
CA ASP C 345 2.08 20.48 25.72
C ASP C 345 1.27 21.73 26.06
N GLU D 26 -6.43 -22.00 -33.35
CA GLU D 26 -6.34 -21.02 -32.27
C GLU D 26 -5.16 -21.31 -31.36
N VAL D 27 -4.94 -22.59 -31.08
CA VAL D 27 -3.83 -23.01 -30.22
C VAL D 27 -2.60 -23.38 -31.04
N ARG D 28 -2.36 -22.63 -32.10
CA ARG D 28 -1.21 -22.87 -32.97
C ARG D 28 -0.79 -21.53 -33.54
N LYS D 29 -1.77 -20.74 -33.95
CA LYS D 29 -1.54 -19.41 -34.47
C LYS D 29 -1.95 -18.38 -33.43
N ASN D 30 -1.63 -18.72 -32.18
CA ASN D 30 -1.83 -17.94 -30.98
C ASN D 30 -0.43 -17.81 -30.44
N LEU D 31 0.26 -18.93 -30.29
CA LEU D 31 1.62 -18.94 -29.82
C LEU D 31 2.48 -18.08 -30.72
N MET D 32 2.36 -18.25 -32.03
CA MET D 32 3.16 -17.44 -32.91
C MET D 32 2.72 -16.02 -32.71
N ASP D 33 1.62 -15.84 -32.01
CA ASP D 33 1.15 -14.50 -31.67
C ASP D 33 1.90 -13.99 -30.45
N VAL D 34 2.13 -14.90 -29.50
CA VAL D 34 2.92 -14.59 -28.32
C VAL D 34 4.40 -14.55 -28.68
N PHE D 35 4.80 -15.45 -29.57
CA PHE D 35 6.19 -15.51 -30.03
C PHE D 35 6.55 -14.28 -30.85
N ARG D 36 5.54 -13.71 -31.52
CA ARG D 36 5.72 -12.50 -32.33
C ARG D 36 6.36 -11.39 -31.51
N ASP D 37 5.79 -11.14 -30.33
CA ASP D 37 6.33 -10.14 -29.42
C ASP D 37 7.20 -10.81 -28.37
N ARG D 38 8.36 -11.30 -28.80
CA ARG D 38 9.31 -11.94 -27.90
C ARG D 38 9.81 -11.01 -26.78
N PRO D 39 10.13 -9.74 -27.11
CA PRO D 39 10.58 -8.88 -26.00
C PRO D 39 9.48 -8.44 -25.03
N ALA D 40 8.26 -8.93 -25.21
CA ALA D 40 7.18 -8.63 -24.27
C ALA D 40 7.45 -9.35 -22.95
N PHE D 41 7.98 -10.57 -23.05
CA PHE D 41 8.42 -11.30 -21.88
C PHE D 41 9.95 -11.25 -21.79
N SER D 42 10.50 -11.69 -20.67
CA SER D 42 11.94 -11.69 -20.47
C SER D 42 12.62 -12.70 -21.38
N GLU D 43 13.94 -12.58 -21.52
CA GLU D 43 14.71 -13.53 -22.32
C GLU D 43 14.87 -14.85 -21.56
N HIS D 44 15.13 -14.75 -20.26
CA HIS D 44 15.32 -15.93 -19.42
C HIS D 44 14.04 -16.75 -19.33
N THR D 45 12.90 -16.08 -19.44
CA THR D 45 11.60 -16.75 -19.48
C THR D 45 11.50 -17.63 -20.72
N TRP D 46 11.87 -17.05 -21.87
CA TRP D 46 11.82 -17.76 -23.13
C TRP D 46 12.91 -18.83 -23.23
N GLU D 47 13.93 -18.73 -22.38
CA GLU D 47 14.94 -19.76 -22.30
C GLU D 47 14.43 -20.95 -21.48
N MET D 48 13.93 -20.65 -20.29
CA MET D 48 13.45 -21.68 -19.38
C MET D 48 12.22 -22.41 -19.91
N LEU D 49 11.37 -21.69 -20.65
CA LEU D 49 10.21 -22.31 -21.28
C LEU D 49 10.63 -23.39 -22.27
N LEU D 50 11.53 -23.02 -23.17
CA LEU D 50 12.06 -23.93 -24.18
C LEU D 50 12.80 -25.10 -23.52
N SER D 51 13.51 -24.81 -22.43
CA SER D 51 14.24 -25.85 -21.69
C SER D 51 13.30 -26.89 -21.09
N VAL D 52 12.31 -26.40 -20.34
CA VAL D 52 11.33 -27.25 -19.69
C VAL D 52 10.57 -28.06 -20.74
N CYS D 53 10.22 -27.42 -21.85
CA CYS D 53 9.55 -28.12 -22.94
C CYS D 53 10.44 -29.19 -23.55
N ARG D 54 11.75 -28.94 -23.56
CA ARG D 54 12.71 -29.91 -24.08
C ARG D 54 12.75 -31.15 -23.18
N SER D 55 12.88 -30.93 -21.88
CA SER D 55 12.88 -32.02 -20.91
C SER D 55 11.59 -32.83 -20.96
N TRP D 56 10.47 -32.11 -20.95
CA TRP D 56 9.14 -32.70 -21.02
C TRP D 56 8.98 -33.55 -22.28
N ALA D 57 9.42 -33.03 -23.42
CA ALA D 57 9.35 -33.75 -24.68
C ALA D 57 10.21 -35.01 -24.63
N ALA D 58 11.40 -34.90 -24.06
CA ALA D 58 12.30 -36.05 -23.94
C ALA D 58 11.66 -37.17 -23.12
N TRP D 59 11.17 -36.80 -21.93
CA TRP D 59 10.51 -37.76 -21.05
C TRP D 59 9.28 -38.36 -21.69
N CYS D 60 8.60 -37.58 -22.52
CA CYS D 60 7.40 -38.06 -23.20
C CYS D 60 7.73 -39.04 -24.32
N LYS D 61 8.84 -38.82 -25.01
CA LYS D 61 9.26 -39.71 -26.08
C LYS D 61 9.87 -40.98 -25.51
N LEU D 62 10.40 -40.89 -24.29
CA LEU D 62 11.01 -42.05 -23.65
C LEU D 62 9.97 -43.01 -23.08
N ASN D 63 8.82 -42.47 -22.69
CA ASN D 63 7.77 -43.28 -22.07
C ASN D 63 6.54 -43.48 -22.96
N ASN D 64 6.71 -43.25 -24.26
CA ASN D 64 5.64 -43.47 -25.24
C ASN D 64 4.37 -42.68 -24.92
N ARG D 65 4.51 -41.38 -24.68
CA ARG D 65 3.37 -40.54 -24.33
C ARG D 65 3.37 -39.25 -25.16
N LYS D 66 2.18 -38.86 -25.62
CA LYS D 66 2.03 -37.60 -26.35
C LYS D 66 2.26 -36.43 -25.41
N TRP D 67 2.84 -35.35 -25.93
CA TRP D 67 3.29 -34.26 -25.08
C TRP D 67 2.47 -32.98 -25.22
N PHE D 68 1.52 -32.97 -26.15
CA PHE D 68 0.64 -31.82 -26.33
C PHE D 68 -0.71 -32.22 -26.90
N PRO D 69 -1.80 -31.86 -26.19
CA PRO D 69 -1.78 -31.18 -24.89
C PRO D 69 -1.40 -32.12 -23.74
N ALA D 70 -0.73 -31.58 -22.73
CA ALA D 70 -0.29 -32.39 -21.60
C ALA D 70 -1.48 -32.85 -20.76
N GLU D 71 -1.63 -34.17 -20.67
CA GLU D 71 -2.71 -34.76 -19.89
C GLU D 71 -2.28 -34.91 -18.43
N PRO D 72 -3.19 -34.58 -17.48
CA PRO D 72 -2.93 -34.52 -16.04
C PRO D 72 -2.18 -35.72 -15.46
N GLU D 73 -2.52 -36.93 -15.90
CA GLU D 73 -1.88 -38.13 -15.37
C GLU D 73 -0.41 -38.21 -15.78
N ASP D 74 -0.13 -37.93 -17.05
CA ASP D 74 1.23 -37.92 -17.56
C ASP D 74 2.07 -36.88 -16.84
N VAL D 75 1.49 -35.70 -16.63
CA VAL D 75 2.15 -34.64 -15.89
C VAL D 75 2.43 -35.09 -14.45
N ARG D 76 1.49 -35.82 -13.87
CA ARG D 76 1.65 -36.34 -12.51
C ARG D 76 2.84 -37.28 -12.43
N ASP D 77 2.87 -38.28 -13.31
CA ASP D 77 3.97 -39.24 -13.34
C ASP D 77 5.30 -38.55 -13.62
N TYR D 78 5.26 -37.49 -14.43
CA TYR D 78 6.46 -36.75 -14.78
C TYR D 78 7.04 -35.99 -13.58
N LEU D 79 6.18 -35.25 -12.88
CA LEU D 79 6.59 -34.51 -11.70
C LEU D 79 7.08 -35.48 -10.63
N LEU D 80 6.40 -36.63 -10.53
CA LEU D 80 6.83 -37.70 -9.63
C LEU D 80 8.24 -38.17 -9.99
N HIS D 81 8.50 -38.28 -11.30
CA HIS D 81 9.83 -38.69 -11.77
C HIS D 81 10.89 -37.67 -11.36
N LEU D 82 10.61 -36.40 -11.60
CA LEU D 82 11.50 -35.32 -11.22
C LEU D 82 11.78 -35.30 -9.72
N GLN D 83 10.77 -35.65 -8.93
CA GLN D 83 10.95 -35.77 -7.49
C GLN D 83 11.88 -36.93 -7.16
N ALA D 84 11.64 -38.06 -7.82
CA ALA D 84 12.43 -39.27 -7.58
C ALA D 84 13.90 -39.10 -7.96
N ARG D 85 14.15 -38.25 -8.96
CA ARG D 85 15.52 -37.99 -9.40
C ARG D 85 16.37 -37.35 -8.30
N GLY D 86 15.81 -36.34 -7.65
CA GLY D 86 16.50 -35.65 -6.58
C GLY D 86 16.45 -34.14 -6.73
N LEU D 87 15.57 -33.67 -7.62
CA LEU D 87 15.41 -32.25 -7.85
C LEU D 87 14.69 -31.57 -6.69
N ALA D 88 14.94 -30.27 -6.53
CA ALA D 88 14.30 -29.50 -5.46
C ALA D 88 12.82 -29.29 -5.74
N VAL D 89 12.10 -28.81 -4.74
CA VAL D 89 10.66 -28.59 -4.86
C VAL D 89 10.35 -27.44 -5.81
N LYS D 90 11.06 -26.35 -5.59
CA LYS D 90 10.88 -25.14 -6.34
C LYS D 90 11.26 -25.23 -7.79
N THR D 91 12.06 -26.21 -8.16
CA THR D 91 12.42 -26.55 -9.52
C THR D 91 11.26 -27.26 -10.24
N ILE D 92 10.71 -28.27 -9.57
CA ILE D 92 9.57 -29.01 -10.09
C ILE D 92 8.37 -28.07 -10.27
N GLN D 93 8.11 -27.28 -9.25
CA GLN D 93 7.07 -26.26 -9.29
C GLN D 93 7.32 -25.32 -10.49
N GLN D 94 8.60 -25.11 -10.81
CA GLN D 94 8.95 -24.26 -11.95
C GLN D 94 8.60 -24.92 -13.28
N HIS D 95 8.90 -26.20 -13.43
CA HIS D 95 8.46 -26.91 -14.63
C HIS D 95 6.94 -26.89 -14.79
N LEU D 96 6.23 -27.17 -13.71
CA LEU D 96 4.77 -27.15 -13.74
C LEU D 96 4.27 -25.77 -14.14
N CYS D 97 4.95 -24.73 -13.65
CA CYS D 97 4.60 -23.36 -14.02
C CYS D 97 4.86 -23.07 -15.49
N ARG D 98 5.93 -23.65 -16.04
CA ARG D 98 6.26 -23.44 -17.44
C ARG D 98 5.26 -24.14 -18.36
N LEU D 99 4.79 -25.31 -17.94
CA LEU D 99 3.73 -26.00 -18.65
C LEU D 99 2.44 -25.20 -18.57
N ASN D 100 2.19 -24.62 -17.39
CA ASN D 100 1.06 -23.73 -17.19
C ASN D 100 1.09 -22.57 -18.18
N MET D 101 2.25 -21.93 -18.30
CA MET D 101 2.40 -20.79 -19.21
C MET D 101 2.23 -21.24 -20.66
N LEU D 102 2.85 -22.36 -21.01
CA LEU D 102 2.76 -22.92 -22.36
C LEU D 102 1.31 -23.15 -22.77
N HIS D 103 0.53 -23.73 -21.87
CA HIS D 103 -0.86 -24.04 -22.18
C HIS D 103 -1.75 -22.79 -22.17
N ARG D 104 -1.63 -21.98 -21.12
CA ARG D 104 -2.47 -20.80 -20.95
C ARG D 104 -2.25 -19.79 -22.08
N ARG D 105 -1.00 -19.69 -22.56
CA ARG D 105 -0.68 -18.76 -23.63
C ARG D 105 -1.28 -19.19 -24.97
N SER D 106 -1.85 -20.39 -24.99
CA SER D 106 -2.53 -20.89 -26.18
C SER D 106 -4.02 -21.12 -25.91
N GLY D 107 -4.50 -20.53 -24.83
CA GLY D 107 -5.92 -20.60 -24.48
C GLY D 107 -6.37 -21.99 -24.07
N LEU D 108 -5.46 -22.77 -23.51
CA LEU D 108 -5.78 -24.13 -23.08
C LEU D 108 -5.81 -24.24 -21.56
N PRO D 109 -6.60 -25.18 -21.03
CA PRO D 109 -6.70 -25.38 -19.57
C PRO D 109 -5.35 -25.74 -18.94
N ARG D 110 -5.01 -25.04 -17.86
CA ARG D 110 -3.76 -25.25 -17.16
C ARG D 110 -3.74 -26.61 -16.46
N PRO D 111 -2.58 -27.30 -16.52
CA PRO D 111 -2.39 -28.58 -15.83
C PRO D 111 -2.64 -28.47 -14.33
N SER D 112 -2.30 -27.33 -13.74
CA SER D 112 -2.51 -27.11 -12.31
C SER D 112 -3.91 -26.56 -12.04
N ASP D 113 -4.89 -27.09 -12.75
CA ASP D 113 -6.30 -26.79 -12.48
C ASP D 113 -7.03 -28.05 -12.07
N SER D 114 -6.52 -29.19 -12.53
CA SER D 114 -7.04 -30.50 -12.15
C SER D 114 -6.37 -30.96 -10.85
N ASN D 115 -7.13 -31.66 -10.02
CA ASN D 115 -6.65 -32.09 -8.71
C ASN D 115 -5.44 -33.01 -8.77
N ALA D 116 -5.39 -33.84 -9.81
CA ALA D 116 -4.36 -34.87 -9.96
C ALA D 116 -2.94 -34.31 -9.90
N VAL D 117 -2.77 -33.06 -10.32
CA VAL D 117 -1.47 -32.42 -10.32
C VAL D 117 -1.31 -31.48 -9.11
N SER D 118 -2.37 -30.70 -8.87
CA SER D 118 -2.39 -29.73 -7.79
C SER D 118 -2.11 -30.38 -6.44
N LEU D 119 -2.53 -31.63 -6.28
CA LEU D 119 -2.33 -32.33 -5.02
C LEU D 119 -0.95 -32.99 -4.94
N VAL D 120 -0.51 -33.59 -6.04
CA VAL D 120 0.78 -34.28 -6.05
C VAL D 120 1.92 -33.28 -5.88
N MET D 121 1.67 -32.04 -6.29
CA MET D 121 2.65 -30.98 -6.07
C MET D 121 2.84 -30.74 -4.57
N ARG D 122 1.73 -30.57 -3.87
CA ARG D 122 1.73 -30.37 -2.42
C ARG D 122 2.37 -31.55 -1.70
N ARG D 123 2.04 -32.76 -2.16
CA ARG D 123 2.59 -33.97 -1.56
C ARG D 123 4.10 -34.03 -1.75
N ILE D 124 4.56 -33.65 -2.93
CA ILE D 124 6.00 -33.60 -3.20
C ILE D 124 6.67 -32.59 -2.27
N ARG D 125 6.08 -31.41 -2.13
CA ARG D 125 6.62 -30.39 -1.24
C ARG D 125 6.74 -30.91 0.20
N LYS D 126 5.64 -31.41 0.74
CA LYS D 126 5.62 -31.92 2.12
C LYS D 126 6.62 -33.06 2.33
N GLU D 127 6.64 -34.01 1.41
CA GLU D 127 7.53 -35.16 1.50
C GLU D 127 9.00 -34.74 1.47
N ASN D 128 9.31 -33.76 0.62
CA ASN D 128 10.68 -33.27 0.54
C ASN D 128 11.09 -32.47 1.78
N VAL D 129 10.17 -31.67 2.29
CA VAL D 129 10.43 -30.89 3.51
C VAL D 129 10.65 -31.82 4.70
N ASP D 130 9.89 -32.91 4.75
CA ASP D 130 10.04 -33.91 5.80
C ASP D 130 11.44 -34.52 5.80
N ALA D 131 12.04 -34.61 4.62
CA ALA D 131 13.37 -35.17 4.48
C ALA D 131 14.45 -34.23 5.00
N GLY D 132 14.04 -33.02 5.37
CA GLY D 132 14.96 -32.02 5.90
C GLY D 132 15.51 -31.13 4.81
N GLU D 133 14.61 -30.61 3.98
CA GLU D 133 15.01 -29.77 2.85
C GLU D 133 14.66 -28.30 3.06
N ARG D 134 15.65 -27.43 2.92
CA ARG D 134 15.44 -26.00 3.01
C ARG D 134 16.01 -25.28 1.80
N THR D 135 15.49 -24.11 1.50
CA THR D 135 15.99 -23.32 0.38
C THR D 135 17.23 -22.53 0.79
N LYS D 136 18.31 -22.69 0.03
CA LYS D 136 19.59 -22.07 0.36
C LYS D 136 19.58 -20.57 0.06
N GLN D 137 20.40 -19.83 0.79
CA GLN D 137 20.54 -18.39 0.57
C GLN D 137 21.98 -18.03 0.25
N ALA D 138 22.19 -16.85 -0.29
CA ALA D 138 23.53 -16.38 -0.65
C ALA D 138 24.41 -16.17 0.58
N LEU D 139 25.72 -16.23 0.39
CA LEU D 139 26.68 -15.99 1.46
C LEU D 139 26.76 -14.49 1.74
N ALA D 140 26.68 -14.14 3.02
CA ALA D 140 26.61 -12.73 3.43
C ALA D 140 27.89 -11.95 3.08
N PHE D 141 27.69 -10.77 2.51
CA PHE D 141 28.80 -9.85 2.23
C PHE D 141 28.61 -8.61 3.09
N GLU D 142 28.82 -8.76 4.40
CA GLU D 142 28.55 -7.69 5.34
C GLU D 142 29.67 -6.64 5.34
N ARG D 143 29.44 -5.56 6.10
CA ARG D 143 30.33 -4.40 6.12
C ARG D 143 31.79 -4.74 6.42
N THR D 144 32.00 -5.59 7.42
CA THR D 144 33.35 -5.97 7.84
C THR D 144 34.13 -6.61 6.70
N ASP D 145 33.43 -7.34 5.84
CA ASP D 145 34.05 -7.96 4.67
C ASP D 145 34.44 -6.89 3.65
N PHE D 146 33.57 -5.89 3.47
CA PHE D 146 33.85 -4.77 2.58
C PHE D 146 35.12 -4.05 3.03
N ASP D 147 35.24 -3.82 4.34
CA ASP D 147 36.41 -3.16 4.90
C ASP D 147 37.66 -4.01 4.72
N GLN D 148 37.55 -5.29 5.08
CA GLN D 148 38.67 -6.23 4.99
C GLN D 148 39.20 -6.34 3.56
N VAL D 149 38.29 -6.31 2.59
CA VAL D 149 38.67 -6.31 1.18
C VAL D 149 39.31 -4.99 0.80
N ARG D 150 38.70 -3.90 1.27
CA ARG D 150 39.17 -2.55 0.97
C ARG D 150 40.61 -2.35 1.45
N SER D 151 40.99 -3.06 2.50
CA SER D 151 42.36 -2.99 3.00
C SER D 151 43.27 -4.00 2.29
N LEU D 152 43.14 -4.09 0.97
CA LEU D 152 43.95 -5.02 0.19
C LEU D 152 44.15 -4.55 -1.25
N MET D 153 43.10 -3.98 -1.83
CA MET D 153 43.13 -3.58 -3.23
C MET D 153 43.14 -2.06 -3.37
N GLU D 154 43.18 -1.36 -2.24
CA GLU D 154 43.18 0.09 -2.24
C GLU D 154 44.55 0.63 -2.64
N ASN D 155 45.60 -0.05 -2.18
CA ASN D 155 46.97 0.34 -2.52
C ASN D 155 47.32 -0.08 -3.95
N SER D 156 46.84 -1.25 -4.35
CA SER D 156 47.11 -1.78 -5.67
C SER D 156 46.44 -0.95 -6.76
N ASP D 157 47.25 -0.49 -7.72
CA ASP D 157 46.73 0.28 -8.83
C ASP D 157 46.75 -0.54 -10.12
N ARG D 158 46.21 -1.74 -10.04
CA ARG D 158 46.04 -2.59 -11.22
C ARG D 158 44.61 -2.42 -11.72
N CYS D 159 44.44 -2.42 -13.04
CA CYS D 159 43.15 -2.14 -13.66
C CYS D 159 42.09 -3.19 -13.32
N GLN D 160 42.53 -4.35 -12.84
CA GLN D 160 41.63 -5.39 -12.39
C GLN D 160 41.08 -5.06 -11.00
N ASP D 161 42.00 -4.74 -10.11
CA ASP D 161 41.67 -4.49 -8.70
C ASP D 161 40.79 -3.27 -8.50
N ILE D 162 41.09 -2.20 -9.22
CA ILE D 162 40.30 -0.97 -9.12
C ILE D 162 38.86 -1.23 -9.55
N ARG D 163 38.71 -1.90 -10.68
CA ARG D 163 37.39 -2.24 -11.21
C ARG D 163 36.61 -3.12 -10.24
N ASN D 164 37.24 -4.21 -9.81
CA ASN D 164 36.58 -5.16 -8.91
C ASN D 164 36.17 -4.53 -7.58
N LEU D 165 37.07 -3.74 -6.99
CA LEU D 165 36.79 -3.07 -5.73
C LEU D 165 35.67 -2.05 -5.89
N ALA D 166 35.73 -1.29 -6.97
CA ALA D 166 34.68 -0.31 -7.26
C ALA D 166 33.32 -1.00 -7.41
N PHE D 167 33.34 -2.16 -8.06
CA PHE D 167 32.13 -2.92 -8.30
C PHE D 167 31.55 -3.49 -7.00
N LEU D 168 32.42 -3.97 -6.12
CA LEU D 168 31.98 -4.46 -4.81
C LEU D 168 31.36 -3.31 -4.02
N GLY D 169 31.99 -2.14 -4.12
CA GLY D 169 31.48 -0.95 -3.48
C GLY D 169 30.09 -0.58 -3.96
N VAL D 170 29.92 -0.48 -5.27
CA VAL D 170 28.62 -0.17 -5.87
C VAL D 170 27.57 -1.21 -5.50
N ALA D 171 27.96 -2.48 -5.53
CA ALA D 171 27.06 -3.58 -5.21
C ALA D 171 26.57 -3.50 -3.77
N TYR D 172 27.47 -3.23 -2.83
CA TYR D 172 27.09 -3.16 -1.42
C TYR D 172 26.35 -1.87 -1.10
N ASN D 173 26.59 -0.83 -1.88
CA ASN D 173 25.99 0.47 -1.61
C ASN D 173 24.57 0.61 -2.16
N THR D 174 24.37 0.19 -3.41
CA THR D 174 23.09 0.41 -4.09
C THR D 174 22.14 -0.79 -4.01
N LEU D 175 22.65 -1.92 -3.52
CA LEU D 175 21.87 -3.16 -3.44
C LEU D 175 21.29 -3.60 -4.78
N LEU D 176 21.90 -3.16 -5.87
CA LEU D 176 21.43 -3.51 -7.21
C LEU D 176 21.83 -4.92 -7.56
N ARG D 177 21.05 -5.55 -8.45
CA ARG D 177 21.38 -6.85 -8.98
C ARG D 177 22.48 -6.69 -10.02
N ILE D 178 23.30 -7.72 -10.22
CA ILE D 178 24.46 -7.61 -11.09
C ILE D 178 24.09 -7.29 -12.54
N ALA D 179 22.96 -7.82 -12.99
CA ALA D 179 22.50 -7.55 -14.36
C ALA D 179 22.16 -6.08 -14.53
N GLU D 180 21.73 -5.44 -13.45
CA GLU D 180 21.38 -4.03 -13.48
C GLU D 180 22.64 -3.17 -13.47
N ILE D 181 23.67 -3.63 -12.76
CA ILE D 181 24.95 -2.93 -12.72
C ILE D 181 25.67 -3.09 -14.06
N ALA D 182 25.35 -4.16 -14.77
CA ALA D 182 25.94 -4.42 -16.07
C ALA D 182 25.43 -3.45 -17.14
N ARG D 183 24.24 -2.90 -16.91
CA ARG D 183 23.61 -2.01 -17.89
C ARG D 183 23.79 -0.54 -17.55
N ILE D 184 24.55 -0.25 -16.49
CA ILE D 184 24.80 1.13 -16.09
C ILE D 184 25.65 1.85 -17.14
N ARG D 185 25.02 2.70 -17.93
CA ARG D 185 25.73 3.51 -18.91
C ARG D 185 26.33 4.74 -18.23
N VAL D 186 27.31 5.36 -18.89
CA VAL D 186 27.99 6.52 -18.34
C VAL D 186 27.05 7.72 -18.26
N LYS D 187 26.11 7.81 -19.20
CA LYS D 187 25.17 8.92 -19.24
C LYS D 187 24.10 8.84 -18.15
N ASP D 188 24.28 7.93 -17.20
CA ASP D 188 23.32 7.76 -16.11
C ASP D 188 23.89 8.29 -14.79
N ILE D 189 25.20 8.40 -14.72
CA ILE D 189 25.88 8.91 -13.54
C ILE D 189 25.78 10.43 -13.46
N SER D 190 25.30 10.93 -12.32
CA SER D 190 25.28 12.36 -12.06
C SER D 190 25.83 12.65 -10.67
N ARG D 191 25.51 13.82 -10.13
CA ARG D 191 26.07 14.21 -8.84
C ARG D 191 25.11 15.03 -7.99
N THR D 192 25.05 14.70 -6.71
CA THR D 192 24.39 15.56 -5.72
C THR D 192 25.29 16.75 -5.48
N ASP D 193 24.75 17.82 -4.90
CA ASP D 193 25.52 19.03 -4.66
C ASP D 193 26.65 18.79 -3.65
N GLY D 194 26.59 17.66 -2.96
CA GLY D 194 27.60 17.32 -1.96
C GLY D 194 28.76 16.53 -2.54
N GLY D 195 28.68 16.19 -3.83
CA GLY D 195 29.74 15.47 -4.50
C GLY D 195 29.50 13.99 -4.63
N ARG D 196 28.39 13.52 -4.09
CA ARG D 196 28.03 12.10 -4.18
C ARG D 196 27.43 11.79 -5.55
N MET D 197 27.68 10.58 -6.03
CA MET D 197 27.20 10.19 -7.36
C MET D 197 25.78 9.66 -7.34
N LEU D 198 25.07 9.87 -8.44
CA LEU D 198 23.71 9.36 -8.59
C LEU D 198 23.60 8.43 -9.78
N ILE D 199 23.21 7.18 -9.53
CA ILE D 199 23.03 6.22 -10.59
C ILE D 199 21.54 6.06 -10.92
N HIS D 200 21.18 6.33 -12.17
CA HIS D 200 19.79 6.19 -12.61
C HIS D 200 19.55 4.83 -13.25
N ILE D 201 18.62 4.08 -12.68
CA ILE D 201 18.28 2.77 -13.21
C ILE D 201 16.86 2.77 -13.79
N GLY D 202 16.75 2.33 -15.04
CA GLY D 202 15.48 2.33 -15.74
C GLY D 202 14.71 1.03 -15.61
N ARG D 203 15.40 -0.09 -15.82
CA ARG D 203 14.75 -1.39 -15.77
C ARG D 203 15.38 -2.31 -14.73
N THR D 204 14.54 -2.78 -13.80
CA THR D 204 14.96 -3.78 -12.83
C THR D 204 14.15 -5.06 -13.02
N LYS D 205 14.21 -5.97 -12.04
CA LYS D 205 13.47 -7.21 -12.15
C LYS D 205 11.98 -7.00 -11.98
N THR D 206 11.61 -5.96 -11.23
CA THR D 206 10.21 -5.67 -10.95
C THR D 206 9.75 -4.41 -11.66
N LEU D 207 10.57 -3.36 -11.61
CA LEU D 207 10.21 -2.06 -12.17
C LEU D 207 10.73 -1.91 -13.59
N VAL D 208 9.82 -1.60 -14.51
CA VAL D 208 10.19 -1.32 -15.90
C VAL D 208 9.58 -0.01 -16.36
N SER D 209 10.16 1.11 -15.95
CA SER D 209 9.62 2.43 -16.25
C SER D 209 10.66 3.36 -16.86
N THR D 210 10.18 4.46 -17.43
CA THR D 210 11.07 5.47 -18.01
C THR D 210 11.49 6.49 -16.96
N ALA D 211 10.67 6.64 -15.92
CA ALA D 211 11.01 7.51 -14.80
C ALA D 211 12.16 6.91 -14.01
N GLY D 212 12.08 5.61 -13.76
CA GLY D 212 13.15 4.87 -13.11
C GLY D 212 13.44 5.30 -11.68
N VAL D 213 14.51 4.75 -11.12
CA VAL D 213 14.92 5.09 -9.76
C VAL D 213 16.32 5.70 -9.76
N GLU D 214 16.67 6.37 -8.67
CA GLU D 214 17.99 6.98 -8.54
C GLU D 214 18.67 6.54 -7.25
N LYS D 215 19.63 5.62 -7.37
CA LYS D 215 20.37 5.15 -6.22
C LYS D 215 21.60 6.03 -5.99
N ALA D 216 21.73 6.53 -4.77
CA ALA D 216 22.83 7.41 -4.41
C ALA D 216 24.00 6.63 -3.82
N LEU D 217 25.21 7.04 -4.15
CA LEU D 217 26.43 6.43 -3.61
C LEU D 217 26.98 7.26 -2.46
N SER D 218 27.85 6.66 -1.66
CA SER D 218 28.50 7.38 -0.58
C SER D 218 29.68 8.20 -1.11
N LEU D 219 30.62 8.51 -0.26
CA LEU D 219 31.80 9.26 -0.69
C LEU D 219 32.96 8.33 -1.03
N GLY D 220 33.21 7.35 -0.19
CA GLY D 220 34.27 6.38 -0.41
C GLY D 220 34.08 5.61 -1.69
N VAL D 221 32.86 5.13 -1.91
CA VAL D 221 32.51 4.41 -3.13
C VAL D 221 32.64 5.33 -4.34
N THR D 222 32.31 6.61 -4.13
CA THR D 222 32.46 7.61 -5.18
C THR D 222 33.92 7.76 -5.59
N LYS D 223 34.83 7.69 -4.63
CA LYS D 223 36.25 7.78 -4.93
C LYS D 223 36.70 6.50 -5.64
N LEU D 224 36.19 5.37 -5.17
CA LEU D 224 36.55 4.08 -5.75
C LEU D 224 36.09 3.94 -7.20
N VAL D 225 35.00 4.61 -7.56
CA VAL D 225 34.50 4.54 -8.92
C VAL D 225 35.10 5.66 -9.79
N GLU D 226 35.41 6.79 -9.17
CA GLU D 226 36.13 7.86 -9.87
C GLU D 226 37.49 7.35 -10.33
N ARG D 227 38.15 6.60 -9.45
CA ARG D 227 39.47 6.08 -9.71
C ARG D 227 39.47 5.01 -10.80
N TRP D 228 38.28 4.47 -11.09
CA TRP D 228 38.14 3.49 -12.16
C TRP D 228 37.76 4.18 -13.48
N ILE D 229 36.89 5.17 -13.39
CA ILE D 229 36.47 5.93 -14.57
C ILE D 229 37.63 6.71 -15.17
N SER D 230 38.49 7.27 -14.31
CA SER D 230 39.63 8.03 -14.77
C SER D 230 40.65 7.16 -15.51
N VAL D 231 40.87 5.96 -15.01
CA VAL D 231 41.90 5.08 -15.55
C VAL D 231 41.43 4.28 -16.76
N SER D 232 40.26 3.64 -16.64
CA SER D 232 39.75 2.75 -17.67
C SER D 232 39.49 3.45 -19.00
N GLY D 233 39.18 4.74 -18.94
CA GLY D 233 38.90 5.50 -20.15
C GLY D 233 37.49 5.26 -20.66
N VAL D 234 36.53 5.18 -19.74
CA VAL D 234 35.14 5.02 -20.11
C VAL D 234 34.45 6.39 -20.20
N ALA D 235 35.20 7.43 -19.88
CA ALA D 235 34.66 8.79 -19.87
C ALA D 235 34.56 9.37 -21.27
N ASP D 236 35.15 8.69 -22.24
CA ASP D 236 35.13 9.14 -23.63
C ASP D 236 33.72 9.31 -24.17
N ASP D 237 33.05 8.18 -24.40
CA ASP D 237 31.69 8.17 -24.90
C ASP D 237 30.70 8.09 -23.75
N PRO D 238 29.77 9.05 -23.65
CA PRO D 238 28.75 9.02 -22.59
C PRO D 238 27.82 7.81 -22.69
N ASN D 239 27.82 7.15 -23.85
CA ASN D 239 26.99 5.96 -24.04
C ASN D 239 27.75 4.67 -23.69
N ASN D 240 29.00 4.83 -23.27
CA ASN D 240 29.82 3.70 -22.84
C ASN D 240 29.20 3.00 -21.63
N TYR D 241 29.36 1.69 -21.56
CA TYR D 241 29.00 0.96 -20.35
C TYR D 241 30.03 1.27 -19.27
N LEU D 242 29.57 1.39 -18.03
CA LEU D 242 30.45 1.71 -16.92
C LEU D 242 31.49 0.62 -16.74
N PHE D 243 31.09 -0.48 -16.14
CA PHE D 243 31.99 -1.61 -15.94
C PHE D 243 32.16 -2.39 -17.23
N CYS D 244 33.41 -2.72 -17.55
CA CYS D 244 33.73 -3.42 -18.78
C CYS D 244 34.80 -4.47 -18.54
N ARG D 245 35.04 -5.31 -19.54
CA ARG D 245 36.04 -6.36 -19.41
C ARG D 245 37.45 -5.77 -19.44
N VAL D 246 38.33 -6.33 -18.62
CA VAL D 246 39.73 -5.92 -18.59
C VAL D 246 40.61 -7.12 -18.95
N ARG D 247 41.32 -7.01 -20.07
CA ARG D 247 42.06 -8.15 -20.61
C ARG D 247 43.31 -8.49 -19.79
N ARG D 248 44.14 -9.35 -20.35
CA ARG D 248 45.19 -10.03 -19.60
C ARG D 248 46.17 -9.13 -18.86
N TYR D 249 46.90 -8.30 -19.59
CA TYR D 249 48.01 -7.55 -19.00
C TYR D 249 47.59 -6.23 -18.37
N GLY D 250 46.27 -6.02 -18.26
CA GLY D 250 45.75 -4.84 -17.59
C GLY D 250 45.19 -3.80 -18.53
N VAL D 251 44.89 -4.21 -19.76
CA VAL D 251 44.32 -3.30 -20.74
C VAL D 251 42.79 -3.40 -20.77
N ALA D 252 42.14 -2.28 -20.47
CA ALA D 252 40.68 -2.22 -20.47
C ALA D 252 40.13 -2.16 -21.89
N ALA D 253 38.83 -2.42 -22.03
CA ALA D 253 38.19 -2.37 -23.33
C ALA D 253 36.76 -1.84 -23.22
N PRO D 254 36.62 -0.52 -23.07
CA PRO D 254 35.31 0.13 -22.95
C PRO D 254 34.46 -0.03 -24.21
N SER D 255 33.23 -0.51 -24.05
CA SER D 255 32.32 -0.67 -25.17
C SER D 255 30.95 -0.07 -24.85
N ALA D 256 30.32 0.51 -25.87
CA ALA D 256 29.00 1.11 -25.69
C ALA D 256 27.93 0.22 -26.30
N THR D 257 28.35 -0.92 -26.83
CA THR D 257 27.44 -1.88 -27.44
C THR D 257 27.52 -3.25 -26.77
N SER D 258 28.71 -3.59 -26.30
CA SER D 258 28.94 -4.87 -25.66
C SER D 258 28.80 -4.77 -24.14
N GLN D 259 27.73 -5.36 -23.62
CA GLN D 259 27.46 -5.36 -22.19
C GLN D 259 28.33 -6.37 -21.47
N LEU D 260 28.86 -5.97 -20.31
CA LEU D 260 29.66 -6.88 -19.50
C LEU D 260 28.79 -7.98 -18.90
N SER D 261 29.08 -9.22 -19.26
CA SER D 261 28.27 -10.36 -18.83
C SER D 261 28.25 -10.51 -17.32
N THR D 262 27.14 -11.02 -16.80
CA THR D 262 26.94 -11.17 -15.37
C THR D 262 27.81 -12.29 -14.78
N TYR D 263 28.19 -13.24 -15.63
CA TYR D 263 29.02 -14.35 -15.20
C TYR D 263 30.36 -13.84 -14.69
N ALA D 264 30.90 -12.84 -15.38
CA ALA D 264 32.13 -12.19 -14.95
C ALA D 264 31.92 -11.50 -13.61
N LEU D 265 30.72 -10.93 -13.42
CA LEU D 265 30.38 -10.23 -12.20
C LEU D 265 30.26 -11.20 -11.02
N GLN D 266 29.94 -12.45 -11.32
CA GLN D 266 29.95 -13.51 -10.31
C GLN D 266 31.39 -13.93 -10.03
N ARG D 267 32.19 -14.04 -11.09
CA ARG D 267 33.58 -14.45 -10.98
C ARG D 267 34.42 -13.44 -10.22
N ILE D 268 33.96 -12.18 -10.18
CA ILE D 268 34.64 -11.16 -9.40
C ILE D 268 34.47 -11.43 -7.91
N PHE D 269 33.22 -11.62 -7.50
CA PHE D 269 32.90 -12.00 -6.12
C PHE D 269 33.69 -13.24 -5.71
N GLU D 270 33.61 -14.28 -6.54
CA GLU D 270 34.31 -15.52 -6.27
C GLU D 270 35.82 -15.31 -6.15
N ALA D 271 36.37 -14.46 -7.01
CA ALA D 271 37.80 -14.18 -7.01
C ALA D 271 38.22 -13.48 -5.72
N THR D 272 37.38 -12.57 -5.25
CA THR D 272 37.66 -11.85 -4.00
C THR D 272 37.62 -12.80 -2.81
N HIS D 273 36.53 -13.57 -2.72
CA HIS D 273 36.36 -14.53 -1.64
C HIS D 273 37.49 -15.55 -1.60
N ARG D 274 37.90 -16.01 -2.78
CA ARG D 274 39.03 -16.93 -2.89
C ARG D 274 40.32 -16.25 -2.45
N LEU D 275 40.47 -14.99 -2.84
CA LEU D 275 41.63 -14.19 -2.47
C LEU D 275 41.80 -14.14 -0.96
N ILE D 276 40.69 -13.93 -0.25
CA ILE D 276 40.78 -13.83 1.21
C ILE D 276 40.84 -15.19 1.91
N TYR D 277 39.84 -16.03 1.69
CA TYR D 277 39.69 -17.25 2.48
C TYR D 277 40.32 -18.49 1.84
N GLY D 278 40.63 -18.42 0.55
CA GLY D 278 41.23 -19.55 -0.14
C GLY D 278 40.27 -20.23 -1.10
N ALA D 279 40.72 -21.33 -1.70
CA ALA D 279 39.92 -22.07 -2.66
C ALA D 279 38.82 -22.87 -1.97
N LYS D 280 37.70 -23.08 -2.67
CA LYS D 280 36.58 -23.83 -2.12
C LYS D 280 36.74 -25.33 -2.42
N ASP D 281 36.07 -26.16 -1.61
CA ASP D 281 36.30 -27.60 -1.66
C ASP D 281 35.51 -28.31 -2.76
N ASP D 282 35.46 -29.64 -2.68
CA ASP D 282 34.93 -30.46 -3.76
C ASP D 282 33.54 -31.02 -3.51
N SER D 283 32.85 -30.49 -2.50
CA SER D 283 31.50 -30.96 -2.19
C SER D 283 30.52 -30.61 -3.30
N GLY D 284 30.85 -29.56 -4.06
CA GLY D 284 30.01 -29.12 -5.15
C GLY D 284 28.67 -28.56 -4.66
N GLN D 285 28.74 -27.72 -3.64
CA GLN D 285 27.54 -27.14 -3.05
C GLN D 285 27.41 -25.66 -3.39
N ARG D 286 26.18 -25.19 -3.51
CA ARG D 286 25.91 -23.81 -3.87
C ARG D 286 26.19 -22.84 -2.72
N TYR D 287 26.49 -21.60 -3.08
CA TYR D 287 26.71 -20.52 -2.12
C TYR D 287 27.81 -20.84 -1.10
N LEU D 288 28.84 -21.55 -1.53
CA LEU D 288 29.97 -21.84 -0.66
C LEU D 288 30.96 -20.67 -0.72
N ALA D 289 30.86 -19.89 -1.78
CA ALA D 289 31.65 -18.67 -1.93
C ALA D 289 30.72 -17.50 -2.26
N TRP D 290 31.25 -16.29 -2.23
CA TRP D 290 30.46 -15.10 -2.51
C TRP D 290 29.88 -15.13 -3.92
N SER D 291 28.66 -14.61 -4.05
CA SER D 291 27.97 -14.58 -5.34
C SER D 291 27.38 -13.21 -5.61
N GLY D 292 26.62 -13.10 -6.70
CA GLY D 292 26.04 -11.84 -7.12
C GLY D 292 24.95 -11.34 -6.19
N HIS D 293 24.45 -12.23 -5.34
CA HIS D 293 23.35 -11.89 -4.43
C HIS D 293 23.88 -11.58 -3.04
N SER D 294 25.20 -11.62 -2.87
CA SER D 294 25.83 -11.45 -1.57
C SER D 294 25.65 -10.04 -1.01
N ALA D 295 25.87 -9.03 -1.85
CA ALA D 295 25.81 -7.64 -1.41
C ALA D 295 24.41 -7.25 -0.95
N ARG D 296 23.39 -7.79 -1.61
CA ARG D 296 22.01 -7.48 -1.28
C ARG D 296 21.66 -7.94 0.13
N VAL D 297 21.86 -9.23 0.39
CA VAL D 297 21.55 -9.80 1.69
C VAL D 297 22.49 -9.24 2.77
N GLY D 298 23.71 -8.88 2.37
CA GLY D 298 24.67 -8.32 3.30
C GLY D 298 24.21 -6.96 3.81
N ALA D 299 23.87 -6.09 2.86
CA ALA D 299 23.38 -4.76 3.20
C ALA D 299 22.06 -4.85 3.96
N ALA D 300 21.19 -5.78 3.56
CA ALA D 300 19.92 -5.98 4.24
C ALA D 300 20.11 -6.36 5.70
N ARG D 301 21.01 -7.33 5.93
CA ARG D 301 21.32 -7.78 7.28
C ARG D 301 21.96 -6.67 8.11
N ASP D 302 22.88 -5.94 7.51
CA ASP D 302 23.58 -4.86 8.22
C ASP D 302 22.63 -3.72 8.58
N MET D 303 21.68 -3.43 7.71
CA MET D 303 20.70 -2.39 7.97
C MET D 303 19.69 -2.84 9.03
N ALA D 304 19.31 -4.10 8.96
CA ALA D 304 18.40 -4.67 9.95
C ALA D 304 19.04 -4.68 11.32
N ARG D 305 20.36 -4.86 11.35
CA ARG D 305 21.10 -4.93 12.61
C ARG D 305 21.38 -3.55 13.18
N ALA D 306 21.23 -2.52 12.35
CA ALA D 306 21.56 -1.16 12.76
C ALA D 306 20.33 -0.29 13.01
N GLY D 307 19.22 -0.95 13.36
CA GLY D 307 18.02 -0.24 13.76
C GLY D 307 17.31 0.55 12.67
N VAL D 308 17.69 0.33 11.42
CA VAL D 308 17.06 1.01 10.30
C VAL D 308 15.61 0.55 10.14
N SER D 309 14.69 1.50 10.06
CA SER D 309 13.26 1.20 10.00
C SER D 309 12.86 0.51 8.70
N ILE D 310 11.61 0.07 8.64
CA ILE D 310 11.08 -0.66 7.50
C ILE D 310 11.07 0.13 6.17
N PRO D 311 10.48 1.35 6.16
CA PRO D 311 10.38 2.02 4.86
C PRO D 311 11.73 2.35 4.23
N GLU D 312 12.72 2.62 5.09
CA GLU D 312 14.06 2.96 4.61
C GLU D 312 14.74 1.75 3.99
N ILE D 313 14.56 0.59 4.60
CA ILE D 313 15.11 -0.65 4.06
C ILE D 313 14.40 -1.02 2.75
N MET D 314 13.10 -0.75 2.70
CA MET D 314 12.32 -1.02 1.49
C MET D 314 12.72 -0.09 0.35
N GLN D 315 13.12 1.13 0.70
CA GLN D 315 13.53 2.11 -0.30
C GLN D 315 14.95 1.84 -0.81
N ALA D 316 15.84 1.46 0.10
CA ALA D 316 17.23 1.21 -0.24
C ALA D 316 17.40 0.00 -1.14
N GLY D 317 16.45 -0.92 -1.09
CA GLY D 317 16.53 -2.15 -1.88
C GLY D 317 15.54 -2.18 -3.03
N GLY D 318 14.68 -1.16 -3.10
CA GLY D 318 13.69 -1.08 -4.16
C GLY D 318 12.55 -2.06 -3.96
N TRP D 319 12.27 -2.41 -2.72
CA TRP D 319 11.20 -3.36 -2.41
C TRP D 319 9.85 -2.66 -2.24
N THR D 320 8.79 -3.30 -2.72
CA THR D 320 7.44 -2.80 -2.55
C THR D 320 6.68 -3.61 -1.51
N THR D 321 7.31 -4.68 -1.03
CA THR D 321 6.72 -5.54 -0.01
C THR D 321 7.66 -5.72 1.19
N VAL D 322 7.12 -6.19 2.30
CA VAL D 322 7.90 -6.38 3.51
C VAL D 322 8.35 -7.84 3.65
N ASN D 323 7.53 -8.74 3.14
CA ASN D 323 7.81 -10.17 3.15
C ASN D 323 9.15 -10.47 2.48
N SER D 324 9.49 -9.67 1.48
CA SER D 324 10.76 -9.80 0.78
C SER D 324 11.92 -9.44 1.71
N VAL D 325 11.79 -8.30 2.38
CA VAL D 325 12.78 -7.84 3.35
C VAL D 325 13.03 -8.91 4.40
N MET D 326 11.95 -9.49 4.91
CA MET D 326 12.05 -10.55 5.89
C MET D 326 12.77 -11.77 5.33
N ASN D 327 12.37 -12.17 4.11
CA ASN D 327 12.98 -13.29 3.42
C ASN D 327 14.47 -13.06 3.18
N PHE D 328 14.88 -11.80 3.19
CA PHE D 328 16.28 -11.45 3.04
C PHE D 328 17.04 -11.54 4.38
N ILE D 329 16.51 -10.87 5.40
CA ILE D 329 17.21 -10.80 6.68
C ILE D 329 16.89 -11.95 7.62
N ARG D 330 16.30 -13.02 7.08
CA ARG D 330 15.84 -14.15 7.89
C ARG D 330 16.95 -14.89 8.63
N ASN D 331 18.16 -14.90 8.07
CA ASN D 331 19.26 -15.68 8.63
C ASN D 331 20.32 -14.85 9.35
N LEU D 332 19.89 -13.90 10.16
CA LEU D 332 20.81 -13.13 11.00
C LEU D 332 21.40 -14.04 12.07
N ASP D 333 22.66 -13.79 12.43
CA ASP D 333 23.33 -14.58 13.47
C ASP D 333 22.64 -14.36 14.81
N SER D 334 21.98 -15.40 15.31
CA SER D 334 21.11 -15.28 16.48
C SER D 334 21.87 -15.19 17.80
N GLU D 335 23.16 -15.51 17.80
CA GLU D 335 23.95 -15.49 19.03
C GLU D 335 24.12 -14.05 19.52
N THR D 336 24.24 -13.12 18.58
CA THR D 336 24.31 -11.70 18.92
C THR D 336 22.98 -11.04 18.58
N GLY D 337 21.90 -11.79 18.73
CA GLY D 337 20.57 -11.30 18.44
C GLY D 337 20.05 -10.38 19.52
N ALA D 338 18.87 -9.80 19.28
CA ALA D 338 18.28 -8.84 20.21
C ALA D 338 17.83 -9.51 21.51
N MET D 339 17.42 -10.77 21.41
CA MET D 339 16.96 -11.52 22.59
C MET D 339 18.10 -11.85 23.54
N VAL D 340 19.17 -12.40 22.98
CA VAL D 340 20.36 -12.76 23.77
C VAL D 340 20.95 -11.50 24.40
N ARG D 341 20.93 -10.40 23.66
CA ARG D 341 21.38 -9.11 24.18
C ARG D 341 20.46 -8.61 25.30
N LEU D 342 19.17 -8.90 25.17
CA LEU D 342 18.18 -8.42 26.13
C LEU D 342 18.25 -9.19 27.43
N LEU D 343 18.61 -10.46 27.35
CA LEU D 343 18.73 -11.28 28.56
C LEU D 343 20.08 -11.09 29.25
N GLU D 344 20.69 -9.93 29.00
CA GLU D 344 21.93 -9.55 29.65
C GLU D 344 21.70 -9.30 31.14
N ASP D 345 20.73 -8.43 31.43
CA ASP D 345 20.42 -7.97 32.78
C ASP D 345 20.26 -9.13 33.77
#